data_6URM
#
_entry.id   6URM
#
_cell.length_a   42.408
_cell.length_b   260.836
_cell.length_c   66.453
_cell.angle_alpha   90.000
_cell.angle_beta   96.930
_cell.angle_gamma   90.000
#
_symmetry.space_group_name_H-M   'P 1 21 1'
#
loop_
_entity.id
_entity.type
_entity.pdbx_description
1 polymer Hemagglutinin
2 polymer 'The heavy chain of antibody LPAF-a.01'
3 polymer 'The light chain of antibody LPAF-a.01'
4 branched 2-acetamido-2-deoxy-beta-D-glucopyranose-(1-4)-2-acetamido-2-deoxy-beta-D-glucopyranose
5 branched alpha-D-mannopyranose-(1-4)-2-acetamido-2-deoxy-beta-D-glucopyranose-(1-4)-2-acetamido-2-deoxy-beta-D-glucopyranose
6 non-polymer 2-acetamido-2-deoxy-beta-D-glucopyranose
7 non-polymer 'SULFATE ION'
8 non-polymer GLYCEROL
9 water water
#
loop_
_entity_poly.entity_id
_entity_poly.type
_entity_poly.pdbx_seq_one_letter_code
_entity_poly.pdbx_strand_id
1 'polypeptide(L)'
;DTLCIGYHANNSTDTVDTVLEKNVTVTHSVNLLEDKHNGKLCKLRGVAPLHLGKCNIAGWILGNPECESLSTASSWSYIV
ETPSSDNGTCYPGDFIDYEELREQLSSVSSFERFEIFPKTSSWPNHDSNKGVTAACPHAGAKSFYKNLIWLVKKGNSYPK
LSKSYINDKGKEVLVLWGIHHPSTSADQQSLYQNADTYVFVGSSRYSKKFKPEIAIRPKVRDQEGRMNYYWTLVEPGDKI
TFEATGNLVVPRYAFAMERNAGSGIIISDTPVHDCNTTCQTPKGAINTSLPFQNIHPITIGKCPKYVKSTKLRLATGLRN
IPSIQSRGLFGAIAGFIEGGWTGMVDGWYGYHHQNEQGSGYAADLKSTQNAIDEITNKVNSVIEKMNTQFTAVGKEFNHL
EKRIENLNKKVDDGFLDIWTYNAELLVLLENERTLDYHDSNVKNLYEKVRSQLKNNAKEIGNGCFEFYHKCDNTCMESVK
NGTYDYPKYSEEAKLNREEIDGVSG
;
F,C
2 'polypeptide(L)'
;QVTLRESGPALVKPTQTLTLTCTFSGFSLSTSGMCLTWIRRPPGKALEWLALIDWDDNKYYNTSLRTRLTISKDTSKNQV
VLKVTDMDPVDTGTYYCARMLYGDLGGRFDPWGQGTLVTVSSASTKGPSVFPLAPSSKSTSGGTAALGCLVKDYFPEPVT
VSWNSGALTSGVHTFPAVLQSSGLYSLSSVVTVPSSSLGTQTYICNVNHKPSNTKVDKKVEPKSCDK
;
H,D
3 'polypeptide(L)'
;SYELTQPLSVSVALGQTARITCGGNNIGIKNVHWYQQRPGQAPVLVIYTDINRPSGIPERFSGSNSGNTATLIISKAQAG
DEADYFCQVWDSNTVVFGGGTKLTVLSQPKAAPSVTLFPPSSEELQANKATLVCLISDFYPGAVTVAWKADSSPVKAGVE
TTTPSKQSNNKYAASSYLSLTPEQWKSHKSYSCQVTHEGSTVEKTVAPTEC
;
L,E
#
# COMPACT_ATOMS: atom_id res chain seq x y z
N ALA A 48 28.55 -18.87 22.93
CA ALA A 48 28.31 -18.31 21.60
C ALA A 48 26.88 -17.78 21.47
N PRO A 49 26.68 -16.80 20.61
CA PRO A 49 25.34 -16.23 20.44
C PRO A 49 24.70 -16.53 19.09
N LEU A 50 23.59 -17.30 19.13
CA LEU A 50 22.68 -17.51 18.01
C LEU A 50 23.30 -18.24 16.83
N HIS A 51 23.53 -17.51 15.72
CA HIS A 51 23.93 -18.03 14.40
C HIS A 51 22.73 -18.61 13.64
N LEU A 52 22.65 -18.30 12.35
CA LEU A 52 21.54 -18.74 11.51
C LEU A 52 22.06 -19.49 10.28
N GLY A 53 22.93 -18.84 9.52
CA GLY A 53 23.54 -19.48 8.36
C GLY A 53 22.90 -19.12 7.04
N LYS A 54 22.12 -20.05 6.48
CA LYS A 54 21.55 -19.84 5.15
C LYS A 54 20.45 -18.79 5.13
N CYS A 55 19.84 -18.50 6.28
CA CYS A 55 18.74 -17.54 6.35
C CYS A 55 19.17 -16.26 7.05
N ASN A 56 18.36 -15.23 6.87
CA ASN A 56 18.53 -13.96 7.53
C ASN A 56 17.63 -13.91 8.76
N ILE A 57 17.59 -12.74 9.42
CA ILE A 57 16.73 -12.58 10.59
C ILE A 57 15.26 -12.66 10.17
N ALA A 58 14.92 -12.09 9.01
CA ALA A 58 13.54 -12.07 8.56
C ALA A 58 13.01 -13.49 8.35
N GLY A 59 13.76 -14.32 7.63
CA GLY A 59 13.35 -15.70 7.42
C GLY A 59 13.31 -16.50 8.70
N TRP A 60 14.15 -16.13 9.68
CA TRP A 60 14.16 -16.84 10.95
C TRP A 60 12.98 -16.45 11.84
N ILE A 61 12.72 -15.14 11.96
CA ILE A 61 11.64 -14.69 12.83
C ILE A 61 10.29 -15.08 12.25
N LEU A 62 10.15 -15.05 10.92
CA LEU A 62 8.87 -15.39 10.31
C LEU A 62 8.65 -16.90 10.24
N GLY A 63 9.72 -17.66 10.08
CA GLY A 63 9.59 -19.10 9.96
C GLY A 63 9.65 -19.57 8.52
N ASN A 64 10.55 -18.96 7.75
CA ASN A 64 10.80 -19.39 6.38
C ASN A 64 11.11 -20.89 6.36
N PRO A 65 10.29 -21.70 5.69
CA PRO A 65 10.39 -23.16 5.85
C PRO A 65 11.72 -23.75 5.41
N GLU A 66 12.62 -22.94 4.86
CA GLU A 66 13.93 -23.43 4.50
C GLU A 66 14.94 -23.31 5.63
N CYS A 67 14.73 -22.38 6.56
CA CYS A 67 15.50 -22.34 7.78
C CYS A 67 14.75 -23.07 8.89
N GLU A 68 15.49 -23.81 9.70
CA GLU A 68 14.90 -24.44 10.87
C GLU A 68 14.41 -23.38 11.84
N SER A 69 13.19 -23.56 12.32
CA SER A 69 12.58 -22.62 13.25
C SER A 69 12.84 -22.98 14.72
N LEU A 70 13.39 -24.15 15.00
CA LEU A 70 13.41 -24.70 16.35
C LEU A 70 14.80 -24.73 16.98
N SER A 71 15.85 -24.32 16.26
CA SER A 71 17.19 -24.25 16.86
C SER A 71 17.33 -22.90 17.58
N THR A 72 16.54 -22.76 18.63
CA THR A 72 16.41 -21.50 19.38
C THR A 72 17.13 -21.65 20.71
N ALA A 73 18.30 -21.02 20.82
CA ALA A 73 18.95 -20.91 22.11
C ALA A 73 18.23 -19.88 22.96
N SER A 74 18.17 -20.13 24.27
CA SER A 74 17.38 -19.28 25.17
C SER A 74 17.95 -17.87 25.30
N SER A 75 19.19 -17.64 24.91
CA SER A 75 19.81 -16.33 25.10
C SER A 75 20.97 -16.16 24.12
N TRP A 76 21.25 -14.89 23.80
CA TRP A 76 22.36 -14.55 22.93
C TRP A 76 22.68 -13.07 23.12
N SER A 77 23.94 -12.72 22.83
CA SER A 77 24.41 -11.35 22.97
C SER A 77 24.39 -10.59 21.64
N TYR A 78 24.80 -11.23 20.55
CA TYR A 78 24.69 -10.62 19.22
C TYR A 78 24.20 -11.69 18.24
N ILE A 79 24.02 -11.28 16.99
CA ILE A 79 23.47 -12.15 15.96
C ILE A 79 24.40 -12.15 14.76
N VAL A 80 24.59 -13.32 14.15
CA VAL A 80 25.33 -13.46 12.91
C VAL A 80 24.42 -14.11 11.88
N GLU A 81 24.51 -13.64 10.64
CA GLU A 81 23.58 -14.02 9.60
C GLU A 81 24.10 -13.49 8.27
N THR A 82 23.35 -13.78 7.20
CA THR A 82 23.54 -13.12 5.93
C THR A 82 22.40 -12.12 5.77
N PRO A 83 22.64 -10.80 5.90
CA PRO A 83 21.53 -9.84 5.95
C PRO A 83 20.59 -9.93 4.77
N SER A 84 21.08 -9.58 3.57
CA SER A 84 20.32 -9.81 2.35
C SER A 84 20.51 -11.27 1.96
N SER A 85 19.49 -12.08 2.22
CA SER A 85 19.60 -13.53 2.12
C SER A 85 18.69 -14.08 1.02
N ASP A 86 19.06 -15.27 0.54
CA ASP A 86 18.23 -15.98 -0.43
C ASP A 86 16.90 -16.38 0.18
N ASN A 87 16.92 -16.97 1.37
CA ASN A 87 15.72 -17.42 2.06
C ASN A 87 15.42 -16.43 3.18
N GLY A 88 14.43 -15.57 2.96
CA GLY A 88 14.00 -14.61 3.95
C GLY A 88 12.49 -14.44 3.96
N THR A 89 12.01 -13.38 3.32
CA THR A 89 10.58 -13.20 3.07
C THR A 89 10.29 -13.86 1.72
N CYS A 90 9.78 -15.08 1.76
CA CYS A 90 9.61 -15.84 0.52
C CYS A 90 8.48 -15.27 -0.32
N TYR A 91 7.36 -14.93 0.29
CA TYR A 91 6.32 -14.23 -0.48
C TYR A 91 6.74 -12.78 -0.65
N PRO A 92 6.64 -12.21 -1.85
CA PRO A 92 7.19 -10.86 -2.09
C PRO A 92 6.49 -9.81 -1.25
N GLY A 93 7.26 -8.80 -0.87
CA GLY A 93 6.73 -7.71 -0.07
C GLY A 93 7.86 -6.98 0.64
N ASP A 94 7.45 -6.06 1.51
CA ASP A 94 8.37 -5.25 2.29
C ASP A 94 8.16 -5.49 3.78
N PHE A 95 9.26 -5.67 4.50
CA PHE A 95 9.22 -5.84 5.95
C PHE A 95 9.35 -4.46 6.59
N ILE A 96 8.29 -4.01 7.25
CA ILE A 96 8.24 -2.65 7.79
C ILE A 96 8.91 -2.61 9.15
N ASP A 97 9.68 -1.53 9.40
CA ASP A 97 10.45 -1.38 10.63
C ASP A 97 11.43 -2.54 10.83
N TYR A 98 11.95 -3.06 9.71
CA TYR A 98 12.81 -4.25 9.78
C TYR A 98 14.13 -3.94 10.46
N GLU A 99 14.71 -2.76 10.22
CA GLU A 99 15.99 -2.43 10.82
C GLU A 99 15.86 -2.23 12.32
N GLU A 100 14.73 -1.72 12.79
CA GLU A 100 14.51 -1.59 14.23
C GLU A 100 14.35 -2.96 14.88
N LEU A 101 13.63 -3.86 14.23
CA LEU A 101 13.41 -5.20 14.77
C LEU A 101 14.73 -5.95 14.94
N ARG A 102 15.68 -5.74 14.03
CA ARG A 102 16.98 -6.39 14.16
C ARG A 102 17.69 -5.98 15.45
N GLU A 103 17.63 -4.68 15.79
CA GLU A 103 18.29 -4.22 17.00
C GLU A 103 17.60 -4.76 18.24
N GLN A 104 16.26 -4.78 18.24
CA GLN A 104 15.54 -5.33 19.39
C GLN A 104 15.85 -6.81 19.58
N LEU A 105 16.21 -7.51 18.50
CA LEU A 105 16.54 -8.93 18.56
C LEU A 105 18.05 -9.17 18.59
N SER A 106 18.85 -8.12 18.72
CA SER A 106 20.31 -8.28 18.67
C SER A 106 20.83 -8.90 19.97
N SER A 107 20.37 -8.40 21.12
CA SER A 107 20.81 -8.90 22.42
C SER A 107 19.58 -9.27 23.24
N VAL A 108 19.48 -10.55 23.62
CA VAL A 108 18.30 -11.07 24.30
C VAL A 108 18.76 -11.98 25.44
N SER A 109 18.10 -11.84 26.60
CA SER A 109 18.43 -12.64 27.76
C SER A 109 17.55 -13.88 27.88
N SER A 110 16.26 -13.74 27.54
CA SER A 110 15.34 -14.87 27.54
C SER A 110 14.48 -14.79 26.29
N PHE A 111 14.34 -15.91 25.59
CA PHE A 111 13.64 -15.94 24.31
C PHE A 111 12.87 -17.25 24.20
N GLU A 112 11.54 -17.16 24.19
CA GLU A 112 10.67 -18.33 24.10
C GLU A 112 9.59 -18.06 23.06
N ARG A 113 9.39 -19.02 22.15
CA ARG A 113 8.30 -18.97 21.19
C ARG A 113 7.13 -19.80 21.70
N PHE A 114 5.92 -19.34 21.39
CA PHE A 114 4.72 -20.00 21.87
C PHE A 114 3.59 -19.73 20.89
N GLU A 115 2.71 -20.71 20.75
CA GLU A 115 1.55 -20.59 19.86
C GLU A 115 0.55 -19.63 20.48
N ILE A 116 0.59 -18.37 20.05
CA ILE A 116 -0.30 -17.36 20.62
C ILE A 116 -1.73 -17.59 20.15
N PHE A 117 -1.91 -17.94 18.88
CA PHE A 117 -3.22 -18.25 18.32
C PHE A 117 -3.18 -19.67 17.75
N PRO A 118 -3.63 -20.66 18.51
CA PRO A 118 -3.62 -22.04 18.00
C PRO A 118 -4.34 -22.17 16.67
N LYS A 119 -3.67 -22.81 15.72
CA LYS A 119 -4.17 -22.90 14.36
C LYS A 119 -5.52 -23.60 14.30
N THR A 120 -5.73 -24.61 15.13
CA THR A 120 -6.92 -25.43 15.02
C THR A 120 -8.14 -24.80 15.70
N SER A 121 -7.94 -24.00 16.75
CA SER A 121 -9.05 -23.54 17.56
C SER A 121 -9.31 -22.04 17.48
N SER A 122 -8.34 -21.24 17.08
CA SER A 122 -8.50 -19.79 17.11
C SER A 122 -9.35 -19.26 15.97
N TRP A 123 -9.48 -19.99 14.87
CA TRP A 123 -10.17 -19.52 13.67
C TRP A 123 -11.20 -20.54 13.23
N PRO A 124 -12.32 -20.62 13.95
CA PRO A 124 -13.35 -21.61 13.59
C PRO A 124 -14.24 -21.19 12.43
N ASN A 125 -14.37 -19.88 12.17
CA ASN A 125 -15.21 -19.39 11.09
C ASN A 125 -14.41 -19.00 9.85
N HIS A 126 -13.11 -19.31 9.83
CA HIS A 126 -12.25 -19.06 8.69
C HIS A 126 -11.43 -20.31 8.41
N ASP A 127 -10.81 -20.36 7.24
CA ASP A 127 -10.08 -21.53 6.78
C ASP A 127 -8.59 -21.30 7.00
N SER A 128 -8.01 -22.10 7.90
CA SER A 128 -6.60 -22.00 8.24
C SER A 128 -5.75 -23.07 7.58
N ASN A 129 -6.34 -23.93 6.75
CA ASN A 129 -5.62 -25.01 6.11
C ASN A 129 -5.40 -24.81 4.61
N LYS A 130 -5.83 -23.68 4.05
CA LYS A 130 -5.69 -23.43 2.62
C LYS A 130 -4.64 -22.37 2.30
N GLY A 131 -3.95 -21.85 3.32
CA GLY A 131 -3.04 -20.73 3.13
C GLY A 131 -1.64 -21.14 2.74
N VAL A 132 -1.47 -21.47 1.46
CA VAL A 132 -0.23 -22.00 0.95
C VAL A 132 0.10 -21.34 -0.39
N THR A 133 1.40 -21.16 -0.65
CA THR A 133 1.84 -20.45 -1.86
C THR A 133 3.07 -21.10 -2.48
N ALA A 134 3.21 -20.94 -3.79
CA ALA A 134 4.38 -21.47 -4.50
C ALA A 134 5.63 -20.63 -4.26
N ALA A 135 5.47 -19.38 -3.79
CA ALA A 135 6.63 -18.55 -3.48
C ALA A 135 7.36 -19.02 -2.22
N CYS A 136 6.71 -19.83 -1.39
CA CYS A 136 7.31 -20.39 -0.18
C CYS A 136 7.28 -21.91 -0.26
N PRO A 137 8.12 -22.51 -1.11
CA PRO A 137 8.08 -23.96 -1.26
C PRO A 137 8.88 -24.66 -0.17
N HIS A 138 8.52 -25.93 0.06
CA HIS A 138 9.26 -26.77 1.01
C HIS A 138 9.80 -28.01 0.32
N ALA A 139 9.17 -29.17 0.57
CA ALA A 139 9.66 -30.41 0.01
C ALA A 139 9.17 -30.62 -1.42
N GLY A 140 8.99 -29.55 -2.18
CA GLY A 140 8.46 -29.60 -3.53
C GLY A 140 7.04 -29.07 -3.63
N ALA A 141 6.23 -29.32 -2.61
CA ALA A 141 4.90 -28.73 -2.54
C ALA A 141 5.02 -27.27 -2.12
N LYS A 142 3.90 -26.59 -2.05
CA LYS A 142 3.87 -25.23 -1.55
C LYS A 142 3.85 -25.24 -0.03
N SER A 143 4.34 -24.17 0.58
CA SER A 143 4.32 -24.03 2.04
C SER A 143 4.19 -22.55 2.38
N PHE A 144 4.32 -22.24 3.66
CA PHE A 144 4.21 -20.87 4.15
C PHE A 144 5.10 -20.74 5.39
N TYR A 145 5.06 -19.58 6.02
CA TYR A 145 5.84 -19.36 7.23
C TYR A 145 5.28 -20.19 8.38
N LYS A 146 6.17 -20.76 9.19
CA LYS A 146 5.74 -21.61 10.29
C LYS A 146 5.04 -20.82 11.39
N ASN A 147 5.28 -19.50 11.47
CA ASN A 147 4.75 -18.70 12.56
C ASN A 147 3.59 -17.80 12.14
N LEU A 148 3.15 -17.87 10.88
CA LEU A 148 2.02 -17.08 10.40
C LEU A 148 1.03 -17.98 9.69
N ILE A 149 -0.24 -17.58 9.71
CA ILE A 149 -1.32 -18.33 9.08
C ILE A 149 -2.03 -17.40 8.11
N TRP A 150 -2.10 -17.80 6.84
CA TRP A 150 -2.78 -17.03 5.81
C TRP A 150 -4.24 -17.46 5.80
N LEU A 151 -5.11 -16.66 6.41
CA LEU A 151 -6.51 -17.02 6.52
C LEU A 151 -7.27 -16.76 5.23
N VAL A 152 -8.16 -17.67 4.89
CA VAL A 152 -8.98 -17.61 3.69
C VAL A 152 -10.44 -17.81 4.11
N LYS A 153 -11.36 -17.25 3.33
CA LYS A 153 -12.78 -17.40 3.60
C LYS A 153 -13.15 -18.88 3.71
N LYS A 154 -14.17 -19.16 4.51
CA LYS A 154 -14.70 -20.51 4.66
C LYS A 154 -16.00 -20.59 3.87
N GLY A 155 -15.93 -21.20 2.69
CA GLY A 155 -17.10 -21.24 1.82
C GLY A 155 -17.24 -19.93 1.09
N ASN A 156 -18.42 -19.32 1.18
CA ASN A 156 -18.70 -18.05 0.53
C ASN A 156 -18.86 -16.91 1.53
N SER A 157 -18.11 -16.95 2.62
CA SER A 157 -18.25 -15.94 3.65
C SER A 157 -16.92 -15.75 4.37
N TYR A 158 -16.58 -14.49 4.64
CA TYR A 158 -15.44 -14.12 5.47
C TYR A 158 -15.98 -13.18 6.54
N PRO A 159 -16.55 -13.72 7.61
CA PRO A 159 -17.11 -12.86 8.66
C PRO A 159 -16.04 -11.99 9.29
N LYS A 160 -16.49 -10.93 9.96
CA LYS A 160 -15.58 -9.98 10.57
C LYS A 160 -14.79 -10.65 11.69
N LEU A 161 -13.47 -10.66 11.54
CA LEU A 161 -12.57 -11.30 12.50
C LEU A 161 -12.20 -10.32 13.61
N SER A 162 -12.20 -10.82 14.85
CA SER A 162 -11.82 -10.00 16.00
C SER A 162 -11.21 -10.93 17.04
N LYS A 163 -9.88 -10.93 17.13
CA LYS A 163 -9.15 -11.78 18.06
C LYS A 163 -8.22 -10.92 18.90
N SER A 164 -8.04 -11.29 20.17
CA SER A 164 -7.22 -10.51 21.09
C SER A 164 -6.44 -11.44 21.99
N TYR A 165 -5.28 -10.95 22.46
CA TYR A 165 -4.43 -11.69 23.38
C TYR A 165 -3.94 -10.75 24.47
N ILE A 166 -3.98 -11.23 25.71
CA ILE A 166 -3.46 -10.50 26.86
C ILE A 166 -2.11 -11.06 27.23
N ASN A 167 -1.15 -10.18 27.50
CA ASN A 167 0.22 -10.57 27.81
C ASN A 167 0.28 -11.05 29.26
N ASP A 168 0.34 -12.37 29.44
CA ASP A 168 0.46 -12.98 30.76
C ASP A 168 1.78 -13.71 30.95
N LYS A 169 2.75 -13.51 30.05
CA LYS A 169 4.02 -14.20 30.13
C LYS A 169 5.00 -13.54 31.09
N GLY A 170 4.67 -12.36 31.62
CA GLY A 170 5.57 -11.66 32.51
C GLY A 170 6.69 -10.90 31.83
N LYS A 171 6.61 -10.69 30.53
CA LYS A 171 7.62 -9.96 29.78
C LYS A 171 7.02 -9.51 28.45
N GLU A 172 7.77 -8.67 27.74
CA GLU A 172 7.28 -8.16 26.46
C GLU A 172 7.24 -9.26 25.42
N VAL A 173 6.11 -9.39 24.72
CA VAL A 173 5.90 -10.43 23.73
C VAL A 173 5.99 -9.82 22.35
N LEU A 174 6.78 -10.44 21.47
CA LEU A 174 6.94 -9.98 20.10
C LEU A 174 5.86 -10.59 19.23
N VAL A 175 5.00 -9.76 18.66
CA VAL A 175 3.87 -10.19 17.83
C VAL A 175 4.10 -9.68 16.42
N LEU A 176 3.93 -10.57 15.43
CA LEU A 176 4.11 -10.22 14.03
C LEU A 176 2.89 -10.66 13.23
N TRP A 177 2.58 -9.90 12.18
CA TRP A 177 1.42 -10.21 11.34
C TRP A 177 1.65 -9.61 9.97
N GLY A 178 0.96 -10.19 8.98
CA GLY A 178 1.10 -9.74 7.60
C GLY A 178 -0.17 -9.19 7.00
N ILE A 179 -0.03 -8.42 5.92
CA ILE A 179 -1.15 -7.85 5.19
C ILE A 179 -0.96 -8.18 3.71
N HIS A 180 -1.88 -8.96 3.15
CA HIS A 180 -1.76 -9.41 1.77
C HIS A 180 -2.44 -8.43 0.83
N HIS A 181 -1.74 -8.08 -0.26
CA HIS A 181 -2.27 -7.20 -1.30
C HIS A 181 -2.43 -8.02 -2.58
N PRO A 182 -3.63 -8.49 -2.90
CA PRO A 182 -3.79 -9.34 -4.09
C PRO A 182 -3.45 -8.59 -5.37
N SER A 183 -3.24 -9.37 -6.45
CA SER A 183 -2.90 -8.81 -7.75
C SER A 183 -4.13 -8.37 -8.54
N THR A 184 -5.25 -9.05 -8.38
CA THR A 184 -6.48 -8.70 -9.11
C THR A 184 -7.66 -8.79 -8.16
N SER A 185 -8.74 -8.07 -8.51
CA SER A 185 -9.96 -8.15 -7.72
C SER A 185 -10.55 -9.54 -7.72
N ALA A 186 -10.21 -10.38 -8.70
CA ALA A 186 -10.67 -11.76 -8.71
C ALA A 186 -10.03 -12.55 -7.57
N ASP A 187 -8.75 -12.31 -7.29
CA ASP A 187 -8.11 -12.95 -6.14
C ASP A 187 -8.71 -12.46 -4.83
N GLN A 188 -9.05 -11.17 -4.76
CA GLN A 188 -9.64 -10.63 -3.54
C GLN A 188 -10.99 -11.30 -3.24
N GLN A 189 -11.80 -11.53 -4.27
CA GLN A 189 -13.10 -12.18 -4.06
C GLN A 189 -12.94 -13.67 -3.79
N SER A 190 -11.89 -14.29 -4.34
CA SER A 190 -11.72 -15.73 -4.16
C SER A 190 -11.11 -16.08 -2.81
N LEU A 191 -10.29 -15.19 -2.25
CA LEU A 191 -9.65 -15.45 -0.97
C LEU A 191 -10.48 -14.94 0.20
N TYR A 192 -10.94 -13.69 0.13
CA TYR A 192 -11.57 -13.03 1.26
C TYR A 192 -13.02 -12.62 0.98
N GLN A 193 -13.58 -13.05 -0.15
CA GLN A 193 -14.98 -12.82 -0.50
C GLN A 193 -15.31 -11.33 -0.61
N ASN A 194 -15.15 -10.58 0.48
CA ASN A 194 -15.55 -9.19 0.49
C ASN A 194 -14.66 -8.35 -0.42
N ALA A 195 -15.21 -7.23 -0.88
CA ALA A 195 -14.51 -6.35 -1.83
C ALA A 195 -13.74 -5.26 -1.12
N ASP A 196 -14.41 -4.46 -0.29
CA ASP A 196 -13.79 -3.34 0.41
C ASP A 196 -13.50 -3.78 1.84
N THR A 197 -12.28 -4.23 2.09
CA THR A 197 -11.88 -4.79 3.37
C THR A 197 -10.99 -3.82 4.12
N TYR A 198 -10.61 -4.21 5.34
CA TYR A 198 -9.71 -3.42 6.16
C TYR A 198 -9.16 -4.31 7.26
N VAL A 199 -7.94 -3.99 7.71
CA VAL A 199 -7.31 -4.63 8.85
C VAL A 199 -6.95 -3.56 9.86
N PHE A 200 -7.20 -3.84 11.14
CA PHE A 200 -6.85 -2.93 12.22
C PHE A 200 -6.19 -3.71 13.34
N VAL A 201 -5.01 -3.25 13.76
CA VAL A 201 -4.26 -3.83 14.87
C VAL A 201 -4.13 -2.76 15.94
N GLY A 202 -4.59 -3.07 17.13
CA GLY A 202 -4.63 -2.10 18.21
C GLY A 202 -4.07 -2.63 19.51
N SER A 203 -3.35 -1.77 20.22
CA SER A 203 -2.84 -2.08 21.55
C SER A 203 -2.61 -0.76 22.28
N SER A 204 -2.11 -0.86 23.51
CA SER A 204 -1.82 0.34 24.28
C SER A 204 -0.64 1.11 23.72
N ARG A 205 0.29 0.42 23.05
CA ARG A 205 1.51 1.02 22.54
C ARG A 205 1.57 1.02 21.02
N TYR A 206 0.43 0.82 20.35
CA TYR A 206 0.42 0.71 18.91
C TYR A 206 -1.01 0.79 18.40
N SER A 207 -1.17 1.36 17.21
CA SER A 207 -2.48 1.48 16.57
C SER A 207 -2.33 1.82 15.09
N LYS A 208 -2.84 0.97 14.21
CA LYS A 208 -2.74 1.21 12.77
C LYS A 208 -3.85 0.46 12.06
N LYS A 209 -4.47 1.12 11.09
CA LYS A 209 -5.51 0.54 10.25
C LYS A 209 -4.97 0.31 8.86
N PHE A 210 -5.23 -0.87 8.30
CA PHE A 210 -4.61 -1.29 7.04
C PHE A 210 -5.68 -1.42 5.97
N LYS A 211 -5.49 -0.69 4.86
CA LYS A 211 -6.37 -0.76 3.71
C LYS A 211 -5.60 -1.42 2.56
N PRO A 212 -5.97 -2.61 2.14
CA PRO A 212 -5.20 -3.30 1.09
C PRO A 212 -5.43 -2.67 -0.28
N GLU A 213 -4.36 -2.66 -1.07
CA GLU A 213 -4.41 -2.14 -2.43
C GLU A 213 -4.32 -3.31 -3.41
N ILE A 214 -5.30 -3.42 -4.30
CA ILE A 214 -5.33 -4.48 -5.30
C ILE A 214 -4.71 -3.93 -6.58
N ALA A 215 -3.53 -4.44 -6.93
CA ALA A 215 -2.84 -3.97 -8.12
C ALA A 215 -1.84 -5.04 -8.57
N ILE A 216 -1.55 -5.03 -9.87
CA ILE A 216 -0.61 -5.98 -10.45
C ILE A 216 0.79 -5.40 -10.28
N ARG A 217 1.51 -5.90 -9.29
CA ARG A 217 2.93 -5.57 -9.16
C ARG A 217 3.74 -6.50 -10.05
N PRO A 218 4.94 -6.09 -10.44
CA PRO A 218 5.76 -6.94 -11.32
C PRO A 218 5.97 -8.33 -10.72
N LYS A 219 5.92 -9.34 -11.58
CA LYS A 219 6.01 -10.73 -11.15
C LYS A 219 7.32 -10.97 -10.41
N VAL A 220 7.21 -11.33 -9.13
CA VAL A 220 8.37 -11.60 -8.29
C VAL A 220 8.13 -12.93 -7.57
N ARG A 221 9.01 -13.89 -7.81
CA ARG A 221 8.87 -15.25 -7.27
C ARG A 221 7.49 -15.82 -7.59
N ASP A 222 7.06 -15.62 -8.84
CA ASP A 222 5.81 -16.15 -9.37
C ASP A 222 4.59 -15.56 -8.67
N GLN A 223 4.68 -14.32 -8.22
CA GLN A 223 3.57 -13.66 -7.53
C GLN A 223 3.50 -12.21 -7.98
N GLU A 224 2.34 -11.81 -8.52
CA GLU A 224 2.13 -10.43 -8.92
C GLU A 224 1.47 -9.60 -7.82
N GLY A 225 1.07 -10.23 -6.71
CA GLY A 225 0.62 -9.51 -5.55
C GLY A 225 1.73 -9.38 -4.51
N ARG A 226 1.46 -8.59 -3.47
CA ARG A 226 2.45 -8.32 -2.45
C ARG A 226 1.86 -8.60 -1.07
N MET A 227 2.75 -8.79 -0.10
CA MET A 227 2.35 -9.02 1.28
C MET A 227 3.34 -8.29 2.19
N ASN A 228 2.83 -7.38 3.00
CA ASN A 228 3.67 -6.60 3.90
C ASN A 228 3.65 -7.20 5.30
N TYR A 229 4.79 -7.13 5.98
CA TYR A 229 4.96 -7.76 7.28
C TYR A 229 5.18 -6.69 8.34
N TYR A 230 4.44 -6.80 9.45
CA TYR A 230 4.52 -5.84 10.54
C TYR A 230 4.77 -6.57 11.85
N TRP A 231 5.24 -5.82 12.84
CA TRP A 231 5.56 -6.38 14.14
C TRP A 231 5.36 -5.32 15.21
N THR A 232 5.24 -5.78 16.46
CA THR A 232 5.12 -4.90 17.61
C THR A 232 5.47 -5.68 18.86
N LEU A 233 5.68 -4.93 19.94
CA LEU A 233 5.98 -5.50 21.25
C LEU A 233 4.85 -5.19 22.21
N VAL A 234 4.33 -6.22 22.87
CA VAL A 234 3.21 -6.09 23.79
C VAL A 234 3.78 -6.18 25.21
N GLU A 235 3.69 -5.08 25.95
CA GLU A 235 4.13 -5.10 27.35
C GLU A 235 3.22 -6.03 28.15
N PRO A 236 3.72 -6.57 29.26
CA PRO A 236 2.89 -7.45 30.09
C PRO A 236 1.64 -6.73 30.59
N GLY A 237 0.52 -7.46 30.60
CA GLY A 237 -0.77 -6.89 30.94
C GLY A 237 -1.47 -6.20 29.79
N ASP A 238 -0.74 -5.74 28.78
CA ASP A 238 -1.36 -5.08 27.65
C ASP A 238 -2.06 -6.10 26.75
N LYS A 239 -3.14 -5.66 26.11
CA LYS A 239 -3.92 -6.50 25.21
C LYS A 239 -3.71 -6.03 23.77
N ILE A 240 -3.29 -6.95 22.91
CA ILE A 240 -3.17 -6.70 21.48
C ILE A 240 -4.44 -7.21 20.81
N THR A 241 -4.96 -6.44 19.86
CA THR A 241 -6.24 -6.75 19.23
C THR A 241 -6.08 -6.77 17.71
N PHE A 242 -6.74 -7.72 17.08
CA PHE A 242 -6.77 -7.86 15.63
C PHE A 242 -8.20 -7.81 15.14
N GLU A 243 -8.47 -6.96 14.15
CA GLU A 243 -9.81 -6.72 13.64
C GLU A 243 -9.71 -6.57 12.13
N ALA A 244 -10.21 -7.57 11.40
CA ALA A 244 -10.05 -7.59 9.96
C ALA A 244 -11.25 -8.23 9.29
N THR A 245 -11.57 -7.72 8.09
CA THR A 245 -12.58 -8.32 7.22
C THR A 245 -11.94 -8.97 6.00
N GLY A 246 -10.64 -9.21 6.05
CA GLY A 246 -9.93 -9.85 4.95
C GLY A 246 -8.49 -9.39 4.91
N ASN A 247 -7.72 -10.07 4.06
CA ASN A 247 -6.33 -9.74 3.71
C ASN A 247 -5.36 -9.90 4.87
N LEU A 248 -5.80 -10.37 6.03
CA LEU A 248 -4.93 -10.47 7.21
C LEU A 248 -4.21 -11.79 7.24
N VAL A 249 -2.91 -11.75 7.52
CA VAL A 249 -2.10 -12.94 7.74
C VAL A 249 -1.87 -13.00 9.25
N VAL A 250 -2.73 -13.74 9.94
CA VAL A 250 -2.77 -13.76 11.41
C VAL A 250 -1.52 -14.41 11.96
N PRO A 251 -1.12 -14.08 13.20
CA PRO A 251 0.04 -14.76 13.79
C PRO A 251 -0.36 -16.10 14.40
N ARG A 252 0.52 -17.08 14.24
CA ARG A 252 0.37 -18.36 14.92
C ARG A 252 1.29 -18.49 16.12
N TYR A 253 2.53 -18.02 16.01
CA TYR A 253 3.50 -18.09 17.09
C TYR A 253 4.03 -16.70 17.39
N ALA A 254 4.04 -16.34 18.67
CA ALA A 254 4.62 -15.10 19.14
C ALA A 254 5.94 -15.40 19.83
N PHE A 255 6.54 -14.39 20.45
CA PHE A 255 7.85 -14.54 21.09
C PHE A 255 7.89 -13.70 22.36
N ALA A 256 7.69 -14.36 23.51
CA ALA A 256 7.90 -13.68 24.78
C ALA A 256 9.40 -13.59 25.04
N MET A 257 9.88 -12.38 25.33
CA MET A 257 11.31 -12.14 25.38
C MET A 257 11.65 -11.08 26.40
N GLU A 258 12.94 -11.02 26.74
CA GLU A 258 13.49 -9.99 27.61
C GLU A 258 14.77 -9.48 26.97
N ARG A 259 14.78 -8.20 26.59
CA ARG A 259 15.85 -7.63 25.79
C ARG A 259 16.99 -7.12 26.66
N ASN A 260 18.13 -6.89 26.01
CA ASN A 260 19.30 -6.30 26.62
C ASN A 260 19.71 -5.05 25.83
N ALA A 261 20.61 -4.27 26.44
CA ALA A 261 21.03 -3.00 25.87
C ALA A 261 22.29 -3.15 25.03
N GLY A 262 22.21 -2.66 23.80
CA GLY A 262 23.34 -2.59 22.89
C GLY A 262 23.24 -3.62 21.78
N SER A 263 24.42 -4.01 21.29
CA SER A 263 24.61 -5.06 20.31
C SER A 263 24.10 -4.68 18.91
N GLY A 264 24.54 -5.42 17.89
CA GLY A 264 24.12 -5.17 16.52
C GLY A 264 24.10 -6.45 15.72
N ILE A 265 24.50 -6.37 14.46
CA ILE A 265 24.52 -7.51 13.55
C ILE A 265 25.90 -7.62 12.92
N ILE A 266 26.34 -8.85 12.69
CA ILE A 266 27.62 -9.10 12.03
C ILE A 266 27.39 -9.74 10.66
N GLN B 1 -26.51 -13.94 -9.60
CA GLN B 1 -25.81 -15.09 -10.17
C GLN B 1 -25.05 -14.70 -11.44
N VAL B 2 -24.04 -15.48 -11.79
CA VAL B 2 -23.24 -15.27 -12.99
C VAL B 2 -23.79 -16.15 -14.10
N THR B 3 -23.89 -15.59 -15.30
CA THR B 3 -24.53 -16.26 -16.42
C THR B 3 -23.67 -16.15 -17.67
N LEU B 4 -23.55 -17.25 -18.40
CA LEU B 4 -22.90 -17.28 -19.71
C LEU B 4 -23.78 -18.07 -20.66
N ARG B 5 -24.17 -17.45 -21.77
CA ARG B 5 -25.01 -18.10 -22.77
C ARG B 5 -24.32 -18.07 -24.12
N GLU B 6 -24.19 -19.24 -24.74
CA GLU B 6 -23.66 -19.35 -26.09
C GLU B 6 -24.77 -19.09 -27.10
N SER B 7 -24.37 -18.79 -28.33
CA SER B 7 -25.30 -18.30 -29.35
C SER B 7 -25.57 -19.38 -30.39
N GLY B 8 -26.61 -20.17 -30.15
CA GLY B 8 -27.25 -20.98 -31.17
C GLY B 8 -26.42 -22.10 -31.75
N PRO B 9 -27.00 -23.30 -31.81
CA PRO B 9 -26.33 -24.40 -32.51
C PRO B 9 -26.20 -24.10 -33.98
N ALA B 10 -25.00 -24.29 -34.51
CA ALA B 10 -24.67 -23.88 -35.87
C ALA B 10 -24.24 -25.07 -36.71
N LEU B 11 -24.70 -25.10 -37.96
CA LEU B 11 -24.22 -26.02 -38.97
C LEU B 11 -23.36 -25.25 -39.96
N VAL B 12 -22.09 -25.63 -40.07
CA VAL B 12 -21.12 -24.93 -40.90
C VAL B 12 -20.67 -25.85 -42.03
N LYS B 13 -20.54 -25.29 -43.23
CA LYS B 13 -20.00 -26.09 -44.32
C LYS B 13 -18.47 -26.11 -44.24
N PRO B 14 -17.84 -27.17 -44.75
CA PRO B 14 -16.37 -27.23 -44.74
C PRO B 14 -15.77 -26.04 -45.49
N THR B 15 -14.75 -25.44 -44.88
CA THR B 15 -13.99 -24.25 -45.31
C THR B 15 -14.75 -22.95 -45.04
N GLN B 16 -15.93 -22.97 -44.43
CA GLN B 16 -16.64 -21.76 -44.08
C GLN B 16 -16.13 -21.23 -42.74
N THR B 17 -16.75 -20.17 -42.24
CA THR B 17 -16.31 -19.50 -41.03
C THR B 17 -17.36 -19.65 -39.93
N LEU B 18 -16.93 -20.13 -38.77
CA LEU B 18 -17.80 -20.21 -37.59
C LEU B 18 -17.71 -18.92 -36.80
N THR B 19 -18.86 -18.41 -36.36
CA THR B 19 -18.94 -17.20 -35.57
C THR B 19 -19.81 -17.48 -34.36
N LEU B 20 -19.19 -17.53 -33.18
CA LEU B 20 -19.88 -17.77 -31.92
C LEU B 20 -19.95 -16.47 -31.12
N THR B 21 -21.00 -16.33 -30.32
CA THR B 21 -21.22 -15.14 -29.52
C THR B 21 -21.63 -15.57 -28.11
N CYS B 22 -20.83 -15.16 -27.13
CA CYS B 22 -21.12 -15.45 -25.73
C CYS B 22 -21.63 -14.18 -25.05
N THR B 23 -22.77 -14.27 -24.41
CA THR B 23 -23.35 -13.17 -23.64
C THR B 23 -23.25 -13.50 -22.15
N PHE B 24 -22.81 -12.52 -21.36
CA PHE B 24 -22.57 -12.74 -19.94
C PHE B 24 -23.27 -11.67 -19.11
N SER B 25 -23.46 -11.99 -17.84
CA SER B 25 -24.02 -11.08 -16.85
C SER B 25 -23.54 -11.52 -15.47
N GLY B 26 -23.92 -10.74 -14.45
CA GLY B 26 -23.49 -11.02 -13.10
C GLY B 26 -22.09 -10.60 -12.76
N PHE B 27 -21.33 -10.07 -13.73
CA PHE B 27 -19.99 -9.55 -13.49
C PHE B 27 -19.62 -8.65 -14.67
N SER B 28 -18.54 -7.90 -14.48
CA SER B 28 -18.04 -6.98 -15.50
C SER B 28 -16.71 -7.50 -16.03
N LEU B 29 -16.58 -7.53 -17.35
CA LEU B 29 -15.34 -8.01 -17.97
C LEU B 29 -14.19 -7.06 -17.68
N SER B 30 -14.46 -5.84 -17.24
CA SER B 30 -13.42 -4.87 -16.96
C SER B 30 -12.88 -4.96 -15.54
N THR B 31 -13.54 -5.71 -14.66
CA THR B 31 -13.00 -5.93 -13.33
C THR B 31 -11.68 -6.69 -13.42
N SER B 32 -10.71 -6.28 -12.59
CA SER B 32 -9.39 -6.89 -12.65
C SER B 32 -9.47 -8.38 -12.40
N GLY B 33 -8.77 -9.16 -13.24
CA GLY B 33 -8.77 -10.59 -13.10
C GLY B 33 -9.95 -11.30 -13.71
N MET B 34 -10.70 -10.64 -14.59
CA MET B 34 -11.84 -11.24 -15.26
C MET B 34 -11.49 -11.50 -16.72
N CYS B 35 -11.77 -12.71 -17.19
CA CYS B 35 -11.49 -13.10 -18.55
C CYS B 35 -12.67 -13.89 -19.09
N LEU B 36 -12.71 -14.02 -20.41
CA LEU B 36 -13.70 -14.86 -21.08
C LEU B 36 -12.99 -15.75 -22.08
N THR B 37 -13.34 -17.04 -22.07
CA THR B 37 -12.58 -18.06 -22.76
C THR B 37 -13.51 -18.96 -23.56
N TRP B 38 -13.07 -19.34 -24.76
CA TRP B 38 -13.75 -20.33 -25.57
C TRP B 38 -12.99 -21.64 -25.48
N ILE B 39 -13.69 -22.70 -25.08
CA ILE B 39 -13.13 -24.04 -24.95
C ILE B 39 -14.09 -25.02 -25.62
N ARG B 40 -13.55 -25.86 -26.49
CA ARG B 40 -14.36 -26.82 -27.23
C ARG B 40 -13.96 -28.25 -26.85
N ARG B 41 -14.84 -29.19 -27.18
CA ARG B 41 -14.58 -30.61 -26.95
C ARG B 41 -15.08 -31.39 -28.16
N PRO B 42 -14.18 -31.83 -29.04
CA PRO B 42 -14.60 -32.71 -30.13
C PRO B 42 -15.04 -34.06 -29.58
N PRO B 43 -15.94 -34.75 -30.29
CA PRO B 43 -16.36 -36.07 -29.82
C PRO B 43 -15.20 -37.05 -29.78
N GLY B 44 -15.01 -37.68 -28.61
CA GLY B 44 -13.94 -38.64 -28.45
C GLY B 44 -12.57 -38.05 -28.20
N LYS B 45 -12.49 -36.77 -27.86
CA LYS B 45 -11.21 -36.14 -27.54
C LYS B 45 -11.39 -35.22 -26.35
N ALA B 46 -10.26 -34.84 -25.75
CA ALA B 46 -10.28 -34.05 -24.53
C ALA B 46 -10.58 -32.58 -24.83
N LEU B 47 -10.77 -31.81 -23.75
CA LEU B 47 -10.99 -30.38 -23.89
C LEU B 47 -9.76 -29.71 -24.49
N GLU B 48 -9.96 -28.90 -25.52
CA GLU B 48 -8.89 -28.14 -26.14
C GLU B 48 -9.21 -26.66 -26.06
N TRP B 49 -8.25 -25.89 -25.54
CA TRP B 49 -8.44 -24.46 -25.39
C TRP B 49 -8.36 -23.76 -26.73
N LEU B 50 -9.21 -22.74 -26.92
CA LEU B 50 -9.23 -22.00 -28.17
C LEU B 50 -8.62 -20.61 -28.02
N ALA B 51 -9.36 -19.68 -27.40
CA ALA B 51 -8.90 -18.30 -27.27
C ALA B 51 -9.34 -17.74 -25.92
N LEU B 52 -8.81 -16.56 -25.60
CA LEU B 52 -9.10 -15.90 -24.34
C LEU B 52 -8.96 -14.40 -24.52
N ILE B 53 -9.81 -13.65 -23.83
CA ILE B 53 -9.74 -12.20 -23.79
C ILE B 53 -9.84 -11.77 -22.32
N ASP B 54 -8.97 -10.84 -21.92
CA ASP B 54 -8.90 -10.42 -20.52
C ASP B 54 -9.40 -8.99 -20.38
N TRP B 55 -9.43 -8.52 -19.13
CA TRP B 55 -9.98 -7.20 -18.83
C TRP B 55 -9.16 -6.07 -19.45
N ASP B 56 -7.91 -6.32 -19.81
CA ASP B 56 -7.07 -5.34 -20.49
C ASP B 56 -7.13 -5.46 -22.01
N ASP B 57 -8.17 -6.10 -22.54
CA ASP B 57 -8.37 -6.32 -23.97
C ASP B 57 -7.24 -7.11 -24.61
N ASN B 58 -6.38 -7.74 -23.82
CA ASN B 58 -5.32 -8.58 -24.36
C ASN B 58 -5.92 -9.91 -24.81
N LYS B 59 -5.45 -10.40 -25.96
CA LYS B 59 -6.01 -11.58 -26.59
C LYS B 59 -4.97 -12.69 -26.64
N TYR B 60 -5.37 -13.88 -26.20
CA TYR B 60 -4.51 -15.05 -26.17
C TYR B 60 -5.13 -16.14 -27.03
N TYR B 61 -4.30 -16.87 -27.77
CA TYR B 61 -4.79 -17.83 -28.74
C TYR B 61 -4.05 -19.15 -28.59
N ASN B 62 -4.78 -20.24 -28.82
CA ASN B 62 -4.20 -21.56 -29.05
C ASN B 62 -3.13 -21.40 -30.13
N THR B 63 -1.87 -21.59 -29.75
CA THR B 63 -0.76 -21.36 -30.68
C THR B 63 -0.85 -22.28 -31.90
N SER B 64 -1.39 -23.49 -31.72
CA SER B 64 -1.50 -24.41 -32.84
C SER B 64 -2.52 -23.94 -33.87
N LEU B 65 -3.59 -23.26 -33.42
CA LEU B 65 -4.65 -22.80 -34.29
C LEU B 65 -4.73 -21.27 -34.35
N ARG B 66 -3.58 -20.59 -34.20
CA ARG B 66 -3.60 -19.13 -34.13
C ARG B 66 -4.09 -18.50 -35.43
N THR B 67 -3.74 -19.09 -36.57
CA THR B 67 -4.04 -18.48 -37.86
C THR B 67 -5.53 -18.38 -38.14
N ARG B 68 -6.36 -19.15 -37.43
CA ARG B 68 -7.79 -19.19 -37.69
C ARG B 68 -8.64 -18.54 -36.62
N LEU B 69 -8.11 -18.32 -35.43
CA LEU B 69 -8.88 -17.81 -34.31
C LEU B 69 -8.88 -16.28 -34.28
N THR B 70 -10.00 -15.72 -33.83
CA THR B 70 -10.13 -14.27 -33.72
C THR B 70 -11.16 -13.99 -32.64
N ILE B 71 -10.70 -13.48 -31.49
CA ILE B 71 -11.56 -13.18 -30.35
C ILE B 71 -11.60 -11.68 -30.17
N SER B 72 -12.76 -11.16 -29.77
CA SER B 72 -12.93 -9.73 -29.58
C SER B 72 -14.10 -9.48 -28.66
N LYS B 73 -14.05 -8.34 -27.95
CA LYS B 73 -15.13 -7.90 -27.10
C LYS B 73 -15.95 -6.88 -27.89
N ASP B 74 -17.17 -7.27 -28.28
CA ASP B 74 -18.09 -6.33 -28.90
C ASP B 74 -18.45 -5.24 -27.91
N THR B 75 -18.07 -4.00 -28.22
CA THR B 75 -18.35 -2.88 -27.33
C THR B 75 -19.85 -2.74 -27.10
N SER B 76 -20.21 -2.41 -25.86
CA SER B 76 -21.55 -2.01 -25.42
C SER B 76 -22.45 -3.19 -25.02
N LYS B 77 -22.40 -4.30 -25.75
CA LYS B 77 -23.43 -5.33 -25.63
C LYS B 77 -23.05 -6.50 -24.74
N ASN B 78 -21.95 -6.40 -23.99
CA ASN B 78 -21.53 -7.47 -23.07
C ASN B 78 -21.41 -8.81 -23.79
N GLN B 79 -20.71 -8.80 -24.92
CA GLN B 79 -20.62 -10.00 -25.76
C GLN B 79 -19.21 -10.15 -26.32
N VAL B 80 -18.64 -11.33 -26.16
CA VAL B 80 -17.38 -11.70 -26.78
C VAL B 80 -17.67 -12.63 -27.94
N VAL B 81 -17.01 -12.39 -29.07
CA VAL B 81 -17.25 -13.12 -30.31
C VAL B 81 -16.00 -13.91 -30.68
N LEU B 82 -16.20 -15.16 -31.09
CA LEU B 82 -15.12 -16.00 -31.59
C LEU B 82 -15.32 -16.26 -33.07
N LYS B 83 -14.29 -15.99 -33.86
CA LYS B 83 -14.29 -16.25 -35.30
C LYS B 83 -13.26 -17.32 -35.61
N VAL B 84 -13.71 -18.43 -36.19
CA VAL B 84 -12.85 -19.53 -36.59
C VAL B 84 -13.03 -19.74 -38.09
N THR B 85 -12.02 -19.37 -38.86
CA THR B 85 -12.07 -19.50 -40.31
C THR B 85 -11.58 -20.88 -40.74
N ASP B 86 -11.97 -21.26 -41.96
CA ASP B 86 -11.61 -22.56 -42.54
C ASP B 86 -12.09 -23.71 -41.65
N MET B 87 -13.39 -23.70 -41.35
CA MET B 87 -13.96 -24.75 -40.53
C MET B 87 -13.95 -26.08 -41.27
N ASP B 88 -13.47 -27.12 -40.59
CA ASP B 88 -13.33 -28.45 -41.14
C ASP B 88 -14.08 -29.46 -40.28
N PRO B 89 -14.36 -30.65 -40.81
CA PRO B 89 -15.18 -31.62 -40.03
C PRO B 89 -14.60 -31.97 -38.67
N VAL B 90 -13.27 -31.87 -38.50
CA VAL B 90 -12.67 -32.15 -37.19
C VAL B 90 -13.05 -31.08 -36.17
N ASP B 91 -13.47 -29.90 -36.62
CA ASP B 91 -13.90 -28.85 -35.71
C ASP B 91 -15.29 -29.09 -35.13
N THR B 92 -15.93 -30.19 -35.48
CA THR B 92 -17.23 -30.52 -34.91
C THR B 92 -17.10 -30.81 -33.43
N GLY B 93 -18.07 -30.35 -32.66
CA GLY B 93 -18.09 -30.60 -31.23
C GLY B 93 -18.83 -29.50 -30.50
N THR B 94 -18.89 -29.66 -29.18
CA THR B 94 -19.53 -28.69 -28.32
C THR B 94 -18.52 -27.59 -27.97
N TYR B 95 -18.91 -26.34 -28.20
CA TYR B 95 -18.08 -25.19 -27.93
C TYR B 95 -18.62 -24.48 -26.69
N TYR B 96 -17.79 -24.41 -25.64
CA TYR B 96 -18.19 -23.84 -24.36
C TYR B 96 -17.65 -22.44 -24.21
N CYS B 97 -18.42 -21.61 -23.50
CA CYS B 97 -17.99 -20.28 -23.06
C CYS B 97 -17.75 -20.34 -21.56
N ALA B 98 -16.57 -19.90 -21.13
CA ALA B 98 -16.20 -20.00 -19.73
C ALA B 98 -15.52 -18.71 -19.29
N ARG B 99 -15.92 -18.20 -18.13
CA ARG B 99 -15.18 -17.12 -17.47
C ARG B 99 -13.94 -17.70 -16.82
N MET B 100 -12.78 -17.07 -17.06
CA MET B 100 -11.55 -17.48 -16.41
C MET B 100 -11.17 -16.43 -15.38
N LEU B 101 -11.00 -16.86 -14.13
CA LEU B 101 -10.54 -16.00 -13.05
C LEU B 101 -9.02 -16.06 -13.00
N TYR B 102 -8.36 -14.91 -13.11
CA TYR B 102 -6.90 -14.84 -13.10
C TYR B 102 -6.43 -14.11 -11.85
N GLY B 103 -5.42 -14.68 -11.21
CA GLY B 103 -4.73 -14.00 -10.14
C GLY B 103 -3.49 -14.77 -9.77
N ASP B 104 -3.00 -14.51 -8.56
CA ASP B 104 -1.95 -15.38 -8.04
C ASP B 104 -2.45 -16.77 -7.71
N LEU B 105 -3.79 -16.97 -7.67
CA LEU B 105 -4.34 -18.31 -7.52
C LEU B 105 -4.03 -19.19 -8.73
N GLY B 106 -3.97 -18.62 -9.93
CA GLY B 106 -3.37 -19.34 -11.05
C GLY B 106 -4.14 -19.55 -12.35
N GLY B 107 -5.25 -18.85 -12.53
CA GLY B 107 -6.00 -18.90 -13.78
C GLY B 107 -6.86 -20.15 -13.94
N ARG B 108 -8.15 -20.04 -13.61
CA ARG B 108 -9.05 -21.19 -13.62
C ARG B 108 -10.41 -20.77 -14.16
N PHE B 109 -11.17 -21.76 -14.62
CA PHE B 109 -12.43 -21.52 -15.31
C PHE B 109 -13.59 -21.81 -14.36
N ASP B 110 -14.45 -20.81 -14.18
CA ASP B 110 -15.63 -20.85 -13.31
C ASP B 110 -16.41 -19.55 -13.50
N PRO B 111 -17.67 -19.60 -13.96
CA PRO B 111 -18.37 -20.80 -14.40
C PRO B 111 -18.22 -21.07 -15.90
N TRP B 112 -18.76 -22.21 -16.34
CA TRP B 112 -18.83 -22.55 -17.76
C TRP B 112 -20.24 -22.31 -18.27
N GLY B 113 -20.33 -21.94 -19.54
CA GLY B 113 -21.61 -21.99 -20.22
C GLY B 113 -22.02 -23.42 -20.49
N GLN B 114 -23.29 -23.59 -20.83
CA GLN B 114 -23.79 -24.94 -21.09
C GLN B 114 -23.39 -25.47 -22.46
N GLY B 115 -22.80 -24.65 -23.32
CA GLY B 115 -22.21 -25.14 -24.55
C GLY B 115 -23.18 -25.08 -25.72
N THR B 116 -22.62 -24.84 -26.90
CA THR B 116 -23.36 -24.84 -28.15
C THR B 116 -22.80 -25.93 -29.06
N LEU B 117 -23.69 -26.65 -29.74
CA LEU B 117 -23.29 -27.74 -30.60
C LEU B 117 -23.01 -27.20 -32.01
N VAL B 118 -21.79 -27.41 -32.49
CA VAL B 118 -21.38 -26.94 -33.81
C VAL B 118 -21.12 -28.14 -34.68
N THR B 119 -21.82 -28.21 -35.81
CA THR B 119 -21.69 -29.31 -36.77
C THR B 119 -21.10 -28.77 -38.06
N VAL B 120 -19.99 -29.34 -38.49
CA VAL B 120 -19.33 -28.96 -39.73
C VAL B 120 -19.59 -30.07 -40.75
N SER B 121 -20.44 -29.79 -41.73
CA SER B 121 -20.81 -30.79 -42.72
C SER B 121 -21.29 -30.09 -43.97
N SER B 122 -21.22 -30.81 -45.09
CA SER B 122 -21.72 -30.33 -46.37
C SER B 122 -23.18 -30.69 -46.61
N ALA B 123 -23.80 -31.41 -45.67
CA ALA B 123 -25.15 -31.90 -45.88
C ALA B 123 -26.18 -30.77 -45.76
N SER B 124 -27.39 -31.08 -46.20
CA SER B 124 -28.48 -30.12 -46.23
C SER B 124 -29.26 -30.18 -44.92
N THR B 125 -29.65 -29.02 -44.42
CA THR B 125 -30.42 -28.95 -43.18
C THR B 125 -31.84 -29.42 -43.43
N LYS B 126 -32.34 -30.29 -42.54
CA LYS B 126 -33.68 -30.87 -42.68
C LYS B 126 -34.43 -30.69 -41.37
N GLY B 127 -35.60 -30.06 -41.44
CA GLY B 127 -36.47 -29.93 -40.29
C GLY B 127 -37.17 -31.25 -39.99
N PRO B 128 -37.56 -31.44 -38.74
CA PRO B 128 -38.12 -32.73 -38.34
C PRO B 128 -39.60 -32.87 -38.68
N SER B 129 -40.05 -34.12 -38.68
CA SER B 129 -41.46 -34.45 -38.71
C SER B 129 -41.87 -34.91 -37.32
N VAL B 130 -43.01 -34.42 -36.85
CA VAL B 130 -43.47 -34.66 -35.48
C VAL B 130 -44.76 -35.45 -35.53
N PHE B 131 -44.78 -36.60 -34.84
CA PHE B 131 -45.94 -37.46 -34.76
C PHE B 131 -46.31 -37.71 -33.31
N PRO B 132 -47.60 -37.65 -32.97
CA PRO B 132 -47.99 -37.86 -31.57
C PRO B 132 -47.95 -39.34 -31.21
N LEU B 133 -47.56 -39.60 -29.96
CA LEU B 133 -47.59 -40.95 -29.39
C LEU B 133 -48.75 -40.99 -28.40
N ALA B 134 -49.88 -41.54 -28.84
CA ALA B 134 -51.08 -41.53 -28.03
C ALA B 134 -50.86 -42.26 -26.71
N PRO B 135 -51.56 -41.85 -25.65
CA PRO B 135 -51.29 -42.43 -24.33
C PRO B 135 -51.65 -43.91 -24.26
N SER B 136 -50.82 -44.65 -23.54
CA SER B 136 -51.08 -46.04 -23.19
C SER B 136 -50.72 -46.24 -21.72
N SER B 137 -51.25 -47.32 -21.15
CA SER B 137 -51.05 -47.59 -19.73
C SER B 137 -50.44 -48.96 -19.48
N LYS B 138 -49.80 -49.56 -20.48
CA LYS B 138 -49.22 -50.89 -20.30
C LYS B 138 -48.02 -50.88 -19.36
N SER B 139 -47.33 -49.74 -19.25
CA SER B 139 -46.08 -49.68 -18.50
C SER B 139 -46.03 -48.55 -17.46
N THR B 140 -47.18 -47.96 -17.12
CA THR B 140 -47.22 -46.90 -16.11
C THR B 140 -47.82 -47.46 -14.82
N SER B 141 -47.19 -47.14 -13.69
CA SER B 141 -47.37 -47.94 -12.48
C SER B 141 -48.74 -47.74 -11.84
N GLY B 142 -49.25 -46.51 -11.83
CA GLY B 142 -50.50 -46.24 -11.15
C GLY B 142 -51.64 -45.98 -12.12
N GLY B 143 -52.49 -45.00 -11.80
CA GLY B 143 -53.41 -44.51 -12.79
C GLY B 143 -52.69 -43.95 -14.00
N THR B 144 -51.51 -43.39 -13.80
CA THR B 144 -50.66 -42.75 -14.81
C THR B 144 -50.71 -43.38 -16.20
N ALA B 145 -50.54 -42.55 -17.23
CA ALA B 145 -50.46 -43.00 -18.60
C ALA B 145 -49.23 -42.38 -19.26
N ALA B 146 -48.75 -43.03 -20.31
CA ALA B 146 -47.54 -42.61 -21.01
C ALA B 146 -47.91 -42.14 -22.41
N LEU B 147 -47.80 -40.83 -22.64
CA LEU B 147 -47.96 -40.24 -23.95
C LEU B 147 -46.66 -39.57 -24.36
N GLY B 148 -46.44 -39.45 -25.67
CA GLY B 148 -45.17 -38.91 -26.14
C GLY B 148 -45.20 -38.24 -27.50
N CYS B 149 -44.01 -37.98 -28.03
CA CYS B 149 -43.85 -37.34 -29.34
C CYS B 149 -42.66 -37.95 -30.05
N LEU B 150 -42.83 -38.22 -31.36
CA LEU B 150 -41.78 -38.78 -32.20
C LEU B 150 -41.25 -37.67 -33.10
N VAL B 151 -40.03 -37.20 -32.81
CA VAL B 151 -39.34 -36.22 -33.61
C VAL B 151 -38.42 -36.96 -34.55
N LYS B 152 -38.78 -37.01 -35.84
CA LYS B 152 -38.17 -37.92 -36.80
C LYS B 152 -37.59 -37.16 -37.98
N ASP B 153 -36.41 -37.62 -38.42
CA ASP B 153 -35.77 -37.19 -39.66
C ASP B 153 -35.47 -35.69 -39.65
N TYR B 154 -34.43 -35.32 -38.91
CA TYR B 154 -33.93 -33.96 -38.87
C TYR B 154 -32.41 -33.99 -38.90
N PHE B 155 -31.82 -32.88 -39.34
CA PHE B 155 -30.37 -32.76 -39.40
C PHE B 155 -30.01 -31.28 -39.42
N PRO B 156 -29.02 -30.84 -38.64
CA PRO B 156 -28.28 -31.71 -37.71
C PRO B 156 -28.84 -31.61 -36.30
N GLU B 157 -28.08 -32.10 -35.33
CA GLU B 157 -28.43 -31.93 -33.94
C GLU B 157 -28.20 -30.48 -33.51
N PRO B 158 -28.88 -30.02 -32.47
CA PRO B 158 -29.92 -30.73 -31.72
C PRO B 158 -31.32 -30.20 -31.99
N VAL B 159 -32.30 -30.78 -31.30
CA VAL B 159 -33.62 -30.20 -31.16
C VAL B 159 -33.92 -30.09 -29.68
N THR B 160 -34.80 -29.15 -29.33
CA THR B 160 -35.31 -29.03 -27.98
C THR B 160 -36.76 -29.51 -27.95
N VAL B 161 -37.14 -30.14 -26.85
CA VAL B 161 -38.49 -30.65 -26.66
C VAL B 161 -38.97 -30.21 -25.28
N SER B 162 -40.08 -29.48 -25.25
CA SER B 162 -40.77 -29.13 -24.02
C SER B 162 -42.21 -29.60 -24.11
N TRP B 163 -42.94 -29.44 -23.02
CA TRP B 163 -44.34 -29.84 -22.95
C TRP B 163 -45.15 -28.70 -22.33
N ASN B 164 -46.23 -28.32 -23.00
CA ASN B 164 -47.09 -27.21 -22.57
C ASN B 164 -46.28 -25.92 -22.38
N SER B 165 -45.40 -25.64 -23.34
CA SER B 165 -44.58 -24.43 -23.35
C SER B 165 -43.74 -24.31 -22.08
N GLY B 166 -43.20 -25.44 -21.61
CA GLY B 166 -42.36 -25.47 -20.44
C GLY B 166 -43.10 -25.67 -19.13
N ALA B 167 -44.43 -25.53 -19.11
CA ALA B 167 -45.22 -25.68 -17.89
C ALA B 167 -45.36 -27.12 -17.45
N LEU B 168 -44.59 -28.06 -18.03
CA LEU B 168 -44.64 -29.46 -17.64
C LEU B 168 -43.24 -30.02 -17.73
N THR B 169 -42.62 -30.27 -16.57
CA THR B 169 -41.33 -30.95 -16.51
C THR B 169 -41.37 -32.24 -15.70
N SER B 170 -42.31 -32.39 -14.79
CA SER B 170 -42.39 -33.60 -13.97
C SER B 170 -42.81 -34.78 -14.83
N GLY B 171 -42.06 -35.87 -14.74
CA GLY B 171 -42.36 -37.07 -15.49
C GLY B 171 -41.94 -37.05 -16.94
N VAL B 172 -41.22 -36.03 -17.39
CA VAL B 172 -40.78 -35.93 -18.77
C VAL B 172 -39.44 -36.64 -18.93
N HIS B 173 -39.34 -37.48 -19.95
CA HIS B 173 -38.10 -38.18 -20.29
C HIS B 173 -37.88 -38.05 -21.78
N THR B 174 -36.89 -37.27 -22.18
CA THR B 174 -36.53 -37.09 -23.58
C THR B 174 -35.31 -37.96 -23.88
N PHE B 175 -35.51 -39.00 -24.68
CA PHE B 175 -34.45 -39.95 -24.99
C PHE B 175 -33.47 -39.34 -25.99
N PRO B 176 -32.18 -39.64 -25.87
CA PRO B 176 -31.22 -39.14 -26.85
C PRO B 176 -31.52 -39.66 -28.25
N ALA B 177 -31.11 -38.88 -29.24
CA ALA B 177 -31.48 -39.16 -30.62
C ALA B 177 -30.76 -40.40 -31.15
N VAL B 178 -31.27 -40.94 -32.25
CA VAL B 178 -30.66 -42.04 -32.96
C VAL B 178 -30.17 -41.52 -34.31
N LEU B 179 -28.93 -41.86 -34.67
CA LEU B 179 -28.39 -41.50 -35.98
C LEU B 179 -28.77 -42.62 -36.94
N GLN B 180 -29.77 -42.35 -37.78
CA GLN B 180 -30.30 -43.37 -38.68
C GLN B 180 -29.31 -43.64 -39.82
N SER B 181 -29.59 -44.72 -40.55
CA SER B 181 -28.74 -45.08 -41.68
C SER B 181 -28.79 -44.03 -42.78
N SER B 182 -29.89 -43.28 -42.88
CA SER B 182 -30.02 -42.20 -43.85
C SER B 182 -29.16 -40.99 -43.50
N GLY B 183 -28.47 -41.01 -42.36
CA GLY B 183 -27.71 -39.86 -41.90
C GLY B 183 -28.50 -38.86 -41.08
N LEU B 184 -29.82 -39.00 -41.02
CA LEU B 184 -30.67 -38.10 -40.27
C LEU B 184 -30.79 -38.57 -38.82
N TYR B 185 -31.39 -37.73 -37.99
CA TYR B 185 -31.58 -38.02 -36.57
C TYR B 185 -33.07 -38.16 -36.27
N SER B 186 -33.37 -39.00 -35.28
CA SER B 186 -34.71 -39.15 -34.75
C SER B 186 -34.64 -39.34 -33.25
N LEU B 187 -35.62 -38.78 -32.54
CA LEU B 187 -35.70 -38.98 -31.09
C LEU B 187 -37.15 -38.99 -30.68
N SER B 188 -37.39 -39.44 -29.45
CA SER B 188 -38.72 -39.46 -28.86
C SER B 188 -38.67 -38.83 -27.48
N SER B 189 -39.77 -38.20 -27.09
CA SER B 189 -39.93 -37.63 -25.75
C SER B 189 -41.27 -38.06 -25.21
N VAL B 190 -41.27 -38.65 -24.02
CA VAL B 190 -42.49 -39.12 -23.38
C VAL B 190 -42.63 -38.47 -22.01
N VAL B 191 -43.88 -38.39 -21.55
CA VAL B 191 -44.18 -37.82 -20.24
C VAL B 191 -45.28 -38.66 -19.59
N THR B 192 -45.02 -39.11 -18.37
CA THR B 192 -46.01 -39.87 -17.62
C THR B 192 -46.95 -38.90 -16.91
N VAL B 193 -48.24 -38.99 -17.23
CA VAL B 193 -49.25 -38.06 -16.71
C VAL B 193 -50.36 -38.88 -16.08
N PRO B 194 -51.16 -38.26 -15.20
CA PRO B 194 -52.31 -38.98 -14.62
C PRO B 194 -53.33 -39.35 -15.69
N SER B 195 -54.00 -40.48 -15.47
CA SER B 195 -55.01 -40.94 -16.43
C SER B 195 -56.27 -40.09 -16.37
N SER B 196 -56.61 -39.58 -15.18
CA SER B 196 -57.81 -38.76 -15.07
C SER B 196 -57.70 -37.48 -15.89
N SER B 197 -56.48 -36.97 -16.07
CA SER B 197 -56.31 -35.74 -16.84
C SER B 197 -56.55 -35.97 -18.33
N LEU B 198 -56.41 -37.21 -18.80
CA LEU B 198 -56.59 -37.50 -20.21
C LEU B 198 -57.98 -37.11 -20.68
N GLY B 199 -58.05 -36.32 -21.75
CA GLY B 199 -59.28 -35.84 -22.30
C GLY B 199 -59.71 -34.48 -21.78
N THR B 200 -59.35 -34.14 -20.54
CA THR B 200 -59.69 -32.86 -19.95
C THR B 200 -58.51 -31.91 -19.81
N GLN B 201 -57.29 -32.37 -20.04
CA GLN B 201 -56.11 -31.52 -20.00
C GLN B 201 -55.33 -31.68 -21.30
N THR B 202 -55.05 -30.55 -21.94
CA THR B 202 -54.33 -30.57 -23.21
C THR B 202 -52.84 -30.75 -22.96
N TYR B 203 -52.23 -31.67 -23.69
CA TYR B 203 -50.80 -31.92 -23.63
C TYR B 203 -50.20 -31.62 -25.00
N ILE B 204 -49.31 -30.63 -25.06
CA ILE B 204 -48.71 -30.16 -26.30
C ILE B 204 -47.20 -30.27 -26.16
N CYS B 205 -46.59 -31.14 -26.95
CA CYS B 205 -45.13 -31.19 -27.00
C CYS B 205 -44.63 -30.14 -27.97
N ASN B 206 -43.65 -29.36 -27.53
CA ASN B 206 -43.12 -28.25 -28.32
C ASN B 206 -41.74 -28.64 -28.83
N VAL B 207 -41.61 -28.76 -30.15
CA VAL B 207 -40.36 -29.14 -30.79
C VAL B 207 -39.77 -27.90 -31.46
N ASN B 208 -38.46 -27.74 -31.37
CA ASN B 208 -37.77 -26.59 -31.95
C ASN B 208 -36.43 -27.06 -32.49
N HIS B 209 -36.31 -27.08 -33.82
CA HIS B 209 -35.05 -27.42 -34.49
C HIS B 209 -34.46 -26.13 -35.02
N LYS B 210 -33.62 -25.49 -34.19
CA LYS B 210 -33.04 -24.20 -34.56
C LYS B 210 -32.23 -24.23 -35.85
N PRO B 211 -31.40 -25.25 -36.14
CA PRO B 211 -30.62 -25.20 -37.39
C PRO B 211 -31.47 -25.05 -38.64
N SER B 212 -32.66 -25.65 -38.70
CA SER B 212 -33.57 -25.47 -39.81
C SER B 212 -34.59 -24.37 -39.56
N ASN B 213 -34.48 -23.66 -38.45
CA ASN B 213 -35.41 -22.59 -38.09
C ASN B 213 -36.86 -23.08 -38.13
N THR B 214 -37.07 -24.29 -37.60
CA THR B 214 -38.38 -24.93 -37.59
C THR B 214 -38.81 -25.17 -36.16
N LYS B 215 -40.07 -24.86 -35.86
CA LYS B 215 -40.64 -25.10 -34.54
C LYS B 215 -42.05 -25.64 -34.71
N VAL B 216 -42.30 -26.81 -34.14
CA VAL B 216 -43.57 -27.52 -34.28
C VAL B 216 -44.16 -27.73 -32.89
N ASP B 217 -45.40 -27.31 -32.71
CA ASP B 217 -46.16 -27.60 -31.50
C ASP B 217 -47.15 -28.72 -31.80
N LYS B 218 -47.02 -29.83 -31.10
CA LYS B 218 -47.79 -31.03 -31.38
C LYS B 218 -48.68 -31.37 -30.18
N LYS B 219 -49.99 -31.35 -30.40
CA LYS B 219 -50.95 -31.73 -29.37
C LYS B 219 -51.14 -33.24 -29.39
N VAL B 220 -50.83 -33.90 -28.28
CA VAL B 220 -50.97 -35.35 -28.16
C VAL B 220 -52.25 -35.63 -27.37
N GLU B 221 -53.27 -36.12 -28.07
CA GLU B 221 -54.58 -36.39 -27.49
C GLU B 221 -54.89 -37.88 -27.56
N PRO B 222 -55.74 -38.39 -26.67
CA PRO B 222 -55.93 -39.84 -26.59
C PRO B 222 -56.69 -40.40 -27.78
N LYS B 223 -56.47 -41.69 -28.03
CA LYS B 223 -57.21 -42.40 -29.05
C LYS B 223 -58.67 -42.57 -28.62
N SER B 224 -59.58 -42.36 -29.57
CA SER B 224 -61.01 -42.52 -29.29
C SER B 224 -61.68 -43.36 -30.36
N SER C 1 3.73 -26.53 -24.96
CA SER C 1 4.98 -26.48 -24.20
C SER C 1 4.92 -27.42 -23.00
N TYR C 2 4.36 -26.93 -21.89
CA TYR C 2 4.21 -27.74 -20.70
C TYR C 2 3.22 -28.86 -20.96
N GLU C 3 3.55 -30.07 -20.47
CA GLU C 3 2.84 -31.28 -20.83
C GLU C 3 2.24 -31.91 -19.58
N LEU C 4 0.93 -31.81 -19.44
CA LEU C 4 0.20 -32.48 -18.37
C LEU C 4 -0.18 -33.89 -18.82
N THR C 5 -0.07 -34.85 -17.91
CA THR C 5 -0.31 -36.25 -18.22
C THR C 5 -1.26 -36.85 -17.19
N GLN C 6 -2.32 -37.49 -17.68
CA GLN C 6 -3.31 -38.17 -16.86
C GLN C 6 -3.45 -39.62 -17.32
N PRO C 7 -3.91 -40.51 -16.45
CA PRO C 7 -4.29 -41.85 -16.91
C PRO C 7 -5.57 -41.80 -17.72
N LEU C 8 -5.70 -42.75 -18.65
CA LEU C 8 -6.87 -42.78 -19.52
C LEU C 8 -8.14 -43.11 -18.76
N SER C 9 -8.05 -43.95 -17.72
CA SER C 9 -9.22 -44.31 -16.96
C SER C 9 -8.81 -44.73 -15.55
N VAL C 10 -9.74 -44.59 -14.61
CA VAL C 10 -9.56 -45.03 -13.23
C VAL C 10 -10.86 -45.69 -12.78
N SER C 11 -10.75 -46.81 -12.07
CA SER C 11 -11.90 -47.53 -11.58
C SER C 11 -11.82 -47.69 -10.06
N VAL C 12 -12.97 -47.53 -9.39
CA VAL C 12 -13.07 -47.72 -7.96
C VAL C 12 -14.41 -48.38 -7.65
N ALA C 13 -14.47 -49.06 -6.51
CA ALA C 13 -15.72 -49.64 -6.04
C ALA C 13 -16.50 -48.61 -5.25
N LEU C 14 -17.81 -48.87 -5.11
CA LEU C 14 -18.67 -47.97 -4.35
C LEU C 14 -18.16 -47.79 -2.93
N GLY C 15 -18.17 -46.55 -2.46
CA GLY C 15 -17.72 -46.24 -1.12
C GLY C 15 -16.23 -46.10 -0.95
N GLN C 16 -15.44 -46.59 -1.89
CA GLN C 16 -13.98 -46.49 -1.79
C GLN C 16 -13.52 -45.09 -2.23
N THR C 17 -12.22 -44.87 -2.15
CA THR C 17 -11.62 -43.58 -2.48
C THR C 17 -11.00 -43.64 -3.87
N ALA C 18 -11.38 -42.70 -4.72
CA ALA C 18 -10.83 -42.60 -6.07
C ALA C 18 -9.70 -41.58 -6.09
N ARG C 19 -8.67 -41.86 -6.89
CA ARG C 19 -7.50 -41.00 -6.99
C ARG C 19 -7.12 -40.85 -8.45
N ILE C 20 -7.15 -39.63 -8.96
CA ILE C 20 -6.80 -39.32 -10.34
C ILE C 20 -5.53 -38.48 -10.33
N THR C 21 -4.47 -38.98 -10.96
CA THR C 21 -3.17 -38.36 -10.91
C THR C 21 -2.95 -37.50 -12.16
N CYS C 22 -2.38 -36.32 -11.96
CA CYS C 22 -1.99 -35.42 -13.04
C CYS C 22 -0.48 -35.31 -13.05
N GLY C 23 0.14 -35.77 -14.13
CA GLY C 23 1.59 -35.81 -14.22
C GLY C 23 2.17 -34.58 -14.90
N GLY C 24 3.29 -34.10 -14.36
CA GLY C 24 3.97 -32.95 -14.92
C GLY C 24 5.27 -32.66 -14.22
N ASN C 25 6.31 -32.30 -14.97
CA ASN C 25 7.62 -32.02 -14.38
C ASN C 25 7.55 -30.78 -13.51
N ASN C 26 7.87 -30.94 -12.22
CA ASN C 26 7.81 -29.86 -11.24
C ASN C 26 6.41 -29.25 -11.17
N ILE C 27 5.41 -30.14 -11.13
CA ILE C 27 4.02 -29.67 -11.09
C ILE C 27 3.63 -29.18 -9.70
N GLY C 28 4.39 -29.54 -8.66
CA GLY C 28 4.03 -29.13 -7.32
C GLY C 28 4.12 -27.63 -7.11
N ILE C 29 4.91 -26.94 -7.92
CA ILE C 29 5.12 -25.51 -7.78
C ILE C 29 4.23 -24.79 -8.78
N LYS C 30 3.22 -25.49 -9.28
CA LYS C 30 2.30 -24.93 -10.26
C LYS C 30 0.86 -25.15 -9.79
N ASN C 31 0.00 -24.18 -10.10
CA ASN C 31 -1.39 -24.19 -9.66
C ASN C 31 -2.19 -25.11 -10.58
N VAL C 32 -2.63 -26.24 -10.03
CA VAL C 32 -3.39 -27.23 -10.79
C VAL C 32 -4.87 -27.08 -10.43
N HIS C 33 -5.71 -27.11 -11.46
CA HIS C 33 -7.16 -27.06 -11.29
C HIS C 33 -7.78 -28.32 -11.86
N TRP C 34 -8.85 -28.79 -11.23
CA TRP C 34 -9.52 -30.02 -11.65
C TRP C 34 -10.94 -29.69 -12.07
N TYR C 35 -11.36 -30.25 -13.21
CA TYR C 35 -12.70 -30.05 -13.76
C TYR C 35 -13.36 -31.40 -13.98
N GLN C 36 -14.66 -31.47 -13.67
CA GLN C 36 -15.45 -32.67 -13.88
C GLN C 36 -16.45 -32.42 -15.00
N GLN C 37 -16.63 -33.41 -15.87
CA GLN C 37 -17.59 -33.32 -16.97
C GLN C 37 -18.41 -34.61 -17.01
N ARG C 38 -19.61 -34.57 -16.44
CA ARG C 38 -20.51 -35.71 -16.45
C ARG C 38 -21.04 -35.95 -17.87
N PRO C 39 -21.56 -37.15 -18.14
CA PRO C 39 -22.03 -37.48 -19.50
C PRO C 39 -22.96 -36.43 -20.13
N GLY C 40 -22.45 -35.74 -21.14
CA GLY C 40 -23.28 -34.79 -21.89
C GLY C 40 -23.60 -33.51 -21.16
N GLN C 41 -22.75 -33.10 -20.21
CA GLN C 41 -22.97 -31.87 -19.47
C GLN C 41 -21.78 -30.94 -19.63
N ALA C 42 -21.96 -29.70 -19.22
CA ALA C 42 -20.87 -28.74 -19.21
C ALA C 42 -19.91 -29.05 -18.07
N PRO C 43 -18.62 -28.78 -18.25
CA PRO C 43 -17.65 -29.03 -17.18
C PRO C 43 -17.91 -28.14 -15.98
N VAL C 44 -17.45 -28.60 -14.81
CA VAL C 44 -17.57 -27.85 -13.57
C VAL C 44 -16.23 -27.92 -12.83
N LEU C 45 -15.84 -26.80 -12.24
CA LEU C 45 -14.63 -26.75 -11.43
C LEU C 45 -14.90 -27.39 -10.08
N VAL C 46 -14.20 -28.50 -9.78
CA VAL C 46 -14.41 -29.20 -8.53
C VAL C 46 -13.30 -28.86 -7.55
N ILE C 47 -12.11 -28.56 -8.07
CA ILE C 47 -10.95 -28.21 -7.27
C ILE C 47 -10.13 -27.18 -8.03
N TYR C 48 -9.88 -26.02 -7.40
CA TYR C 48 -9.03 -25.01 -7.98
C TYR C 48 -7.78 -24.82 -7.12
N THR C 49 -6.72 -24.33 -7.76
CA THR C 49 -5.35 -24.31 -7.26
C THR C 49 -5.08 -25.42 -6.25
N ASP C 50 -4.99 -26.66 -6.75
CA ASP C 50 -4.45 -27.81 -6.03
C ASP C 50 -5.42 -28.43 -5.01
N ILE C 51 -5.82 -27.67 -3.99
CA ILE C 51 -6.49 -28.24 -2.82
C ILE C 51 -7.78 -27.52 -2.46
N ASN C 52 -8.20 -26.49 -3.21
CA ASN C 52 -9.34 -25.67 -2.79
C ASN C 52 -10.65 -26.17 -3.39
N ARG C 53 -11.71 -26.09 -2.60
CA ARG C 53 -13.02 -26.63 -2.96
C ARG C 53 -14.02 -25.49 -3.10
N PRO C 54 -14.61 -25.29 -4.27
CA PRO C 54 -15.63 -24.24 -4.44
C PRO C 54 -16.90 -24.59 -3.67
N SER C 55 -17.80 -23.61 -3.61
CA SER C 55 -19.08 -23.80 -2.93
C SER C 55 -19.94 -24.80 -3.69
N GLY C 56 -20.66 -25.62 -2.94
CA GLY C 56 -21.55 -26.61 -3.50
C GLY C 56 -20.88 -27.93 -3.86
N ILE C 57 -19.56 -27.94 -4.04
CA ILE C 57 -18.86 -29.20 -4.30
C ILE C 57 -18.88 -30.06 -3.05
N PRO C 58 -19.30 -31.33 -3.15
CA PRO C 58 -19.35 -32.17 -1.94
C PRO C 58 -17.98 -32.33 -1.30
N GLU C 59 -17.99 -32.44 0.02
CA GLU C 59 -16.76 -32.48 0.80
C GLU C 59 -15.94 -33.74 0.56
N ARG C 60 -16.49 -34.74 -0.12
CA ARG C 60 -15.70 -35.92 -0.48
C ARG C 60 -14.72 -35.64 -1.61
N PHE C 61 -14.71 -34.42 -2.15
CA PHE C 61 -13.73 -33.99 -3.14
C PHE C 61 -12.58 -33.26 -2.43
N SER C 62 -11.36 -33.71 -2.68
CA SER C 62 -10.18 -33.02 -2.18
C SER C 62 -9.06 -33.18 -3.22
N GLY C 63 -7.94 -32.52 -2.95
CA GLY C 63 -6.81 -32.58 -3.85
C GLY C 63 -5.50 -32.51 -3.10
N SER C 64 -4.43 -32.83 -3.83
CA SER C 64 -3.08 -32.74 -3.30
C SER C 64 -2.12 -32.51 -4.46
N ASN C 65 -0.95 -31.96 -4.16
CA ASN C 65 0.03 -31.68 -5.20
C ASN C 65 1.40 -31.58 -4.57
N SER C 66 2.32 -32.41 -5.04
CA SER C 66 3.70 -32.38 -4.60
C SER C 66 4.56 -32.97 -5.71
N GLY C 67 5.87 -32.71 -5.62
CA GLY C 67 6.85 -33.26 -6.53
C GLY C 67 6.49 -33.13 -7.99
N ASN C 68 6.18 -34.26 -8.63
CA ASN C 68 5.83 -34.29 -10.04
C ASN C 68 4.40 -34.74 -10.31
N THR C 69 3.59 -34.95 -9.27
CA THR C 69 2.26 -35.52 -9.45
C THR C 69 1.24 -34.77 -8.61
N ALA C 70 0.18 -34.29 -9.26
CA ALA C 70 -0.98 -33.74 -8.58
C ALA C 70 -2.10 -34.77 -8.62
N THR C 71 -2.96 -34.73 -7.60
CA THR C 71 -3.98 -35.77 -7.45
C THR C 71 -5.31 -35.15 -7.06
N LEU C 72 -6.37 -35.64 -7.70
CA LEU C 72 -7.74 -35.39 -7.27
C LEU C 72 -8.22 -36.59 -6.49
N ILE C 73 -8.74 -36.36 -5.28
CA ILE C 73 -9.12 -37.42 -4.36
C ILE C 73 -10.62 -37.34 -4.11
N ILE C 74 -11.32 -38.45 -4.36
CA ILE C 74 -12.76 -38.54 -4.18
C ILE C 74 -13.02 -39.69 -3.21
N SER C 75 -13.27 -39.37 -1.94
CA SER C 75 -13.63 -40.39 -0.97
C SER C 75 -15.11 -40.72 -1.10
N LYS C 76 -15.47 -41.91 -0.61
CA LYS C 76 -16.84 -42.41 -0.64
C LYS C 76 -17.46 -42.25 -2.03
N ALA C 77 -16.86 -42.95 -3.00
CA ALA C 77 -17.26 -42.81 -4.39
C ALA C 77 -18.73 -43.19 -4.57
N GLN C 78 -19.47 -42.34 -5.27
CA GLN C 78 -20.87 -42.57 -5.56
C GLN C 78 -21.08 -42.80 -7.05
N ALA C 79 -22.25 -43.32 -7.39
CA ALA C 79 -22.55 -43.60 -8.79
C ALA C 79 -22.54 -42.33 -9.63
N GLY C 80 -22.89 -41.19 -9.03
CA GLY C 80 -22.91 -39.95 -9.76
C GLY C 80 -21.55 -39.32 -9.99
N ASP C 81 -20.49 -39.92 -9.45
CA ASP C 81 -19.15 -39.39 -9.65
C ASP C 81 -18.52 -39.83 -10.95
N GLU C 82 -19.15 -40.74 -11.70
CA GLU C 82 -18.60 -41.18 -12.97
C GLU C 82 -18.65 -40.05 -13.98
N ALA C 83 -17.48 -39.66 -14.49
CA ALA C 83 -17.38 -38.54 -15.42
C ALA C 83 -15.97 -38.55 -16.00
N ASP C 84 -15.64 -37.48 -16.72
CA ASP C 84 -14.28 -37.23 -17.19
C ASP C 84 -13.69 -36.10 -16.35
N TYR C 85 -12.47 -36.31 -15.86
CA TYR C 85 -11.80 -35.34 -15.00
C TYR C 85 -10.52 -34.86 -15.68
N PHE C 86 -10.38 -33.53 -15.78
CA PHE C 86 -9.27 -32.90 -16.47
C PHE C 86 -8.50 -32.01 -15.50
N CYS C 87 -7.17 -32.00 -15.61
CA CYS C 87 -6.35 -31.03 -14.90
C CYS C 87 -5.87 -29.96 -15.88
N GLN C 88 -5.65 -28.76 -15.35
CA GLN C 88 -5.32 -27.60 -16.16
C GLN C 88 -4.46 -26.65 -15.37
N VAL C 89 -3.49 -26.03 -16.04
CA VAL C 89 -2.53 -25.13 -15.42
C VAL C 89 -2.32 -23.91 -16.32
N TRP C 90 -1.52 -22.97 -15.83
CA TRP C 90 -1.08 -21.80 -16.59
C TRP C 90 0.45 -21.82 -16.64
N ASP C 91 1.00 -22.22 -17.78
CA ASP C 91 2.44 -22.27 -17.98
C ASP C 91 2.79 -21.45 -19.22
N SER C 92 3.82 -20.61 -19.10
CA SER C 92 4.27 -19.74 -20.18
C SER C 92 3.14 -18.86 -20.70
N ASN C 93 2.25 -18.45 -19.82
CA ASN C 93 1.08 -17.63 -20.16
C ASN C 93 0.24 -18.31 -21.25
N THR C 94 -0.08 -19.58 -21.02
CA THR C 94 -0.93 -20.35 -21.89
C THR C 94 -1.81 -21.26 -21.04
N VAL C 95 -2.94 -21.66 -21.59
CA VAL C 95 -3.78 -22.68 -20.98
C VAL C 95 -3.29 -24.05 -21.43
N VAL C 96 -3.20 -24.99 -20.50
CA VAL C 96 -2.74 -26.35 -20.79
C VAL C 96 -3.65 -27.32 -20.08
N PHE C 97 -4.37 -28.14 -20.85
CA PHE C 97 -5.24 -29.17 -20.30
C PHE C 97 -4.53 -30.52 -20.29
N GLY C 98 -5.06 -31.43 -19.49
CA GLY C 98 -4.61 -32.80 -19.51
C GLY C 98 -5.47 -33.65 -20.43
N GLY C 99 -4.97 -34.86 -20.71
CA GLY C 99 -5.71 -35.79 -21.55
C GLY C 99 -7.05 -36.19 -20.99
N GLY C 100 -7.25 -36.07 -19.69
CA GLY C 100 -8.50 -36.46 -19.07
C GLY C 100 -8.48 -37.89 -18.59
N THR C 101 -9.27 -38.15 -17.55
CA THR C 101 -9.38 -39.47 -16.95
C THR C 101 -10.85 -39.85 -16.85
N LYS C 102 -11.19 -41.06 -17.29
CA LYS C 102 -12.56 -41.56 -17.26
C LYS C 102 -12.72 -42.40 -15.99
N LEU C 103 -13.53 -41.91 -15.06
CA LEU C 103 -13.74 -42.57 -13.79
C LEU C 103 -14.98 -43.46 -13.88
N THR C 104 -14.79 -44.76 -13.69
CA THR C 104 -15.88 -45.73 -13.64
C THR C 104 -15.99 -46.27 -12.23
N VAL C 105 -17.18 -46.18 -11.66
CA VAL C 105 -17.44 -46.68 -10.30
C VAL C 105 -17.94 -48.12 -10.41
N LEU C 106 -17.16 -49.05 -9.87
CA LEU C 106 -17.51 -50.46 -9.93
C LEU C 106 -18.48 -50.83 -8.82
N SER C 107 -18.94 -52.08 -8.86
CA SER C 107 -19.79 -52.70 -7.85
C SER C 107 -21.18 -52.06 -7.76
N GLN C 108 -21.62 -51.34 -8.78
CA GLN C 108 -22.93 -50.73 -8.74
C GLN C 108 -24.02 -51.81 -8.87
N PRO C 109 -25.17 -51.61 -8.23
CA PRO C 109 -26.24 -52.60 -8.29
C PRO C 109 -26.96 -52.58 -9.63
N LYS C 110 -27.38 -53.77 -10.05
CA LYS C 110 -28.06 -53.94 -11.32
C LYS C 110 -29.53 -53.55 -11.22
N ALA C 111 -30.07 -53.03 -12.32
CA ALA C 111 -31.45 -52.57 -12.38
C ALA C 111 -32.09 -53.03 -13.68
N ALA C 112 -33.33 -53.52 -13.57
CA ALA C 112 -34.03 -54.07 -14.73
C ALA C 112 -34.67 -52.96 -15.55
N PRO C 113 -34.61 -53.07 -16.88
CA PRO C 113 -35.16 -52.00 -17.74
C PRO C 113 -36.68 -52.06 -17.83
N SER C 114 -37.29 -50.88 -17.84
CA SER C 114 -38.71 -50.74 -18.15
C SER C 114 -38.85 -50.44 -19.63
N VAL C 115 -39.73 -51.17 -20.31
CA VAL C 115 -39.87 -51.11 -21.76
C VAL C 115 -41.26 -50.60 -22.11
N THR C 116 -41.31 -49.62 -23.01
CA THR C 116 -42.56 -49.07 -23.52
C THR C 116 -42.51 -49.11 -25.04
N LEU C 117 -43.57 -49.64 -25.66
CA LEU C 117 -43.64 -49.82 -27.11
C LEU C 117 -44.84 -49.08 -27.65
N PHE C 118 -44.60 -48.21 -28.64
CA PHE C 118 -45.67 -47.44 -29.28
C PHE C 118 -45.87 -47.92 -30.70
N PRO C 119 -47.12 -48.11 -31.14
CA PRO C 119 -47.39 -48.48 -32.52
C PRO C 119 -47.35 -47.27 -33.42
N PRO C 120 -47.38 -47.45 -34.75
CA PRO C 120 -47.42 -46.29 -35.64
C PRO C 120 -48.67 -45.44 -35.39
N SER C 121 -48.47 -44.13 -35.31
CA SER C 121 -49.60 -43.23 -35.09
C SER C 121 -50.46 -43.15 -36.35
N SER C 122 -51.77 -43.01 -36.14
CA SER C 122 -52.68 -42.84 -37.26
C SER C 122 -52.31 -41.62 -38.09
N GLU C 123 -51.73 -40.59 -37.47
CA GLU C 123 -51.29 -39.42 -38.21
C GLU C 123 -50.10 -39.75 -39.11
N GLU C 124 -49.19 -40.61 -38.64
CA GLU C 124 -48.05 -40.99 -39.46
C GLU C 124 -48.45 -41.89 -40.60
N LEU C 125 -49.40 -42.81 -40.37
CA LEU C 125 -49.87 -43.68 -41.43
C LEU C 125 -50.41 -42.89 -42.61
N GLN C 126 -51.01 -41.73 -42.35
CA GLN C 126 -51.52 -40.88 -43.44
C GLN C 126 -50.38 -40.27 -44.24
N ALA C 127 -49.18 -40.16 -43.68
CA ALA C 127 -48.02 -39.65 -44.38
C ALA C 127 -47.28 -40.72 -45.17
N ASN C 128 -47.94 -41.87 -45.41
CA ASN C 128 -47.35 -43.01 -46.11
C ASN C 128 -46.12 -43.56 -45.40
N LYS C 129 -46.01 -43.33 -44.09
CA LYS C 129 -44.91 -43.82 -43.29
C LYS C 129 -45.46 -44.61 -42.10
N ALA C 130 -44.57 -45.30 -41.40
CA ALA C 130 -44.94 -46.07 -40.22
C ALA C 130 -43.69 -46.37 -39.42
N THR C 131 -43.67 -45.99 -38.15
CA THR C 131 -42.50 -46.17 -37.29
C THR C 131 -42.93 -46.75 -35.95
N LEU C 132 -42.36 -47.89 -35.58
CA LEU C 132 -42.53 -48.47 -34.26
C LEU C 132 -41.42 -47.97 -33.35
N VAL C 133 -41.80 -47.56 -32.13
CA VAL C 133 -40.88 -46.95 -31.19
C VAL C 133 -40.81 -47.80 -29.93
N CYS C 134 -39.61 -48.24 -29.57
CA CYS C 134 -39.39 -49.08 -28.39
C CYS C 134 -38.45 -48.32 -27.45
N LEU C 135 -39.01 -47.79 -26.37
CA LEU C 135 -38.27 -46.94 -25.43
C LEU C 135 -37.91 -47.75 -24.19
N ILE C 136 -36.62 -47.83 -23.89
CA ILE C 136 -36.08 -48.64 -22.81
C ILE C 136 -35.33 -47.72 -21.86
N SER C 137 -35.62 -47.84 -20.56
CA SER C 137 -35.08 -46.90 -19.60
C SER C 137 -34.85 -47.58 -18.26
N ASP C 138 -34.07 -46.89 -17.41
CA ASP C 138 -33.92 -47.24 -15.99
C ASP C 138 -33.24 -48.59 -15.78
N PHE C 139 -32.18 -48.86 -16.54
CA PHE C 139 -31.46 -50.11 -16.40
C PHE C 139 -29.97 -49.85 -16.18
N TYR C 140 -29.35 -50.77 -15.44
CA TYR C 140 -27.92 -50.79 -15.20
C TYR C 140 -27.52 -52.26 -15.10
N PRO C 141 -26.40 -52.68 -15.71
CA PRO C 141 -25.49 -51.84 -16.51
C PRO C 141 -26.05 -51.46 -17.87
N GLY C 142 -25.34 -50.61 -18.60
CA GLY C 142 -25.82 -50.11 -19.88
C GLY C 142 -25.51 -51.01 -21.05
N ALA C 143 -25.95 -52.26 -20.99
CA ALA C 143 -25.73 -53.22 -22.07
C ALA C 143 -27.02 -53.99 -22.30
N VAL C 144 -27.71 -53.67 -23.39
CA VAL C 144 -28.94 -54.35 -23.76
C VAL C 144 -28.89 -54.69 -25.24
N THR C 145 -29.59 -55.76 -25.61
CA THR C 145 -29.81 -56.12 -27.00
C THR C 145 -31.30 -56.00 -27.30
N VAL C 146 -31.62 -55.61 -28.52
CA VAL C 146 -33.00 -55.39 -28.94
C VAL C 146 -33.25 -56.20 -30.20
N ALA C 147 -34.35 -56.95 -30.21
CA ALA C 147 -34.78 -57.70 -31.38
C ALA C 147 -36.24 -57.36 -31.68
N TRP C 148 -36.55 -57.20 -32.96
CA TRP C 148 -37.91 -56.94 -33.42
C TRP C 148 -38.47 -58.18 -34.08
N LYS C 149 -39.76 -58.41 -33.89
CA LYS C 149 -40.43 -59.58 -34.43
C LYS C 149 -41.66 -59.16 -35.22
N ALA C 150 -41.82 -59.74 -36.41
CA ALA C 150 -43.04 -59.60 -37.20
C ALA C 150 -43.83 -60.89 -37.02
N ASP C 151 -44.98 -60.79 -36.36
CA ASP C 151 -45.71 -61.96 -35.87
C ASP C 151 -44.79 -62.78 -34.97
N SER C 152 -44.05 -63.71 -35.57
CA SER C 152 -43.02 -64.46 -34.85
C SER C 152 -41.72 -64.55 -35.65
N SER C 153 -41.62 -63.83 -36.77
CA SER C 153 -40.47 -63.78 -37.67
C SER C 153 -39.53 -62.64 -37.28
N PRO C 154 -38.23 -62.84 -37.44
CA PRO C 154 -37.28 -61.76 -37.13
C PRO C 154 -37.34 -60.65 -38.17
N VAL C 155 -37.23 -59.41 -37.69
CA VAL C 155 -37.26 -58.23 -38.54
C VAL C 155 -35.83 -57.73 -38.72
N LYS C 156 -35.41 -57.61 -39.98
CA LYS C 156 -34.02 -57.30 -40.32
C LYS C 156 -33.82 -55.81 -40.49
N ALA C 157 -34.18 -55.29 -41.66
CA ALA C 157 -33.90 -53.91 -42.03
C ALA C 157 -34.92 -52.97 -41.41
N GLY C 158 -34.63 -51.67 -41.50
CA GLY C 158 -35.50 -50.66 -40.93
C GLY C 158 -35.40 -50.52 -39.43
N VAL C 159 -34.37 -51.07 -38.80
CA VAL C 159 -34.20 -51.03 -37.36
C VAL C 159 -33.07 -50.08 -37.02
N GLU C 160 -33.34 -49.10 -36.17
CA GLU C 160 -32.34 -48.16 -35.70
C GLU C 160 -32.37 -48.15 -34.18
N THR C 161 -31.24 -48.49 -33.57
CA THR C 161 -31.13 -48.60 -32.11
C THR C 161 -29.98 -47.74 -31.63
N THR C 162 -30.17 -47.09 -30.47
CA THR C 162 -29.17 -46.21 -29.90
C THR C 162 -28.24 -46.97 -28.97
N THR C 163 -27.10 -46.34 -28.70
CA THR C 163 -26.24 -46.79 -27.61
C THR C 163 -26.78 -46.22 -26.30
N PRO C 164 -26.86 -47.03 -25.24
CA PRO C 164 -27.42 -46.53 -23.98
C PRO C 164 -26.64 -45.33 -23.45
N SER C 165 -27.36 -44.46 -22.74
CA SER C 165 -26.78 -43.25 -22.17
C SER C 165 -27.21 -43.11 -20.72
N LYS C 166 -26.37 -42.46 -19.93
CA LYS C 166 -26.63 -42.29 -18.51
C LYS C 166 -27.82 -41.35 -18.29
N GLN C 167 -28.74 -41.76 -17.43
CA GLN C 167 -29.85 -40.92 -17.02
C GLN C 167 -29.40 -39.98 -15.91
N SER C 168 -30.32 -39.13 -15.45
CA SER C 168 -30.03 -38.30 -14.28
C SER C 168 -29.86 -39.15 -13.03
N ASN C 169 -30.62 -40.24 -12.92
CA ASN C 169 -30.54 -41.15 -11.79
C ASN C 169 -29.42 -42.17 -11.91
N ASN C 170 -28.45 -41.91 -12.79
CA ASN C 170 -27.25 -42.73 -13.00
C ASN C 170 -27.56 -44.09 -13.63
N LYS C 171 -28.77 -44.30 -14.12
CA LYS C 171 -29.12 -45.50 -14.86
C LYS C 171 -29.11 -45.19 -16.35
N TYR C 172 -29.28 -46.23 -17.17
CA TYR C 172 -29.15 -46.10 -18.61
C TYR C 172 -30.50 -46.14 -19.29
N ALA C 173 -30.57 -45.45 -20.44
CA ALA C 173 -31.76 -45.40 -21.27
C ALA C 173 -31.38 -45.67 -22.71
N ALA C 174 -32.30 -46.28 -23.45
CA ALA C 174 -32.06 -46.60 -24.85
C ALA C 174 -33.37 -46.52 -25.62
N SER C 175 -33.25 -46.40 -26.93
CA SER C 175 -34.41 -46.33 -27.81
C SER C 175 -34.12 -47.05 -29.11
N SER C 176 -35.12 -47.80 -29.59
CA SER C 176 -35.02 -48.55 -30.83
C SER C 176 -36.24 -48.25 -31.69
N TYR C 177 -36.01 -48.08 -32.99
CA TYR C 177 -37.06 -47.70 -33.93
C TYR C 177 -37.14 -48.72 -35.06
N LEU C 178 -38.37 -49.01 -35.51
CA LEU C 178 -38.61 -49.90 -36.64
C LEU C 178 -39.46 -49.15 -37.66
N SER C 179 -38.89 -48.90 -38.83
CA SER C 179 -39.58 -48.21 -39.91
C SER C 179 -40.23 -49.23 -40.83
N LEU C 180 -41.54 -49.11 -41.02
CA LEU C 180 -42.30 -50.00 -41.88
C LEU C 180 -43.08 -49.19 -42.90
N THR C 181 -43.49 -49.85 -43.97
CA THR C 181 -44.47 -49.24 -44.84
C THR C 181 -45.87 -49.45 -44.25
N PRO C 182 -46.79 -48.51 -44.48
CA PRO C 182 -48.15 -48.69 -43.92
C PRO C 182 -48.81 -49.99 -44.35
N GLU C 183 -48.42 -50.53 -45.50
CA GLU C 183 -48.97 -51.80 -45.96
C GLU C 183 -48.34 -52.97 -45.22
N GLN C 184 -47.07 -52.87 -44.83
CA GLN C 184 -46.45 -53.90 -44.00
C GLN C 184 -47.07 -53.95 -42.62
N TRP C 185 -47.29 -52.78 -42.01
CA TRP C 185 -47.82 -52.73 -40.66
C TRP C 185 -49.24 -53.29 -40.58
N LYS C 186 -50.05 -53.09 -41.62
CA LYS C 186 -51.39 -53.65 -41.65
C LYS C 186 -51.41 -55.11 -42.12
N SER C 187 -50.30 -55.62 -42.65
CA SER C 187 -50.29 -56.96 -43.20
C SER C 187 -50.08 -58.02 -42.13
N HIS C 188 -49.28 -57.72 -41.12
CA HIS C 188 -48.94 -58.69 -40.09
C HIS C 188 -49.90 -58.59 -38.91
N LYS C 189 -50.04 -59.71 -38.19
CA LYS C 189 -50.99 -59.75 -37.08
C LYS C 189 -50.51 -58.92 -35.89
N SER C 190 -49.19 -58.85 -35.67
CA SER C 190 -48.64 -58.11 -34.55
C SER C 190 -47.15 -57.93 -34.75
N TYR C 191 -46.61 -56.91 -34.09
CA TYR C 191 -45.18 -56.66 -34.03
C TYR C 191 -44.73 -56.61 -32.58
N SER C 192 -43.50 -57.08 -32.33
CA SER C 192 -42.99 -57.20 -30.97
C SER C 192 -41.57 -56.65 -30.89
N CYS C 193 -41.29 -56.00 -29.75
CA CYS C 193 -39.95 -55.53 -29.41
C CYS C 193 -39.44 -56.37 -28.25
N GLN C 194 -38.30 -57.02 -28.45
CA GLN C 194 -37.70 -57.89 -27.44
C GLN C 194 -36.44 -57.23 -26.91
N VAL C 195 -36.39 -57.01 -25.59
CA VAL C 195 -35.27 -56.37 -24.92
C VAL C 195 -34.65 -57.38 -23.95
N THR C 196 -33.40 -57.75 -24.21
CA THR C 196 -32.65 -58.63 -23.34
C THR C 196 -31.65 -57.80 -22.52
N HIS C 197 -31.71 -57.95 -21.20
CA HIS C 197 -30.80 -57.24 -20.30
C HIS C 197 -30.37 -58.19 -19.20
N GLU C 198 -29.08 -58.51 -19.18
CA GLU C 198 -28.48 -59.34 -18.13
C GLU C 198 -29.19 -60.69 -18.01
N GLY C 199 -29.43 -61.31 -19.17
CA GLY C 199 -30.04 -62.63 -19.18
C GLY C 199 -31.51 -62.66 -18.84
N SER C 200 -32.18 -61.51 -18.89
CA SER C 200 -33.62 -61.44 -18.70
C SER C 200 -34.26 -60.78 -19.92
N THR C 201 -35.44 -61.27 -20.29
CA THR C 201 -36.09 -60.87 -21.53
C THR C 201 -37.44 -60.22 -21.22
N VAL C 202 -37.67 -59.04 -21.79
CA VAL C 202 -38.95 -58.35 -21.73
C VAL C 202 -39.40 -58.10 -23.16
N GLU C 203 -40.58 -58.61 -23.52
CA GLU C 203 -41.14 -58.45 -24.86
C GLU C 203 -42.49 -57.76 -24.76
N LYS C 204 -42.67 -56.73 -25.57
CA LYS C 204 -43.95 -56.04 -25.68
C LYS C 204 -44.43 -56.12 -27.13
N THR C 205 -45.75 -56.07 -27.31
CA THR C 205 -46.36 -56.34 -28.60
C THR C 205 -47.48 -55.36 -28.86
N VAL C 206 -47.59 -54.90 -30.11
CA VAL C 206 -48.66 -54.02 -30.56
C VAL C 206 -49.30 -54.60 -31.81
N ALA C 207 -50.56 -54.24 -32.05
CA ALA C 207 -51.34 -54.73 -33.17
C ALA C 207 -52.15 -53.58 -33.77
N PRO C 208 -52.50 -53.66 -35.06
CA PRO C 208 -53.20 -52.54 -35.69
C PRO C 208 -54.72 -52.64 -35.64
N THR C 209 -55.36 -51.52 -35.26
CA THR C 209 -56.80 -51.27 -35.37
C THR C 209 -57.12 -49.96 -34.68
N GLU C 210 -58.38 -49.52 -34.75
CA GLU C 210 -58.80 -48.32 -34.05
C GLU C 210 -59.04 -48.62 -32.56
N LEU D 50 12.83 2.04 -30.18
CA LEU D 50 14.25 2.23 -30.43
C LEU D 50 15.11 1.36 -29.53
N HIS D 51 16.43 1.54 -29.65
CA HIS D 51 17.41 0.96 -28.75
C HIS D 51 17.86 2.03 -27.77
N LEU D 52 17.75 1.74 -26.47
CA LEU D 52 17.88 2.75 -25.43
C LEU D 52 19.05 2.48 -24.48
N GLY D 53 20.10 1.82 -24.96
CA GLY D 53 21.33 1.72 -24.20
C GLY D 53 21.13 1.05 -22.85
N LYS D 54 21.70 1.67 -21.82
CA LYS D 54 21.69 1.12 -20.46
C LYS D 54 20.48 1.57 -19.64
N CYS D 55 19.37 1.89 -20.28
CA CYS D 55 18.13 2.21 -19.58
C CYS D 55 17.08 1.16 -19.87
N ASN D 56 16.07 1.10 -19.01
CA ASN D 56 14.95 0.19 -19.19
C ASN D 56 13.73 0.96 -19.67
N ILE D 57 12.65 0.23 -19.95
CA ILE D 57 11.43 0.87 -20.42
C ILE D 57 10.90 1.84 -19.37
N ALA D 58 10.80 1.39 -18.13
CA ALA D 58 10.23 2.23 -17.07
C ALA D 58 11.03 3.53 -16.91
N GLY D 59 12.34 3.42 -16.78
CA GLY D 59 13.16 4.62 -16.65
C GLY D 59 13.13 5.50 -17.89
N TRP D 60 12.92 4.91 -19.06
CA TRP D 60 12.83 5.69 -20.29
C TRP D 60 11.48 6.38 -20.42
N ILE D 61 10.39 5.67 -20.11
CA ILE D 61 9.07 6.29 -20.23
C ILE D 61 8.83 7.27 -19.09
N LEU D 62 9.29 6.93 -17.89
CA LEU D 62 9.23 7.89 -16.78
C LEU D 62 10.22 9.03 -16.98
N GLY D 63 11.35 8.75 -17.62
CA GLY D 63 12.36 9.75 -17.85
C GLY D 63 13.34 9.87 -16.70
N ASN D 64 14.06 8.77 -16.43
CA ASN D 64 15.10 8.78 -15.41
C ASN D 64 16.16 9.84 -15.76
N PRO D 65 16.83 10.40 -14.77
CA PRO D 65 17.85 11.42 -15.06
C PRO D 65 18.96 10.92 -15.98
N GLU D 66 19.29 9.63 -15.94
CA GLU D 66 20.34 9.12 -16.82
C GLU D 66 19.82 8.85 -18.22
N CYS D 67 18.62 8.26 -18.34
CA CYS D 67 18.02 8.10 -19.66
C CYS D 67 17.90 9.44 -20.37
N GLU D 68 17.61 10.49 -19.61
CA GLU D 68 17.71 11.89 -20.04
C GLU D 68 16.68 12.25 -21.10
N SER D 69 16.32 13.53 -21.14
CA SER D 69 15.38 14.01 -22.15
C SER D 69 16.01 13.89 -23.53
N LEU D 70 15.55 12.91 -24.31
CA LEU D 70 16.11 12.64 -25.63
C LEU D 70 15.10 13.01 -26.70
N SER D 71 15.62 13.36 -27.88
CA SER D 71 14.75 13.65 -29.02
C SER D 71 13.95 12.41 -29.40
N THR D 72 14.60 11.24 -29.46
CA THR D 72 13.97 9.95 -29.70
C THR D 72 13.33 9.89 -31.09
N ALA D 73 12.93 8.70 -31.52
CA ALA D 73 12.27 8.53 -32.80
C ALA D 73 10.75 8.68 -32.63
N SER D 74 10.03 8.57 -33.73
CA SER D 74 8.58 8.69 -33.72
C SER D 74 7.85 7.39 -33.98
N SER D 75 8.55 6.34 -34.42
CA SER D 75 7.92 5.08 -34.75
C SER D 75 8.91 3.95 -34.57
N TRP D 76 8.42 2.80 -34.08
CA TRP D 76 9.25 1.63 -33.90
C TRP D 76 8.35 0.40 -33.90
N SER D 77 8.96 -0.74 -34.20
CA SER D 77 8.25 -2.02 -34.21
C SER D 77 8.55 -2.87 -32.99
N TYR D 78 9.78 -2.81 -32.47
CA TYR D 78 10.17 -3.54 -31.27
C TYR D 78 11.09 -2.65 -30.44
N ILE D 79 11.47 -3.15 -29.26
CA ILE D 79 12.31 -2.40 -28.32
C ILE D 79 13.43 -3.32 -27.86
N VAL D 80 14.65 -2.80 -27.86
CA VAL D 80 15.83 -3.55 -27.46
C VAL D 80 16.24 -3.07 -26.07
N GLU D 81 16.11 -3.95 -25.08
CA GLU D 81 16.47 -3.65 -23.71
C GLU D 81 17.67 -4.47 -23.28
N THR D 82 18.31 -4.01 -22.21
CA THR D 82 19.41 -4.77 -21.62
C THR D 82 18.87 -5.73 -20.56
N PRO D 83 19.26 -7.00 -20.59
CA PRO D 83 18.96 -7.88 -19.46
C PRO D 83 19.58 -7.33 -18.18
N SER D 84 18.74 -6.72 -17.34
CA SER D 84 19.12 -5.90 -16.19
C SER D 84 19.64 -4.54 -16.65
N SER D 85 18.99 -3.47 -16.18
CA SER D 85 19.39 -2.10 -16.50
C SER D 85 19.60 -1.34 -15.21
N ASP D 86 20.66 -0.53 -15.18
CA ASP D 86 21.02 0.18 -13.95
C ASP D 86 19.98 1.26 -13.61
N ASN D 87 19.53 2.00 -14.62
CA ASN D 87 18.65 3.16 -14.40
C ASN D 87 17.23 2.77 -14.77
N GLY D 88 16.48 2.29 -13.78
CA GLY D 88 15.06 2.04 -13.95
C GLY D 88 14.24 3.10 -13.23
N THR D 89 13.64 2.73 -12.10
CA THR D 89 12.94 3.68 -11.25
C THR D 89 13.91 4.13 -10.16
N CYS D 90 14.32 5.40 -10.22
CA CYS D 90 15.30 5.90 -9.26
C CYS D 90 14.71 6.02 -7.87
N TYR D 91 13.46 6.44 -7.76
CA TYR D 91 12.91 6.35 -6.42
C TYR D 91 12.31 4.96 -6.20
N PRO D 92 12.56 4.34 -5.04
CA PRO D 92 12.09 2.97 -4.82
C PRO D 92 10.57 2.86 -4.91
N GLY D 93 10.13 1.72 -5.44
CA GLY D 93 8.71 1.50 -5.64
C GLY D 93 8.51 0.30 -6.55
N ASP D 94 7.25 0.12 -6.95
CA ASP D 94 6.83 -1.02 -7.76
C ASP D 94 5.95 -0.53 -8.89
N PHE D 95 6.43 -0.69 -10.12
CA PHE D 95 5.70 -0.22 -11.30
C PHE D 95 4.53 -1.16 -11.57
N ILE D 96 3.30 -0.65 -11.40
CA ILE D 96 2.10 -1.46 -11.54
C ILE D 96 1.76 -1.64 -13.02
N ASP D 97 1.42 -2.88 -13.39
CA ASP D 97 1.06 -3.23 -14.77
C ASP D 97 2.22 -2.95 -15.74
N TYR D 98 3.43 -3.21 -15.26
CA TYR D 98 4.62 -2.99 -16.09
C TYR D 98 4.61 -3.87 -17.33
N GLU D 99 4.22 -5.14 -17.16
CA GLU D 99 4.17 -6.03 -18.32
C GLU D 99 3.10 -5.60 -19.31
N GLU D 100 1.96 -5.11 -18.82
CA GLU D 100 0.95 -4.57 -19.71
C GLU D 100 1.50 -3.40 -20.51
N LEU D 101 2.14 -2.45 -19.83
CA LEU D 101 2.71 -1.30 -20.53
C LEU D 101 3.87 -1.70 -21.44
N ARG D 102 4.60 -2.76 -21.08
CA ARG D 102 5.71 -3.21 -21.92
C ARG D 102 5.21 -3.64 -23.30
N GLU D 103 4.08 -4.33 -23.35
CA GLU D 103 3.58 -4.80 -24.63
C GLU D 103 2.85 -3.71 -25.41
N GLN D 104 2.18 -2.79 -24.72
CA GLN D 104 1.52 -1.69 -25.41
C GLN D 104 2.54 -0.80 -26.13
N LEU D 105 3.71 -0.63 -25.53
CA LEU D 105 4.78 0.18 -26.09
C LEU D 105 5.71 -0.61 -27.01
N SER D 106 5.44 -1.89 -27.25
CA SER D 106 6.34 -2.70 -28.04
C SER D 106 6.39 -2.22 -29.49
N SER D 107 5.22 -1.98 -30.08
CA SER D 107 5.13 -1.51 -31.47
C SER D 107 4.26 -0.27 -31.50
N VAL D 108 4.84 0.84 -31.96
CA VAL D 108 4.15 2.12 -32.03
C VAL D 108 4.44 2.75 -33.39
N SER D 109 3.40 3.24 -34.06
CA SER D 109 3.53 3.88 -35.35
C SER D 109 3.68 5.40 -35.27
N SER D 110 3.05 6.04 -34.29
CA SER D 110 3.17 7.48 -34.11
C SER D 110 3.34 7.75 -32.62
N PHE D 111 4.46 8.38 -32.25
CA PHE D 111 4.80 8.64 -30.86
C PHE D 111 5.23 10.09 -30.72
N GLU D 112 4.49 10.84 -29.91
CA GLU D 112 4.75 12.27 -29.72
C GLU D 112 4.51 12.62 -28.26
N ARG D 113 5.55 13.10 -27.59
CA ARG D 113 5.42 13.53 -26.20
C ARG D 113 5.06 15.01 -26.15
N PHE D 114 4.19 15.37 -25.22
CA PHE D 114 3.72 16.74 -25.07
C PHE D 114 3.51 17.04 -23.60
N GLU D 115 3.73 18.30 -23.22
CA GLU D 115 3.56 18.73 -21.85
C GLU D 115 2.06 18.79 -21.54
N ILE D 116 1.53 17.74 -20.92
CA ILE D 116 0.12 17.71 -20.60
C ILE D 116 -0.23 18.73 -19.54
N PHE D 117 0.60 18.85 -18.51
CA PHE D 117 0.40 19.82 -17.43
C PHE D 117 1.66 20.67 -17.31
N PRO D 118 1.68 21.86 -17.90
CA PRO D 118 2.86 22.73 -17.80
C PRO D 118 3.30 22.95 -16.36
N LYS D 119 4.58 22.69 -16.10
CA LYS D 119 5.13 22.81 -14.76
C LYS D 119 4.89 24.20 -14.17
N THR D 120 4.90 25.24 -15.00
CA THR D 120 4.91 26.60 -14.49
C THR D 120 3.53 27.05 -14.02
N SER D 121 2.49 26.83 -14.84
CA SER D 121 1.18 27.42 -14.58
C SER D 121 0.10 26.44 -14.18
N SER D 122 0.37 25.13 -14.21
CA SER D 122 -0.69 24.16 -13.89
C SER D 122 -0.94 24.02 -12.40
N TRP D 123 0.01 24.40 -11.55
CA TRP D 123 -0.08 24.20 -10.11
C TRP D 123 0.21 25.51 -9.39
N PRO D 124 -0.75 26.46 -9.42
CA PRO D 124 -0.53 27.72 -8.70
C PRO D 124 -0.67 27.60 -7.20
N ASN D 125 -1.53 26.71 -6.72
CA ASN D 125 -1.80 26.56 -5.30
C ASN D 125 -0.81 25.63 -4.61
N HIS D 126 0.17 25.09 -5.32
CA HIS D 126 1.13 24.15 -4.76
C HIS D 126 2.52 24.53 -5.24
N ASP D 127 3.52 23.78 -4.76
CA ASP D 127 4.93 24.06 -5.06
C ASP D 127 5.42 23.02 -6.06
N SER D 128 5.76 23.48 -7.26
CA SER D 128 6.20 22.60 -8.34
C SER D 128 7.71 22.59 -8.53
N ASN D 129 8.45 23.40 -7.76
CA ASN D 129 9.89 23.54 -7.95
C ASN D 129 10.69 23.01 -6.77
N LYS D 130 10.09 22.16 -5.93
CA LYS D 130 10.79 21.56 -4.80
C LYS D 130 10.95 20.05 -4.90
N GLY D 131 10.18 19.38 -5.75
CA GLY D 131 10.18 17.92 -5.78
C GLY D 131 11.41 17.28 -6.36
N VAL D 132 12.52 17.33 -5.62
CA VAL D 132 13.75 16.65 -6.01
C VAL D 132 14.14 15.71 -4.87
N THR D 133 14.90 14.67 -5.23
CA THR D 133 15.27 13.65 -4.26
C THR D 133 16.70 13.19 -4.52
N ALA D 134 17.33 12.69 -3.46
CA ALA D 134 18.67 12.14 -3.58
C ALA D 134 18.67 10.78 -4.28
N ALA D 135 17.52 10.10 -4.30
CA ALA D 135 17.43 8.82 -5.00
C ALA D 135 17.46 8.98 -6.51
N CYS D 136 17.21 10.19 -7.02
CA CYS D 136 17.24 10.49 -8.44
C CYS D 136 18.27 11.58 -8.71
N PRO D 137 19.55 11.26 -8.61
CA PRO D 137 20.59 12.28 -8.82
C PRO D 137 20.95 12.46 -10.29
N HIS D 138 21.29 13.70 -10.61
CA HIS D 138 21.79 14.05 -11.95
C HIS D 138 23.00 14.95 -11.79
N ALA D 139 24.18 14.40 -12.03
CA ALA D 139 25.44 15.14 -12.03
C ALA D 139 25.69 15.81 -10.67
N GLY D 140 25.73 14.98 -9.64
CA GLY D 140 26.12 15.45 -8.32
C GLY D 140 25.10 16.30 -7.60
N ALA D 141 23.85 16.30 -8.04
CA ALA D 141 22.80 17.06 -7.38
C ALA D 141 21.50 16.27 -7.41
N LYS D 142 20.58 16.64 -6.52
CA LYS D 142 19.28 15.99 -6.47
C LYS D 142 18.45 16.37 -7.69
N SER D 143 17.64 15.43 -8.16
CA SER D 143 16.78 15.66 -9.32
C SER D 143 15.57 14.77 -9.19
N PHE D 144 14.92 14.48 -10.31
CA PHE D 144 13.66 13.74 -10.34
C PHE D 144 13.37 13.38 -11.80
N TYR D 145 12.27 12.68 -12.02
CA TYR D 145 11.84 12.37 -13.38
C TYR D 145 11.44 13.64 -14.11
N LYS D 146 11.78 13.72 -15.39
CA LYS D 146 11.45 14.91 -16.19
C LYS D 146 9.97 14.96 -16.54
N ASN D 147 9.32 13.82 -16.70
CA ASN D 147 7.91 13.75 -17.08
C ASN D 147 6.97 13.79 -15.89
N LEU D 148 7.48 13.69 -14.67
CA LEU D 148 6.65 13.73 -13.46
C LEU D 148 7.11 14.87 -12.57
N ILE D 149 6.16 15.43 -11.81
CA ILE D 149 6.41 16.53 -10.89
C ILE D 149 5.95 16.10 -9.50
N TRP D 150 6.86 16.22 -8.53
CA TRP D 150 6.56 15.85 -7.15
C TRP D 150 5.98 17.08 -6.45
N LEU D 151 4.66 17.15 -6.39
CA LEU D 151 3.99 18.32 -5.83
C LEU D 151 4.10 18.32 -4.31
N VAL D 152 4.48 19.47 -3.76
CA VAL D 152 4.63 19.68 -2.33
C VAL D 152 3.74 20.85 -1.93
N LYS D 153 3.41 20.90 -0.63
CA LYS D 153 2.58 21.99 -0.12
C LYS D 153 3.27 23.33 -0.34
N LYS D 154 2.47 24.39 -0.31
CA LYS D 154 2.93 25.76 -0.50
C LYS D 154 2.72 26.51 0.81
N GLY D 155 3.74 26.50 1.66
CA GLY D 155 3.62 27.12 2.97
C GLY D 155 2.99 26.19 3.99
N ASN D 156 1.90 26.63 4.61
CA ASN D 156 1.19 25.84 5.61
C ASN D 156 -0.16 25.36 5.11
N SER D 157 -0.27 25.09 3.81
CA SER D 157 -1.54 24.65 3.24
C SER D 157 -1.28 23.85 1.98
N TYR D 158 -1.90 22.67 1.90
CA TYR D 158 -1.95 21.86 0.69
C TYR D 158 -3.42 21.79 0.29
N PRO D 159 -3.93 22.77 -0.45
CA PRO D 159 -5.35 22.77 -0.81
C PRO D 159 -5.72 21.53 -1.63
N LYS D 160 -7.02 21.28 -1.71
CA LYS D 160 -7.52 20.16 -2.49
C LYS D 160 -7.19 20.37 -3.97
N LEU D 161 -6.51 19.41 -4.57
CA LEU D 161 -6.12 19.49 -5.96
C LEU D 161 -7.19 18.88 -6.85
N SER D 162 -7.43 19.51 -8.00
CA SER D 162 -8.40 19.00 -8.98
C SER D 162 -8.02 19.55 -10.34
N LYS D 163 -7.41 18.69 -11.17
CA LYS D 163 -6.99 19.07 -12.51
C LYS D 163 -7.53 18.05 -13.51
N SER D 164 -7.85 18.53 -14.71
CA SER D 164 -8.43 17.69 -15.75
C SER D 164 -7.73 17.95 -17.07
N TYR D 165 -7.81 16.96 -17.96
CA TYR D 165 -7.28 17.08 -19.31
C TYR D 165 -8.15 16.28 -20.26
N ILE D 166 -8.59 16.92 -21.34
CA ILE D 166 -9.34 16.26 -22.41
C ILE D 166 -8.37 15.92 -23.53
N ASN D 167 -8.58 14.76 -24.14
CA ASN D 167 -7.69 14.27 -25.21
C ASN D 167 -8.19 14.83 -26.53
N ASP D 168 -7.55 15.91 -26.97
CA ASP D 168 -7.86 16.53 -28.26
C ASP D 168 -6.80 16.21 -29.32
N LYS D 169 -5.96 15.20 -29.07
CA LYS D 169 -4.89 14.84 -29.98
C LYS D 169 -5.32 13.89 -31.09
N GLY D 170 -6.59 13.48 -31.11
CA GLY D 170 -7.04 12.58 -32.14
C GLY D 170 -6.48 11.17 -32.06
N LYS D 171 -5.90 10.81 -30.93
CA LYS D 171 -5.34 9.48 -30.72
C LYS D 171 -5.11 9.29 -29.24
N GLU D 172 -5.05 8.02 -28.82
CA GLU D 172 -4.95 7.70 -27.41
C GLU D 172 -3.65 8.26 -26.81
N VAL D 173 -3.77 8.83 -25.61
CA VAL D 173 -2.65 9.49 -24.94
C VAL D 173 -2.26 8.67 -23.72
N LEU D 174 -0.97 8.45 -23.55
CA LEU D 174 -0.44 7.72 -22.41
C LEU D 174 -0.11 8.69 -21.28
N VAL D 175 -0.79 8.53 -20.15
CA VAL D 175 -0.57 9.37 -18.97
C VAL D 175 0.01 8.51 -17.86
N LEU D 176 0.96 9.06 -17.12
CA LEU D 176 1.61 8.37 -16.02
C LEU D 176 1.67 9.29 -14.80
N TRP D 177 1.52 8.70 -13.62
CA TRP D 177 1.56 9.46 -12.37
C TRP D 177 2.05 8.55 -11.26
N GLY D 178 2.12 9.09 -10.04
CA GLY D 178 2.59 8.31 -8.91
C GLY D 178 2.00 8.81 -7.61
N ILE D 179 1.96 7.91 -6.63
CA ILE D 179 1.52 8.21 -5.28
C ILE D 179 2.69 7.92 -4.35
N HIS D 180 3.13 8.94 -3.61
CA HIS D 180 4.25 8.78 -2.69
C HIS D 180 3.75 8.30 -1.33
N HIS D 181 4.38 7.25 -0.83
CA HIS D 181 4.08 6.72 0.50
C HIS D 181 5.20 7.13 1.44
N PRO D 182 5.00 8.14 2.29
CA PRO D 182 6.10 8.65 3.10
C PRO D 182 6.59 7.63 4.12
N SER D 183 7.85 7.81 4.53
CA SER D 183 8.46 6.88 5.48
C SER D 183 7.88 7.06 6.88
N THR D 184 7.68 8.32 7.30
CA THR D 184 7.19 8.61 8.64
C THR D 184 6.11 9.67 8.57
N SER D 185 5.38 9.82 9.67
CA SER D 185 4.33 10.84 9.74
C SER D 185 4.92 12.24 9.64
N ALA D 186 6.19 12.40 10.03
CA ALA D 186 6.83 13.72 9.91
C ALA D 186 6.92 14.16 8.46
N ASP D 187 7.31 13.25 7.56
CA ASP D 187 7.37 13.61 6.14
C ASP D 187 5.99 13.87 5.56
N GLN D 188 4.96 13.15 6.05
CA GLN D 188 3.61 13.41 5.57
C GLN D 188 3.18 14.83 5.89
N GLN D 189 3.47 15.30 7.10
CA GLN D 189 3.13 16.68 7.47
C GLN D 189 4.03 17.68 6.77
N SER D 190 5.31 17.33 6.58
CA SER D 190 6.24 18.27 5.98
C SER D 190 6.00 18.42 4.49
N LEU D 191 5.59 17.35 3.81
CA LEU D 191 5.40 17.41 2.36
C LEU D 191 4.01 17.93 2.01
N TYR D 192 2.97 17.37 2.63
CA TYR D 192 1.60 17.63 2.19
C TYR D 192 0.70 18.16 3.30
N GLN D 193 1.28 18.57 4.43
CA GLN D 193 0.54 19.18 5.54
C GLN D 193 -0.54 18.25 6.10
N ASN D 194 -1.49 17.84 5.27
CA ASN D 194 -2.60 17.03 5.72
C ASN D 194 -2.13 15.64 6.15
N ALA D 195 -2.72 15.13 7.23
CA ALA D 195 -2.36 13.81 7.74
C ALA D 195 -3.09 12.71 6.99
N ASP D 196 -4.41 12.84 6.85
CA ASP D 196 -5.25 11.84 6.18
C ASP D 196 -5.55 12.37 4.79
N THR D 197 -4.84 11.86 3.79
CA THR D 197 -4.99 12.29 2.41
C THR D 197 -5.54 11.15 1.55
N TYR D 198 -5.76 11.47 0.28
CA TYR D 198 -6.25 10.50 -0.70
C TYR D 198 -5.90 11.03 -2.08
N VAL D 199 -5.83 10.11 -3.04
CA VAL D 199 -5.66 10.46 -4.45
C VAL D 199 -6.73 9.73 -5.25
N PHE D 200 -7.33 10.43 -6.19
CA PHE D 200 -8.33 9.85 -7.09
C PHE D 200 -7.98 10.19 -8.52
N VAL D 201 -7.74 9.18 -9.34
CA VAL D 201 -7.50 9.33 -10.77
C VAL D 201 -8.68 8.70 -11.50
N GLY D 202 -9.35 9.49 -12.33
CA GLY D 202 -10.56 9.02 -12.98
C GLY D 202 -10.75 9.46 -14.41
N SER D 203 -11.08 8.50 -15.28
CA SER D 203 -11.48 8.77 -16.66
C SER D 203 -12.69 7.90 -16.98
N SER D 204 -13.11 7.92 -18.23
CA SER D 204 -14.22 7.07 -18.65
C SER D 204 -13.80 5.61 -18.81
N ARG D 205 -12.51 5.34 -18.86
CA ARG D 205 -11.98 3.97 -18.97
C ARG D 205 -11.13 3.60 -17.76
N TYR D 206 -11.13 4.41 -16.71
CA TYR D 206 -10.28 4.16 -15.55
C TYR D 206 -10.90 4.85 -14.33
N SER D 207 -10.86 4.16 -13.20
CA SER D 207 -11.39 4.73 -11.95
C SER D 207 -10.76 3.99 -10.78
N LYS D 208 -10.02 4.71 -9.94
CA LYS D 208 -9.39 4.12 -8.77
C LYS D 208 -9.04 5.21 -7.78
N LYS D 209 -9.23 4.92 -6.50
CA LYS D 209 -8.85 5.81 -5.41
C LYS D 209 -7.60 5.25 -4.72
N PHE D 210 -6.72 6.13 -4.28
CA PHE D 210 -5.45 5.74 -3.70
C PHE D 210 -5.36 6.26 -2.27
N LYS D 211 -5.06 5.36 -1.34
CA LYS D 211 -4.89 5.70 0.06
C LYS D 211 -3.44 5.45 0.46
N PRO D 212 -2.62 6.48 0.62
CA PRO D 212 -1.21 6.26 0.96
C PRO D 212 -1.04 5.67 2.34
N GLU D 213 -0.03 4.82 2.47
CA GLU D 213 0.30 4.17 3.74
C GLU D 213 1.64 4.68 4.23
N ILE D 214 1.67 5.18 5.45
CA ILE D 214 2.88 5.71 6.06
C ILE D 214 3.58 4.58 6.81
N ALA D 215 4.78 4.22 6.35
CA ALA D 215 5.52 3.14 6.97
C ALA D 215 6.98 3.26 6.56
N ILE D 216 7.85 2.67 7.39
CA ILE D 216 9.30 2.71 7.20
C ILE D 216 9.69 1.42 6.49
N ARG D 217 9.80 1.48 5.17
CA ARG D 217 10.28 0.35 4.40
C ARG D 217 11.79 0.23 4.57
N PRO D 218 12.36 -0.95 4.25
CA PRO D 218 13.82 -1.07 4.25
C PRO D 218 14.46 -0.02 3.37
N LYS D 219 15.56 0.56 3.86
CA LYS D 219 16.19 1.68 3.16
C LYS D 219 16.77 1.22 1.83
N VAL D 220 16.34 1.88 0.75
CA VAL D 220 16.84 1.61 -0.59
C VAL D 220 17.14 2.95 -1.25
N ARG D 221 18.39 3.14 -1.66
CA ARG D 221 18.86 4.41 -2.22
C ARG D 221 18.57 5.55 -1.24
N ASP D 222 18.83 5.30 0.04
CA ASP D 222 18.63 6.28 1.12
C ASP D 222 17.18 6.71 1.24
N GLN D 223 16.25 5.81 0.93
CA GLN D 223 14.82 6.10 1.04
C GLN D 223 14.15 4.99 1.83
N GLU D 224 13.35 5.38 2.83
CA GLU D 224 12.52 4.45 3.58
C GLU D 224 11.05 4.58 3.22
N GLY D 225 10.69 5.53 2.36
CA GLY D 225 9.37 5.60 1.78
C GLY D 225 9.34 4.98 0.39
N ARG D 226 8.14 4.76 -0.11
CA ARG D 226 7.95 4.15 -1.42
C ARG D 226 7.10 5.05 -2.30
N MET D 227 7.19 4.80 -3.60
CA MET D 227 6.44 5.56 -4.59
C MET D 227 6.06 4.61 -5.71
N ASN D 228 4.77 4.29 -5.82
CA ASN D 228 4.28 3.48 -6.93
C ASN D 228 3.97 4.38 -8.12
N TYR D 229 3.99 3.79 -9.31
CA TYR D 229 3.73 4.53 -10.54
C TYR D 229 2.66 3.81 -11.32
N TYR D 230 1.61 4.54 -11.71
CA TYR D 230 0.50 3.99 -12.47
C TYR D 230 0.43 4.67 -13.83
N TRP D 231 -0.44 4.15 -14.69
CA TRP D 231 -0.59 4.70 -16.03
C TRP D 231 -1.90 4.21 -16.61
N THR D 232 -2.45 5.02 -17.52
CA THR D 232 -3.66 4.66 -18.26
C THR D 232 -3.62 5.31 -19.63
N LEU D 233 -4.35 4.72 -20.56
CA LEU D 233 -4.54 5.30 -21.88
C LEU D 233 -5.86 6.05 -21.91
N VAL D 234 -5.86 7.21 -22.57
CA VAL D 234 -7.03 8.07 -22.65
C VAL D 234 -7.47 8.11 -24.10
N GLU D 235 -8.60 7.46 -24.40
CA GLU D 235 -9.15 7.49 -25.75
C GLU D 235 -9.42 8.94 -26.17
N PRO D 236 -9.32 9.24 -27.46
CA PRO D 236 -9.59 10.60 -27.92
C PRO D 236 -11.01 11.04 -27.57
N GLY D 237 -11.11 12.25 -27.03
CA GLY D 237 -12.37 12.77 -26.53
C GLY D 237 -12.61 12.53 -25.07
N ASP D 238 -11.93 11.56 -24.46
CA ASP D 238 -12.09 11.28 -23.04
C ASP D 238 -11.39 12.34 -22.20
N LYS D 239 -11.77 12.41 -20.93
CA LYS D 239 -11.26 13.41 -20.01
C LYS D 239 -10.74 12.71 -18.76
N ILE D 240 -9.43 12.78 -18.53
CA ILE D 240 -8.82 12.26 -17.33
C ILE D 240 -8.84 13.35 -16.27
N THR D 241 -9.18 12.97 -15.03
CA THR D 241 -9.35 13.93 -13.95
C THR D 241 -8.59 13.45 -12.72
N PHE D 242 -7.76 14.32 -12.15
CA PHE D 242 -7.01 14.04 -10.94
C PHE D 242 -7.61 14.80 -9.78
N GLU D 243 -7.77 14.12 -8.64
CA GLU D 243 -8.32 14.73 -7.43
C GLU D 243 -7.57 14.16 -6.24
N ALA D 244 -6.87 15.02 -5.51
CA ALA D 244 -6.04 14.57 -4.40
C ALA D 244 -5.86 15.69 -3.39
N THR D 245 -5.56 15.29 -2.16
CA THR D 245 -5.21 16.22 -1.09
C THR D 245 -3.79 15.99 -0.60
N GLY D 246 -2.97 15.29 -1.37
CA GLY D 246 -1.60 15.04 -1.01
C GLY D 246 -1.11 13.74 -1.63
N ASN D 247 0.19 13.52 -1.49
CA ASN D 247 0.86 12.29 -1.90
C ASN D 247 0.75 12.02 -3.41
N LEU D 248 0.43 13.04 -4.20
CA LEU D 248 0.26 12.86 -5.64
C LEU D 248 1.49 13.36 -6.39
N VAL D 249 2.05 12.49 -7.21
CA VAL D 249 3.13 12.85 -8.14
C VAL D 249 2.46 13.05 -9.50
N VAL D 250 2.16 14.30 -9.82
CA VAL D 250 1.37 14.67 -11.00
C VAL D 250 2.16 14.42 -12.28
N PRO D 251 1.49 14.29 -13.43
CA PRO D 251 2.22 14.19 -14.70
C PRO D 251 2.59 15.55 -15.26
N ARG D 252 3.81 15.64 -15.78
CA ARG D 252 4.25 16.83 -16.50
C ARG D 252 4.18 16.64 -18.01
N TYR D 253 4.71 15.53 -18.52
CA TYR D 253 4.68 15.21 -19.93
C TYR D 253 3.90 13.93 -20.16
N ALA D 254 2.95 13.96 -21.09
CA ALA D 254 2.21 12.79 -21.50
C ALA D 254 2.72 12.32 -22.86
N PHE D 255 2.04 11.33 -23.45
CA PHE D 255 2.46 10.74 -24.71
C PHE D 255 1.22 10.39 -25.53
N ALA D 256 0.94 11.18 -26.56
CA ALA D 256 -0.08 10.83 -27.53
C ALA D 256 0.51 9.82 -28.52
N MET D 257 -0.17 8.68 -28.68
CA MET D 257 0.40 7.57 -29.42
C MET D 257 -0.67 6.87 -30.25
N GLU D 258 -0.22 6.02 -31.18
CA GLU D 258 -1.08 5.16 -31.97
C GLU D 258 -0.37 3.81 -32.10
N ARG D 259 -0.94 2.78 -31.48
CA ARG D 259 -0.26 1.50 -31.33
C ARG D 259 -0.39 0.65 -32.58
N ASN D 260 0.31 -0.49 -32.56
CA ASN D 260 0.21 -1.51 -33.60
C ASN D 260 0.07 -2.88 -32.93
N ALA D 261 -0.23 -3.88 -33.73
CA ALA D 261 -0.51 -5.21 -33.23
C ALA D 261 0.75 -6.07 -33.19
N GLY D 262 0.91 -6.82 -32.11
CA GLY D 262 2.02 -7.75 -31.98
C GLY D 262 3.22 -7.21 -31.24
N SER D 263 4.40 -7.77 -31.55
CA SER D 263 5.69 -7.31 -31.06
C SER D 263 5.89 -7.58 -29.57
N GLY D 264 7.14 -7.49 -29.11
CA GLY D 264 7.48 -7.72 -27.71
C GLY D 264 8.70 -6.95 -27.31
N ILE D 265 9.58 -7.58 -26.53
CA ILE D 265 10.78 -6.95 -26.01
C ILE D 265 11.96 -7.89 -26.23
N ILE D 266 13.13 -7.31 -26.48
CA ILE D 266 14.36 -8.09 -26.62
C ILE D 266 15.34 -7.70 -25.52
N GLN E 1 -0.04 24.05 18.05
CA GLN E 1 1.11 24.87 18.44
C GLN E 1 2.05 24.09 19.35
N VAL E 2 3.32 24.02 18.95
CA VAL E 2 4.34 23.23 19.65
C VAL E 2 5.04 24.11 20.67
N THR E 3 5.31 23.55 21.85
CA THR E 3 5.93 24.28 22.95
C THR E 3 7.02 23.42 23.57
N LEU E 4 8.25 23.92 23.59
CA LEU E 4 9.39 23.23 24.19
C LEU E 4 10.00 24.13 25.25
N ARG E 5 10.04 23.64 26.49
CA ARG E 5 10.61 24.40 27.60
C ARG E 5 11.64 23.55 28.33
N GLU E 6 12.72 24.20 28.77
CA GLU E 6 13.79 23.54 29.52
C GLU E 6 13.51 23.67 31.01
N SER E 7 14.40 23.09 31.83
CA SER E 7 14.17 22.97 33.27
C SER E 7 15.22 23.76 34.04
N GLY E 8 15.00 25.07 34.15
CA GLY E 8 15.67 25.89 35.12
C GLY E 8 17.17 26.06 34.91
N PRO E 9 17.63 27.31 34.97
CA PRO E 9 19.08 27.56 34.92
C PRO E 9 19.79 26.94 36.11
N ALA E 10 20.89 26.27 35.84
CA ALA E 10 21.56 25.44 36.82
C ALA E 10 22.94 25.98 37.18
N LEU E 11 23.37 25.67 38.40
CA LEU E 11 24.76 25.80 38.82
C LEU E 11 25.22 24.42 39.27
N VAL E 12 26.25 23.90 38.61
CA VAL E 12 26.74 22.55 38.87
C VAL E 12 28.20 22.65 39.29
N LYS E 13 28.55 21.98 40.38
CA LYS E 13 29.95 21.96 40.77
C LYS E 13 30.75 21.02 39.86
N PRO E 14 32.05 21.28 39.68
CA PRO E 14 32.86 20.38 38.87
C PRO E 14 32.83 18.96 39.44
N THR E 15 32.72 17.99 38.53
CA THR E 15 32.61 16.54 38.76
C THR E 15 31.19 16.13 39.15
N GLN E 16 30.26 17.07 39.31
CA GLN E 16 28.88 16.72 39.64
C GLN E 16 28.09 16.45 38.36
N THR E 17 26.84 16.03 38.54
CA THR E 17 25.98 15.58 37.45
C THR E 17 24.87 16.59 37.20
N LEU E 18 24.75 17.05 35.96
CA LEU E 18 23.66 17.93 35.54
C LEU E 18 22.47 17.10 35.10
N THR E 19 21.27 17.59 35.42
CA THR E 19 20.02 16.91 35.05
C THR E 19 19.06 17.95 34.49
N LEU E 20 18.73 17.81 33.20
CA LEU E 20 17.84 18.73 32.51
C LEU E 20 16.56 17.99 32.11
N THR E 21 15.42 18.66 32.31
CA THR E 21 14.12 18.10 31.98
C THR E 21 13.44 19.00 30.94
N CYS E 22 13.05 18.40 29.82
CA CYS E 22 12.35 19.13 28.76
C CYS E 22 10.90 18.71 28.75
N THR E 23 10.00 19.66 28.96
CA THR E 23 8.57 19.44 28.87
C THR E 23 8.06 20.00 27.55
N PHE E 24 7.21 19.23 26.88
CA PHE E 24 6.73 19.60 25.55
C PHE E 24 5.22 19.41 25.47
N SER E 25 4.65 19.95 24.40
CA SER E 25 3.22 19.84 24.11
C SER E 25 3.02 20.14 22.62
N GLY E 26 1.75 20.17 22.21
CA GLY E 26 1.40 20.41 20.82
C GLY E 26 1.68 19.26 19.89
N PHE E 27 2.35 18.20 20.35
CA PHE E 27 2.61 17.02 19.54
C PHE E 27 2.95 15.88 20.48
N SER E 28 2.86 14.66 19.96
CA SER E 28 3.13 13.46 20.72
C SER E 28 4.45 12.85 20.27
N LEU E 29 5.23 12.36 21.23
CA LEU E 29 6.51 11.72 20.90
C LEU E 29 6.32 10.37 20.24
N SER E 30 5.17 9.72 20.45
CA SER E 30 4.92 8.43 19.83
C SER E 30 4.59 8.54 18.35
N THR E 31 4.33 9.74 17.84
CA THR E 31 4.06 9.93 16.43
C THR E 31 5.29 9.58 15.59
N SER E 32 5.06 8.92 14.45
CA SER E 32 6.16 8.47 13.60
C SER E 32 6.97 9.66 13.10
N GLY E 33 8.29 9.59 13.30
CA GLY E 33 9.18 10.64 12.85
C GLY E 33 9.38 11.79 13.81
N MET E 34 9.07 11.60 15.10
CA MET E 34 9.22 12.65 16.11
C MET E 34 10.32 12.26 17.07
N CYS E 35 11.24 13.20 17.31
CA CYS E 35 12.36 12.97 18.21
C CYS E 35 12.57 14.21 19.08
N LEU E 36 13.27 14.01 20.19
CA LEU E 36 13.64 15.11 21.07
C LEU E 36 15.14 15.07 21.31
N THR E 37 15.75 16.26 21.36
CA THR E 37 17.19 16.39 21.26
C THR E 37 17.68 17.45 22.23
N TRP E 38 18.88 17.25 22.76
CA TRP E 38 19.57 18.25 23.55
C TRP E 38 20.79 18.72 22.77
N ILE E 39 20.84 20.02 22.49
CA ILE E 39 21.95 20.65 21.80
C ILE E 39 22.40 21.85 22.62
N ARG E 40 23.69 21.91 22.94
CA ARG E 40 24.24 22.98 23.74
C ARG E 40 25.14 23.89 22.91
N ARG E 41 25.32 25.11 23.39
CA ARG E 41 26.27 26.05 22.79
C ARG E 41 27.08 26.72 23.88
N PRO E 42 28.38 26.42 23.97
CA PRO E 42 29.24 27.10 24.94
C PRO E 42 29.60 28.49 24.43
N PRO E 43 30.18 29.34 25.29
CA PRO E 43 30.72 30.63 24.80
C PRO E 43 31.77 30.39 23.73
N GLY E 44 31.81 31.30 22.75
CA GLY E 44 32.52 30.98 21.53
C GLY E 44 31.81 29.80 20.89
N LYS E 45 32.60 28.80 20.47
CA LYS E 45 32.16 27.43 20.23
C LYS E 45 30.95 27.25 19.30
N ALA E 46 31.11 26.37 18.31
CA ALA E 46 29.99 26.04 17.43
C ALA E 46 28.93 25.22 18.19
N LEU E 47 27.82 24.97 17.52
CA LEU E 47 26.76 24.15 18.09
C LEU E 47 27.25 22.72 18.31
N GLU E 48 26.88 22.14 19.45
CA GLU E 48 27.31 20.79 19.81
C GLU E 48 26.10 19.95 20.16
N TRP E 49 25.94 18.82 19.47
CA TRP E 49 24.83 17.91 19.69
C TRP E 49 25.19 16.92 20.79
N LEU E 50 24.20 16.58 21.60
CA LEU E 50 24.45 15.69 22.73
C LEU E 50 23.77 14.34 22.55
N ALA E 51 22.45 14.28 22.73
CA ALA E 51 21.71 13.03 22.66
C ALA E 51 20.39 13.25 21.94
N LEU E 52 19.83 12.14 21.44
CA LEU E 52 18.53 12.13 20.79
C LEU E 52 17.79 10.86 21.16
N ILE E 53 16.47 10.98 21.31
CA ILE E 53 15.58 9.84 21.52
C ILE E 53 14.42 9.97 20.53
N ASP E 54 14.07 8.87 19.88
CA ASP E 54 13.07 8.89 18.83
C ASP E 54 11.74 8.32 19.33
N TRP E 55 10.81 8.11 18.39
CA TRP E 55 9.46 7.68 18.75
C TRP E 55 9.41 6.23 19.24
N ASP E 56 10.47 5.45 19.00
CA ASP E 56 10.50 4.05 19.42
C ASP E 56 11.47 3.81 20.57
N ASP E 57 11.72 4.84 21.38
CA ASP E 57 12.57 4.78 22.57
C ASP E 57 14.04 4.48 22.24
N ASN E 58 14.42 4.55 20.97
CA ASN E 58 15.82 4.39 20.61
C ASN E 58 16.60 5.66 20.99
N LYS E 59 17.87 5.47 21.34
CA LYS E 59 18.68 6.55 21.89
C LYS E 59 20.00 6.64 21.15
N TYR E 60 20.31 7.82 20.62
CA TYR E 60 21.57 8.09 19.95
C TYR E 60 22.31 9.18 20.72
N TYR E 61 23.64 9.10 20.73
CA TYR E 61 24.45 9.98 21.55
C TYR E 61 25.62 10.57 20.77
N ASN E 62 26.07 11.75 21.21
CA ASN E 62 27.34 12.31 20.78
C ASN E 62 28.42 11.30 21.12
N THR E 63 28.97 10.64 20.09
CA THR E 63 29.88 9.52 20.32
C THR E 63 31.13 9.93 21.08
N SER E 64 31.52 11.21 20.99
CA SER E 64 32.66 11.69 21.76
C SER E 64 32.34 11.80 23.25
N LEU E 65 31.05 11.85 23.60
CA LEU E 65 30.62 12.03 24.99
C LEU E 65 29.70 10.91 25.45
N ARG E 66 29.75 9.74 24.80
CA ARG E 66 28.75 8.70 25.04
C ARG E 66 28.73 8.25 26.49
N THR E 67 29.91 8.12 27.10
CA THR E 67 30.00 7.54 28.44
C THR E 67 29.38 8.43 29.52
N ARG E 68 29.19 9.72 29.25
CA ARG E 68 28.67 10.65 30.23
C ARG E 68 27.19 10.96 30.04
N LEU E 69 26.61 10.63 28.89
CA LEU E 69 25.26 11.05 28.54
C LEU E 69 24.26 9.93 28.80
N THR E 70 23.07 10.30 29.24
CA THR E 70 21.95 9.37 29.41
C THR E 70 20.67 10.15 29.14
N ILE E 71 19.93 9.72 28.12
CA ILE E 71 18.66 10.36 27.78
C ILE E 71 17.55 9.34 28.00
N SER E 72 16.40 9.85 28.42
CA SER E 72 15.25 9.00 28.73
C SER E 72 13.99 9.86 28.69
N LYS E 73 12.86 9.20 28.46
CA LYS E 73 11.56 9.86 28.45
C LYS E 73 10.73 9.38 29.62
N ASP E 74 10.17 10.34 30.36
CA ASP E 74 9.30 10.02 31.49
C ASP E 74 8.08 9.24 31.00
N THR E 75 7.88 8.06 31.58
CA THR E 75 6.70 7.26 31.22
C THR E 75 5.42 7.99 31.56
N SER E 76 5.46 8.87 32.55
CA SER E 76 4.32 9.71 32.92
C SER E 76 4.55 11.13 32.40
N LYS E 77 3.54 11.66 31.70
CA LYS E 77 3.54 13.03 31.17
C LYS E 77 4.60 13.24 30.09
N ASN E 78 4.49 14.35 29.36
CA ASN E 78 5.37 14.65 28.23
C ASN E 78 6.62 15.34 28.75
N GLN E 79 7.62 14.56 29.13
CA GLN E 79 8.89 15.08 29.62
C GLN E 79 10.04 14.21 29.15
N VAL E 80 11.18 14.85 28.91
CA VAL E 80 12.42 14.16 28.55
C VAL E 80 13.49 14.60 29.53
N VAL E 81 14.42 13.69 29.82
CA VAL E 81 15.46 13.92 30.81
C VAL E 81 16.82 13.67 30.19
N LEU E 82 17.79 14.52 30.50
CA LEU E 82 19.18 14.34 30.10
C LEU E 82 20.07 14.40 31.34
N LYS E 83 20.94 13.42 31.49
CA LYS E 83 21.89 13.37 32.60
C LYS E 83 23.31 13.38 32.05
N VAL E 84 24.12 14.32 32.53
CA VAL E 84 25.50 14.48 32.10
C VAL E 84 26.38 14.33 33.33
N THR E 85 27.19 13.27 33.36
CA THR E 85 28.03 13.00 34.53
C THR E 85 29.30 13.85 34.49
N ASP E 86 30.05 13.76 35.59
CA ASP E 86 31.06 14.71 36.03
C ASP E 86 31.28 15.89 35.09
N MET E 87 30.60 17.00 35.37
CA MET E 87 30.68 18.18 34.52
C MET E 87 31.99 18.92 34.72
N ASP E 88 32.49 19.50 33.64
CA ASP E 88 33.68 20.33 33.63
C ASP E 88 33.31 21.77 33.31
N PRO E 89 34.14 22.74 33.71
CA PRO E 89 33.86 24.13 33.32
C PRO E 89 33.71 24.34 31.82
N VAL E 90 34.30 23.47 30.99
CA VAL E 90 34.11 23.58 29.55
C VAL E 90 32.69 23.22 29.14
N ASP E 91 31.95 22.53 30.00
CA ASP E 91 30.55 22.20 29.73
C ASP E 91 29.59 23.34 30.04
N THR E 92 30.12 24.54 30.33
CA THR E 92 29.30 25.70 30.59
C THR E 92 28.71 26.23 29.29
N GLY E 93 27.46 26.64 29.34
CA GLY E 93 26.81 27.25 28.20
C GLY E 93 25.31 27.07 28.27
N THR E 94 24.66 27.41 27.17
CA THR E 94 23.21 27.26 27.04
C THR E 94 22.89 25.90 26.44
N TYR E 95 21.98 25.17 27.09
CA TYR E 95 21.55 23.86 26.64
C TYR E 95 20.12 23.97 26.10
N TYR E 96 19.96 23.65 24.82
CA TYR E 96 18.68 23.80 24.13
C TYR E 96 17.98 22.46 24.01
N CYS E 97 16.66 22.47 24.22
CA CYS E 97 15.80 21.34 23.88
C CYS E 97 15.12 21.64 22.56
N ALA E 98 15.21 20.70 21.62
CA ALA E 98 14.63 20.90 20.30
C ALA E 98 14.04 19.59 19.80
N ARG E 99 12.89 19.68 19.14
CA ARG E 99 12.32 18.54 18.45
C ARG E 99 13.03 18.36 17.11
N MET E 100 13.37 17.11 16.80
CA MET E 100 13.95 16.78 15.50
C MET E 100 12.93 15.99 14.70
N LEU E 101 12.63 16.47 13.49
CA LEU E 101 11.74 15.79 12.58
C LEU E 101 12.56 14.87 11.69
N TYR E 102 12.21 13.58 11.67
CA TYR E 102 12.97 12.59 10.89
C TYR E 102 12.12 12.03 9.76
N GLY E 103 12.81 11.69 8.67
CA GLY E 103 12.16 11.05 7.53
C GLY E 103 13.18 10.86 6.43
N ASP E 104 12.70 10.52 5.24
CA ASP E 104 13.59 10.57 4.09
C ASP E 104 13.94 12.00 3.70
N LEU E 105 13.37 12.99 4.39
CA LEU E 105 13.64 14.39 4.14
C LEU E 105 14.92 14.90 4.79
N GLY E 106 15.48 14.20 5.78
CA GLY E 106 16.82 14.52 6.22
C GLY E 106 17.17 14.41 7.68
N GLY E 107 16.29 14.83 8.58
CA GLY E 107 16.65 14.91 9.98
C GLY E 107 17.04 16.32 10.37
N ARG E 108 16.04 17.15 10.67
CA ARG E 108 16.23 18.57 10.96
C ARG E 108 15.57 18.90 12.30
N PHE E 109 15.88 20.09 12.81
CA PHE E 109 15.42 20.52 14.13
C PHE E 109 14.46 21.70 13.98
N ASP E 110 13.22 21.49 14.43
CA ASP E 110 12.21 22.55 14.48
C ASP E 110 11.03 22.07 15.32
N PRO E 111 10.64 22.82 16.37
CA PRO E 111 11.30 24.05 16.80
C PRO E 111 12.37 23.83 17.84
N TRP E 112 12.99 24.92 18.29
CA TRP E 112 13.95 24.89 19.37
C TRP E 112 13.34 25.49 20.63
N GLY E 113 13.75 25.00 21.78
CA GLY E 113 13.40 25.63 23.03
C GLY E 113 14.16 26.92 23.23
N GLN E 114 13.75 27.68 24.25
CA GLN E 114 14.41 28.95 24.53
C GLN E 114 15.77 28.77 25.19
N GLY E 115 16.11 27.58 25.62
CA GLY E 115 17.43 27.32 26.17
C GLY E 115 17.53 27.65 27.66
N THR E 116 18.40 26.93 28.34
CA THR E 116 18.67 27.15 29.76
C THR E 116 20.17 27.26 29.96
N LEU E 117 20.58 28.13 30.87
CA LEU E 117 22.00 28.38 31.12
C LEU E 117 22.49 27.46 32.21
N VAL E 118 23.52 26.67 31.90
CA VAL E 118 24.19 25.79 32.86
C VAL E 118 25.58 26.35 33.10
N THR E 119 25.91 26.59 34.37
CA THR E 119 27.20 27.14 34.76
C THR E 119 27.89 26.13 35.68
N VAL E 120 29.09 25.70 35.29
CA VAL E 120 29.88 24.76 36.06
C VAL E 120 30.96 25.55 36.80
N SER E 121 30.79 25.69 38.11
CA SER E 121 31.71 26.46 38.93
C SER E 121 31.72 25.93 40.34
N SER E 122 32.79 26.25 41.06
CA SER E 122 32.93 25.90 42.47
C SER E 122 32.60 27.06 43.40
N ALA E 123 32.13 28.19 42.85
CA ALA E 123 32.04 29.43 43.60
C ALA E 123 30.81 29.52 44.51
N SER E 124 29.83 28.63 44.32
CA SER E 124 28.58 28.63 45.08
C SER E 124 27.72 29.86 44.78
N THR E 125 26.42 29.75 45.04
CA THR E 125 25.45 30.74 44.61
C THR E 125 25.44 31.94 45.55
N LYS E 126 24.84 33.03 45.07
CA LYS E 126 24.66 34.24 45.88
C LYS E 126 23.46 35.01 45.33
N GLY E 127 22.48 35.26 46.18
CA GLY E 127 21.31 36.01 45.81
C GLY E 127 21.64 37.46 45.52
N PRO E 128 20.80 38.13 44.75
CA PRO E 128 21.07 39.52 44.37
C PRO E 128 20.46 40.54 45.32
N SER E 129 21.19 41.62 45.54
CA SER E 129 20.67 42.79 46.24
C SER E 129 20.00 43.71 45.22
N VAL E 130 18.74 44.06 45.49
CA VAL E 130 17.92 44.82 44.55
C VAL E 130 17.65 46.19 45.14
N PHE E 131 18.04 47.24 44.41
CA PHE E 131 17.81 48.61 44.80
C PHE E 131 16.99 49.32 43.74
N PRO E 132 16.06 50.18 44.12
CA PRO E 132 15.25 50.90 43.13
C PRO E 132 16.00 52.06 42.52
N LEU E 133 15.60 52.42 41.31
CA LEU E 133 16.13 53.59 40.61
C LEU E 133 14.98 54.57 40.45
N ALA E 134 14.98 55.61 41.28
CA ALA E 134 13.87 56.56 41.32
C ALA E 134 13.60 57.12 39.93
N PRO E 135 12.34 57.38 39.58
CA PRO E 135 12.02 57.82 38.23
C PRO E 135 12.70 59.14 37.87
N SER E 136 13.02 59.29 36.60
CA SER E 136 13.68 60.48 36.07
C SER E 136 13.12 60.80 34.69
N SER E 137 13.22 62.07 34.31
CA SER E 137 12.74 62.53 33.02
C SER E 137 13.79 63.30 32.23
N LYS E 138 15.02 63.36 32.73
CA LYS E 138 16.07 64.14 32.06
C LYS E 138 16.57 63.44 30.81
N SER E 139 17.32 62.35 30.98
CA SER E 139 17.91 61.66 29.85
C SER E 139 16.83 60.89 29.10
N THR E 140 16.70 61.20 27.80
CA THR E 140 15.69 60.62 26.92
C THR E 140 14.29 60.91 27.45
N SER E 141 13.29 60.18 26.94
CA SER E 141 11.88 60.34 27.30
C SER E 141 11.31 61.65 26.75
N GLY E 142 9.99 61.82 26.84
CA GLY E 142 9.35 63.06 26.45
C GLY E 142 8.34 63.49 27.49
N GLY E 143 7.09 63.07 27.32
CA GLY E 143 6.13 63.15 28.40
C GLY E 143 6.24 62.01 29.39
N THR E 144 7.23 61.14 29.20
CA THR E 144 7.43 59.94 30.00
C THR E 144 8.56 60.14 31.00
N ALA E 145 8.62 59.24 31.98
CA ALA E 145 9.69 59.20 32.97
C ALA E 145 10.33 57.82 32.96
N ALA E 146 11.53 57.73 33.54
CA ALA E 146 12.32 56.50 33.50
C ALA E 146 12.66 56.06 34.92
N LEU E 147 12.04 54.96 35.35
CA LEU E 147 12.35 54.33 36.62
C LEU E 147 12.88 52.92 36.36
N GLY E 148 13.62 52.40 37.34
CA GLY E 148 14.26 51.12 37.15
C GLY E 148 14.61 50.38 38.42
N CYS E 149 15.45 49.35 38.26
CA CYS E 149 15.86 48.50 39.37
C CYS E 149 17.31 48.08 39.17
N LEU E 150 18.11 48.19 40.22
CA LEU E 150 19.51 47.77 40.20
C LEU E 150 19.63 46.39 40.84
N VAL E 151 20.02 45.40 40.04
CA VAL E 151 20.22 44.03 40.48
C VAL E 151 21.71 43.82 40.62
N LYS E 152 22.21 43.73 41.85
CA LYS E 152 23.63 43.83 42.13
C LYS E 152 24.14 42.62 42.90
N ASP E 153 25.33 42.16 42.52
CA ASP E 153 26.11 41.16 43.25
C ASP E 153 25.35 39.84 43.39
N TYR E 154 25.31 39.12 42.27
CA TYR E 154 24.72 37.79 42.25
C TYR E 154 25.60 36.87 41.41
N PHE E 155 25.49 35.57 41.68
CA PHE E 155 26.20 34.55 40.93
C PHE E 155 25.47 33.24 41.11
N PRO E 156 25.26 32.45 40.05
CA PRO E 156 25.66 32.80 38.69
C PRO E 156 24.54 33.43 37.88
N GLU E 157 24.75 33.57 36.57
CA GLU E 157 23.69 34.02 35.70
C GLU E 157 22.68 32.88 35.49
N PRO E 158 21.45 33.22 35.09
CA PRO E 158 20.90 34.56 34.89
C PRO E 158 19.91 34.98 35.96
N VAL E 159 19.46 36.23 35.90
CA VAL E 159 18.30 36.71 36.64
C VAL E 159 17.27 37.15 35.63
N THR E 160 16.01 36.82 35.90
CA THR E 160 14.89 37.24 35.07
C THR E 160 14.17 38.38 35.76
N VAL E 161 13.95 39.48 35.04
CA VAL E 161 13.32 40.67 35.59
C VAL E 161 12.05 40.95 34.78
N SER E 162 10.94 41.17 35.48
CA SER E 162 9.69 41.60 34.89
C SER E 162 9.19 42.82 35.65
N TRP E 163 8.13 43.43 35.14
CA TRP E 163 7.53 44.59 35.77
C TRP E 163 6.04 44.38 35.91
N ASN E 164 5.51 44.61 37.11
CA ASN E 164 4.09 44.43 37.41
C ASN E 164 3.62 43.02 37.05
N SER E 165 4.43 42.04 37.40
CA SER E 165 4.13 40.62 37.15
C SER E 165 3.90 40.33 35.67
N GLY E 166 4.60 41.05 34.79
CA GLY E 166 4.45 40.89 33.37
C GLY E 166 3.37 41.76 32.75
N ALA E 167 2.56 42.45 33.54
CA ALA E 167 1.53 43.33 32.99
C ALA E 167 2.14 44.51 32.25
N LEU E 168 3.38 44.87 32.56
CA LEU E 168 4.09 45.96 31.89
C LEU E 168 5.23 45.34 31.09
N THR E 169 5.18 45.52 29.76
CA THR E 169 6.23 45.01 28.89
C THR E 169 6.69 46.08 27.92
N SER E 170 5.77 46.97 27.52
CA SER E 170 6.09 48.02 26.57
C SER E 170 7.05 49.02 27.20
N GLY E 171 8.17 49.26 26.53
CA GLY E 171 9.13 50.22 27.03
C GLY E 171 10.05 49.72 28.12
N VAL E 172 10.22 48.41 28.24
CA VAL E 172 11.11 47.80 29.23
C VAL E 172 12.42 47.47 28.56
N HIS E 173 13.53 47.80 29.23
CA HIS E 173 14.86 47.51 28.72
C HIS E 173 15.72 47.00 29.87
N THR E 174 15.97 45.70 29.89
CA THR E 174 16.89 45.08 30.84
C THR E 174 18.24 44.92 30.17
N PHE E 175 19.26 45.55 30.76
CA PHE E 175 20.58 45.53 30.15
C PHE E 175 21.33 44.25 30.50
N PRO E 176 22.20 43.78 29.62
CA PRO E 176 23.05 42.64 29.95
C PRO E 176 23.87 42.92 31.21
N ALA E 177 24.04 41.89 32.03
CA ALA E 177 24.77 42.05 33.28
C ALA E 177 26.24 42.32 33.03
N VAL E 178 26.88 42.95 34.01
CA VAL E 178 28.31 43.20 34.00
C VAL E 178 28.99 42.22 34.95
N LEU E 179 30.11 41.65 34.51
CA LEU E 179 30.91 40.79 35.36
C LEU E 179 31.91 41.67 36.10
N GLN E 180 31.64 41.92 37.38
CA GLN E 180 32.48 42.80 38.17
C GLN E 180 33.77 42.09 38.57
N SER E 181 34.75 42.89 39.00
CA SER E 181 36.03 42.35 39.42
C SER E 181 35.87 41.36 40.58
N SER E 182 34.83 41.54 41.41
CA SER E 182 34.54 40.62 42.49
C SER E 182 34.14 39.23 42.00
N GLY E 183 33.98 39.05 40.69
CA GLY E 183 33.48 37.81 40.15
C GLY E 183 31.98 37.69 40.10
N LEU E 184 31.26 38.64 40.69
CA LEU E 184 29.80 38.60 40.72
C LEU E 184 29.23 39.36 39.52
N TYR E 185 27.93 39.19 39.30
CA TYR E 185 27.23 39.85 38.21
C TYR E 185 26.32 40.95 38.77
N SER E 186 26.06 41.94 37.92
CA SER E 186 25.18 43.04 38.30
C SER E 186 24.57 43.61 37.03
N LEU E 187 23.26 43.87 37.06
CA LEU E 187 22.59 44.45 35.91
C LEU E 187 21.56 45.48 36.37
N SER E 188 20.99 46.18 35.39
CA SER E 188 19.97 47.18 35.64
C SER E 188 18.86 47.00 34.62
N SER E 189 17.62 47.21 35.07
CA SER E 189 16.44 47.15 34.22
C SER E 189 15.68 48.45 34.39
N VAL E 190 15.31 49.08 33.28
CA VAL E 190 14.59 50.35 33.30
C VAL E 190 13.32 50.23 32.46
N VAL E 191 12.38 51.14 32.74
CA VAL E 191 11.13 51.19 32.01
C VAL E 191 10.70 52.64 31.90
N THR E 192 10.34 53.05 30.69
CA THR E 192 9.85 54.40 30.45
C THR E 192 8.33 54.43 30.62
N VAL E 193 7.85 55.24 31.56
CA VAL E 193 6.43 55.34 31.86
C VAL E 193 6.01 56.80 31.80
N PRO E 194 4.75 57.10 31.48
CA PRO E 194 4.31 58.50 31.42
C PRO E 194 4.55 59.22 32.75
N SER E 195 5.11 60.42 32.68
CA SER E 195 5.43 61.19 33.87
C SER E 195 4.19 61.49 34.71
N SER E 196 3.01 61.51 34.10
CA SER E 196 1.77 61.70 34.84
C SER E 196 1.32 60.44 35.56
N SER E 197 1.92 59.30 35.26
CA SER E 197 1.58 58.04 35.92
C SER E 197 2.30 57.85 37.25
N LEU E 198 3.36 58.61 37.51
CA LEU E 198 4.04 58.55 38.79
C LEU E 198 3.11 59.07 39.89
N GLY E 199 2.87 58.25 40.91
CA GLY E 199 1.97 58.62 41.98
C GLY E 199 0.59 57.99 41.80
N THR E 200 0.11 57.97 40.56
CA THR E 200 -1.18 57.37 40.24
C THR E 200 -1.06 55.89 39.90
N GLN E 201 0.15 55.35 39.84
CA GLN E 201 0.36 53.95 39.46
C GLN E 201 1.54 53.40 40.24
N THR E 202 1.41 52.15 40.70
CA THR E 202 2.49 51.45 41.37
C THR E 202 3.33 50.69 40.34
N TYR E 203 4.64 50.75 40.50
CA TYR E 203 5.58 50.07 39.62
C TYR E 203 6.47 49.16 40.45
N ILE E 204 6.42 47.86 40.16
CA ILE E 204 7.16 46.85 40.90
C ILE E 204 7.97 46.03 39.92
N CYS E 205 9.27 45.93 40.15
CA CYS E 205 10.13 45.07 39.35
C CYS E 205 10.27 43.72 40.04
N ASN E 206 10.15 42.65 39.27
CA ASN E 206 10.16 41.29 39.79
C ASN E 206 11.45 40.60 39.35
N VAL E 207 12.40 40.48 40.28
CA VAL E 207 13.68 39.84 40.02
C VAL E 207 13.61 38.41 40.54
N ASN E 208 14.12 37.47 39.76
CA ASN E 208 14.09 36.05 40.11
C ASN E 208 15.44 35.44 39.80
N HIS E 209 16.22 35.12 40.84
CA HIS E 209 17.50 34.44 40.69
C HIS E 209 17.28 32.98 41.09
N LYS E 210 16.84 32.18 40.12
CA LYS E 210 16.52 30.78 40.39
C LYS E 210 17.68 29.97 40.95
N PRO E 211 18.95 30.15 40.54
CA PRO E 211 20.02 29.35 41.14
C PRO E 211 20.08 29.44 42.66
N SER E 212 19.86 30.63 43.23
CA SER E 212 19.80 30.79 44.68
C SER E 212 18.38 30.64 45.22
N ASN E 213 17.42 30.36 44.35
CA ASN E 213 16.00 30.33 44.72
C ASN E 213 15.61 31.59 45.50
N THR E 214 16.08 32.73 45.02
CA THR E 214 15.73 34.04 45.56
C THR E 214 14.89 34.77 44.53
N LYS E 215 13.75 35.29 44.96
CA LYS E 215 12.91 36.13 44.12
C LYS E 215 12.49 37.35 44.92
N VAL E 216 12.72 38.54 44.35
CA VAL E 216 12.48 39.82 45.02
C VAL E 216 11.48 40.61 44.20
N ASP E 217 10.57 41.29 44.88
CA ASP E 217 9.63 42.22 44.26
C ASP E 217 9.89 43.59 44.85
N LYS E 218 10.70 44.40 44.15
CA LYS E 218 11.08 45.72 44.62
C LYS E 218 10.07 46.75 44.11
N LYS E 219 9.53 47.54 45.04
CA LYS E 219 8.58 48.59 44.71
C LYS E 219 9.34 49.88 44.42
N VAL E 220 9.20 50.39 43.20
CA VAL E 220 9.88 51.62 42.77
C VAL E 220 8.87 52.76 42.81
N GLU E 221 9.16 53.78 43.60
CA GLU E 221 8.29 54.93 43.75
C GLU E 221 9.15 56.20 43.79
N PRO E 222 8.59 57.34 43.38
CA PRO E 222 9.39 58.56 43.32
C PRO E 222 9.84 59.02 44.70
N LYS E 223 11.04 59.60 44.75
CA LYS E 223 11.60 60.11 45.99
C LYS E 223 11.05 61.49 46.25
N SER E 224 10.23 61.62 47.29
CA SER E 224 9.60 62.91 47.61
C SER E 224 10.43 63.68 48.64
N SER F 1 34.34 10.54 11.36
CA SER F 1 33.02 11.12 11.15
C SER F 1 32.88 11.69 9.74
N TYR F 2 31.91 12.57 9.56
CA TYR F 2 31.68 13.26 8.29
C TYR F 2 31.90 14.74 8.49
N GLU F 3 32.72 15.34 7.63
CA GLU F 3 33.22 16.70 7.84
C GLU F 3 32.33 17.70 7.10
N LEU F 4 31.81 18.67 7.85
CA LEU F 4 31.15 19.84 7.28
C LEU F 4 31.99 21.07 7.55
N THR F 5 32.23 21.86 6.50
CA THR F 5 33.15 23.00 6.57
C THR F 5 32.43 24.26 6.11
N GLN F 6 32.38 25.26 6.98
CA GLN F 6 31.86 26.58 6.67
C GLN F 6 32.97 27.61 6.83
N PRO F 7 32.86 28.76 6.17
CA PRO F 7 33.77 29.87 6.48
C PRO F 7 33.47 30.45 7.84
N LEU F 8 34.49 31.08 8.43
CA LEU F 8 34.33 31.65 9.76
C LEU F 8 33.41 32.86 9.74
N SER F 9 33.65 33.78 8.81
CA SER F 9 32.85 34.99 8.71
C SER F 9 32.57 35.32 7.26
N VAL F 10 31.41 35.91 7.02
CA VAL F 10 31.01 36.42 5.72
C VAL F 10 30.42 37.81 5.93
N SER F 11 30.86 38.76 5.11
CA SER F 11 30.38 40.13 5.19
C SER F 11 29.77 40.54 3.86
N VAL F 12 28.68 41.30 3.92
CA VAL F 12 27.98 41.76 2.73
C VAL F 12 27.49 43.19 2.95
N ALA F 13 27.43 43.95 1.87
CA ALA F 13 26.88 45.30 1.94
C ALA F 13 25.37 45.24 2.17
N LEU F 14 24.86 46.29 2.79
CA LEU F 14 23.42 46.35 3.07
C LEU F 14 22.63 46.33 1.77
N GLY F 15 21.56 45.54 1.76
CA GLY F 15 20.72 45.43 0.58
C GLY F 15 21.28 44.54 -0.51
N GLN F 16 22.38 43.84 -0.27
CA GLN F 16 22.98 42.95 -1.25
C GLN F 16 22.65 41.50 -0.91
N THR F 17 23.33 40.58 -1.57
CA THR F 17 23.05 39.14 -1.45
C THR F 17 24.23 38.44 -0.79
N ALA F 18 23.96 37.72 0.29
CA ALA F 18 24.97 36.96 1.01
C ALA F 18 24.89 35.48 0.62
N ARG F 19 26.04 34.82 0.64
CA ARG F 19 26.13 33.41 0.27
C ARG F 19 27.09 32.72 1.24
N ILE F 20 26.55 31.89 2.12
CA ILE F 20 27.33 31.15 3.10
C ILE F 20 27.43 29.71 2.62
N THR F 21 28.66 29.22 2.46
CA THR F 21 28.90 27.90 1.90
C THR F 21 29.13 26.86 3.00
N CYS F 22 28.75 25.62 2.70
CA CYS F 22 28.92 24.49 3.61
C CYS F 22 29.51 23.34 2.80
N GLY F 23 30.80 23.08 2.97
CA GLY F 23 31.50 22.10 2.17
C GLY F 23 31.39 20.69 2.72
N GLY F 24 31.29 19.73 1.81
CA GLY F 24 31.22 18.33 2.19
C GLY F 24 31.47 17.45 0.99
N ASN F 25 32.11 16.31 1.22
CA ASN F 25 32.44 15.39 0.14
C ASN F 25 31.17 14.71 -0.36
N ASN F 26 30.81 14.98 -1.62
CA ASN F 26 29.57 14.50 -2.21
C ASN F 26 28.35 14.92 -1.38
N ILE F 27 28.38 16.16 -0.90
CA ILE F 27 27.29 16.69 -0.08
C ILE F 27 26.04 17.00 -0.89
N GLY F 28 26.14 16.99 -2.22
CA GLY F 28 24.99 17.26 -3.07
C GLY F 28 23.89 16.23 -2.96
N ILE F 29 24.24 14.99 -2.60
CA ILE F 29 23.26 13.93 -2.42
C ILE F 29 22.80 13.84 -0.97
N LYS F 30 23.25 14.75 -0.11
CA LYS F 30 22.88 14.73 1.29
C LYS F 30 21.92 15.86 1.64
N ASN F 31 21.11 15.64 2.68
CA ASN F 31 20.08 16.60 3.08
C ASN F 31 20.67 17.60 4.06
N VAL F 32 20.78 18.86 3.64
CA VAL F 32 21.43 19.91 4.41
C VAL F 32 20.35 20.81 4.99
N HIS F 33 20.55 21.22 6.24
CA HIS F 33 19.63 22.13 6.93
C HIS F 33 20.41 23.30 7.50
N TRP F 34 19.81 24.48 7.46
CA TRP F 34 20.46 25.70 7.92
C TRP F 34 19.72 26.28 9.11
N TYR F 35 20.47 26.73 10.12
CA TYR F 35 19.91 27.30 11.33
C TYR F 35 20.52 28.67 11.57
N GLN F 36 19.67 29.62 11.98
CA GLN F 36 20.10 30.99 12.25
C GLN F 36 20.05 31.25 13.74
N GLN F 37 21.14 31.80 14.28
CA GLN F 37 21.22 32.14 15.71
C GLN F 37 21.67 33.59 15.83
N ARG F 38 20.70 34.49 16.02
CA ARG F 38 21.01 35.88 16.28
C ARG F 38 21.56 36.04 17.69
N PRO F 39 22.40 37.05 17.94
CA PRO F 39 23.04 37.19 19.26
C PRO F 39 22.02 37.27 20.38
N GLY F 40 22.13 36.34 21.33
CA GLY F 40 21.30 36.33 22.50
C GLY F 40 20.00 35.54 22.38
N GLN F 41 19.78 34.84 21.28
CA GLN F 41 18.53 34.13 21.05
C GLN F 41 18.82 32.68 20.67
N ALA F 42 17.75 31.89 20.59
CA ALA F 42 17.84 30.48 20.25
C ALA F 42 17.93 30.30 18.74
N PRO F 43 18.50 29.18 18.30
CA PRO F 43 18.55 28.91 16.85
C PRO F 43 17.17 28.65 16.28
N VAL F 44 17.01 28.98 15.00
CA VAL F 44 15.77 28.75 14.26
C VAL F 44 16.12 28.17 12.90
N LEU F 45 15.30 27.22 12.46
CA LEU F 45 15.50 26.61 11.15
C LEU F 45 15.05 27.57 10.05
N VAL F 46 15.96 27.92 9.15
CA VAL F 46 15.64 28.83 8.05
C VAL F 46 15.52 28.11 6.71
N ILE F 47 16.25 27.00 6.51
CA ILE F 47 16.20 26.23 5.28
C ILE F 47 16.43 24.78 5.66
N TYR F 48 15.47 23.92 5.32
CA TYR F 48 15.61 22.48 5.54
C TYR F 48 15.63 21.76 4.20
N THR F 49 16.22 20.56 4.22
CA THR F 49 16.58 19.75 3.06
C THR F 49 16.91 20.61 1.84
N ASP F 50 18.00 21.37 1.94
CA ASP F 50 18.65 22.06 0.83
C ASP F 50 17.96 23.36 0.41
N ILE F 51 16.68 23.30 0.00
CA ILE F 51 16.04 24.42 -0.67
C ILE F 51 14.76 24.90 0.01
N ASN F 52 14.17 24.09 0.89
CA ASN F 52 12.84 24.40 1.39
C ASN F 52 12.87 25.44 2.50
N ARG F 53 11.89 26.33 2.49
CA ARG F 53 11.79 27.45 3.41
C ARG F 53 10.60 27.25 4.33
N PRO F 54 10.80 27.16 5.65
CA PRO F 54 9.65 27.02 6.57
C PRO F 54 8.75 28.25 6.58
N SER F 55 7.65 28.16 7.33
CA SER F 55 6.72 29.28 7.43
C SER F 55 7.31 30.41 8.27
N GLY F 56 6.94 31.64 7.93
CA GLY F 56 7.38 32.83 8.61
C GLY F 56 8.76 33.33 8.23
N ILE F 57 9.63 32.44 7.75
CA ILE F 57 10.95 32.89 7.29
C ILE F 57 10.76 33.84 6.12
N PRO F 58 11.41 35.01 6.11
CA PRO F 58 11.21 35.96 5.00
C PRO F 58 11.67 35.37 3.67
N GLU F 59 11.11 35.93 2.59
CA GLU F 59 11.33 35.39 1.26
C GLU F 59 12.77 35.54 0.79
N ARG F 60 13.52 36.49 1.34
CA ARG F 60 14.90 36.70 0.91
C ARG F 60 15.80 35.54 1.29
N PHE F 61 15.36 34.63 2.15
CA PHE F 61 16.13 33.44 2.48
C PHE F 61 15.90 32.37 1.41
N SER F 62 17.00 31.86 0.85
CA SER F 62 16.94 30.75 -0.09
C SER F 62 18.19 29.91 0.08
N GLY F 63 18.20 28.75 -0.56
CA GLY F 63 19.32 27.83 -0.43
C GLY F 63 19.47 26.95 -1.64
N SER F 64 20.70 26.47 -1.84
CA SER F 64 21.03 25.57 -2.94
C SER F 64 22.02 24.53 -2.43
N ASN F 65 22.09 23.41 -3.16
CA ASN F 65 23.01 22.33 -2.82
C ASN F 65 23.32 21.54 -4.09
N SER F 66 24.61 21.38 -4.37
CA SER F 66 25.08 20.63 -5.53
C SER F 66 26.57 20.37 -5.37
N GLY F 67 27.02 19.28 -5.96
CA GLY F 67 28.44 18.96 -5.96
C GLY F 67 28.97 18.75 -4.55
N ASN F 68 29.95 19.55 -4.17
CA ASN F 68 30.57 19.48 -2.85
C ASN F 68 30.23 20.67 -1.96
N THR F 69 29.28 21.51 -2.37
CA THR F 69 29.02 22.75 -1.66
C THR F 69 27.52 22.98 -1.52
N ALA F 70 27.06 23.10 -0.28
CA ALA F 70 25.76 23.67 0.01
C ALA F 70 25.90 25.17 0.23
N THR F 71 24.81 25.89 0.01
CA THR F 71 24.87 27.35 0.06
C THR F 71 23.56 27.92 0.57
N LEU F 72 23.66 28.88 1.49
CA LEU F 72 22.52 29.62 2.00
C LEU F 72 22.56 31.04 1.42
N ILE F 73 21.53 31.39 0.66
CA ILE F 73 21.46 32.68 -0.02
C ILE F 73 20.47 33.57 0.72
N ILE F 74 20.90 34.77 1.06
CA ILE F 74 20.05 35.77 1.71
C ILE F 74 20.12 37.03 0.85
N SER F 75 19.17 37.15 -0.08
CA SER F 75 19.11 38.36 -0.89
C SER F 75 18.66 39.54 -0.03
N LYS F 76 18.90 40.74 -0.55
CA LYS F 76 18.57 41.99 0.15
C LYS F 76 18.92 41.92 1.62
N ALA F 77 20.22 41.77 1.88
CA ALA F 77 20.70 41.59 3.25
C ALA F 77 20.32 42.76 4.12
N GLN F 78 19.70 42.46 5.26
CA GLN F 78 19.26 43.47 6.21
C GLN F 78 20.10 43.39 7.48
N ALA F 79 20.05 44.49 8.25
CA ALA F 79 20.82 44.55 9.49
C ALA F 79 20.42 43.44 10.45
N GLY F 80 19.13 43.08 10.46
CA GLY F 80 18.66 42.02 11.32
C GLY F 80 19.13 40.63 10.93
N ASP F 81 19.85 40.50 9.81
CA ASP F 81 20.36 39.23 9.35
C ASP F 81 21.73 38.90 9.94
N GLU F 82 22.33 39.81 10.69
CA GLU F 82 23.60 39.53 11.36
C GLU F 82 23.39 38.46 12.43
N ALA F 83 23.98 37.29 12.24
CA ALA F 83 23.77 36.17 13.13
C ALA F 83 24.83 35.11 12.84
N ASP F 84 24.70 33.96 13.49
CA ASP F 84 25.52 32.78 13.22
C ASP F 84 24.66 31.77 12.48
N TYR F 85 25.20 31.19 11.41
CA TYR F 85 24.48 30.25 10.58
C TYR F 85 25.21 28.92 10.57
N PHE F 86 24.47 27.83 10.81
CA PHE F 86 25.04 26.50 10.95
C PHE F 86 24.34 25.55 9.99
N CYS F 87 25.12 24.87 9.15
CA CYS F 87 24.58 23.79 8.33
C CYS F 87 24.66 22.48 9.11
N GLN F 88 23.69 21.60 8.85
CA GLN F 88 23.57 20.37 9.62
C GLN F 88 22.96 19.29 8.74
N VAL F 89 23.50 18.07 8.88
CA VAL F 89 22.95 16.89 8.22
C VAL F 89 22.78 15.80 9.27
N TRP F 90 21.81 14.92 9.02
CA TRP F 90 21.69 13.68 9.79
C TRP F 90 22.29 12.57 8.93
N ASP F 91 23.41 12.03 9.40
CA ASP F 91 24.24 11.14 8.59
C ASP F 91 24.78 10.03 9.47
N SER F 92 24.50 8.78 9.10
CA SER F 92 25.02 7.60 9.79
C SER F 92 24.61 7.59 11.27
N ASN F 93 23.32 7.86 11.51
CA ASN F 93 22.74 7.87 12.85
C ASN F 93 23.46 8.85 13.77
N THR F 94 23.92 9.96 13.21
CA THR F 94 24.64 10.97 14.00
C THR F 94 24.34 12.33 13.42
N VAL F 95 24.03 13.29 14.31
CA VAL F 95 23.97 14.69 13.89
C VAL F 95 25.38 15.14 13.52
N VAL F 96 25.47 16.05 12.54
CA VAL F 96 26.75 16.62 12.14
C VAL F 96 26.53 18.10 11.87
N PHE F 97 27.12 18.95 12.71
CA PHE F 97 27.02 20.39 12.57
C PHE F 97 28.26 20.95 11.87
N GLY F 98 28.07 22.05 11.16
CA GLY F 98 29.20 22.80 10.66
C GLY F 98 29.74 23.74 11.71
N GLY F 99 30.93 24.29 11.43
CA GLY F 99 31.57 25.18 12.37
C GLY F 99 30.82 26.47 12.61
N GLY F 100 29.95 26.86 11.69
CA GLY F 100 29.21 28.11 11.85
C GLY F 100 29.89 29.26 11.15
N THR F 101 29.08 30.25 10.76
CA THR F 101 29.57 31.42 10.04
C THR F 101 28.89 32.66 10.60
N LYS F 102 29.69 33.60 11.09
CA LYS F 102 29.17 34.88 11.55
C LYS F 102 29.00 35.80 10.35
N LEU F 103 27.77 36.20 10.06
CA LEU F 103 27.46 37.10 8.97
C LEU F 103 27.35 38.53 9.50
N THR F 104 28.12 39.43 8.93
CA THR F 104 28.06 40.85 9.25
C THR F 104 27.57 41.63 8.04
N VAL F 105 26.76 42.66 8.29
CA VAL F 105 26.20 43.50 7.23
C VAL F 105 26.99 44.80 7.22
N LEU F 106 27.80 44.99 6.17
CA LEU F 106 28.62 46.18 6.05
C LEU F 106 27.76 47.38 5.64
N SER F 107 28.34 48.57 5.79
CA SER F 107 27.72 49.83 5.36
C SER F 107 26.42 50.10 6.11
N GLN F 108 26.37 49.72 7.38
CA GLN F 108 25.18 50.05 8.17
C GLN F 108 25.26 51.49 8.68
N PRO F 109 24.13 52.20 8.71
CA PRO F 109 24.16 53.60 9.15
C PRO F 109 24.46 53.74 10.64
N LYS F 110 25.07 54.87 10.99
CA LYS F 110 25.47 55.13 12.36
C LYS F 110 24.30 55.63 13.19
N ALA F 111 24.37 55.38 14.50
CA ALA F 111 23.36 55.83 15.45
C ALA F 111 24.04 56.35 16.71
N ALA F 112 23.53 57.47 17.22
CA ALA F 112 24.06 58.15 18.40
C ALA F 112 23.45 57.57 19.68
N PRO F 113 24.25 57.45 20.75
CA PRO F 113 23.76 56.77 21.95
C PRO F 113 22.94 57.68 22.85
N SER F 114 21.93 57.08 23.47
CA SER F 114 21.19 57.72 24.54
C SER F 114 21.78 57.26 25.88
N VAL F 115 22.10 58.21 26.75
CA VAL F 115 22.87 57.94 27.96
C VAL F 115 22.04 58.39 29.16
N THR F 116 21.56 57.41 29.95
CA THR F 116 20.83 57.68 31.17
C THR F 116 21.70 57.32 32.38
N LEU F 117 21.68 58.17 33.40
CA LEU F 117 22.54 58.01 34.57
C LEU F 117 21.75 58.26 35.84
N PHE F 118 21.75 57.26 36.74
CA PHE F 118 21.04 57.29 38.02
C PHE F 118 22.00 57.50 39.18
N PRO F 119 21.63 58.35 40.13
CA PRO F 119 22.45 58.52 41.34
C PRO F 119 22.23 57.36 42.29
N PRO F 120 23.06 57.22 43.33
CA PRO F 120 22.85 56.12 44.28
C PRO F 120 21.54 56.29 45.03
N SER F 121 20.71 55.25 45.00
CA SER F 121 19.43 55.29 45.69
C SER F 121 19.64 55.45 47.20
N SER F 122 18.63 56.02 47.85
CA SER F 122 18.69 56.20 49.30
C SER F 122 18.85 54.86 50.02
N GLU F 123 18.18 53.82 49.52
CA GLU F 123 18.26 52.51 50.17
C GLU F 123 19.66 51.93 50.10
N GLU F 124 20.33 52.07 48.96
CA GLU F 124 21.70 51.57 48.85
C GLU F 124 22.64 52.35 49.75
N LEU F 125 22.41 53.66 49.90
CA LEU F 125 23.20 54.44 50.84
C LEU F 125 23.00 53.94 52.27
N GLN F 126 21.79 53.53 52.61
CA GLN F 126 21.56 52.96 53.94
C GLN F 126 22.33 51.66 54.13
N ALA F 127 22.53 50.90 53.06
CA ALA F 127 23.33 49.68 53.09
C ALA F 127 24.82 49.95 53.09
N ASN F 128 25.22 51.20 53.36
CA ASN F 128 26.63 51.62 53.37
C ASN F 128 27.29 51.39 52.01
N LYS F 129 26.50 51.43 50.95
CA LYS F 129 26.96 51.28 49.59
C LYS F 129 26.52 52.47 48.76
N ALA F 130 27.14 52.62 47.58
CA ALA F 130 26.80 53.71 46.67
C ALA F 130 27.31 53.35 45.29
N THR F 131 26.40 53.28 44.31
CA THR F 131 26.77 52.93 42.94
C THR F 131 26.07 53.86 41.97
N LEU F 132 26.81 54.29 40.94
CA LEU F 132 26.28 55.10 39.86
C LEU F 132 26.11 54.23 38.63
N VAL F 133 24.90 54.23 38.06
CA VAL F 133 24.57 53.42 36.90
C VAL F 133 24.48 54.34 35.69
N CYS F 134 25.32 54.09 34.69
CA CYS F 134 25.31 54.82 33.43
C CYS F 134 24.84 53.88 32.33
N LEU F 135 23.68 54.17 31.76
CA LEU F 135 23.03 53.29 30.79
C LEU F 135 23.13 53.89 29.39
N ILE F 136 23.70 53.14 28.46
CA ILE F 136 23.97 53.60 27.10
C ILE F 136 23.25 52.66 26.13
N SER F 137 22.48 53.25 25.21
CA SER F 137 21.64 52.43 24.36
C SER F 137 21.48 53.08 22.98
N ASP F 138 21.11 52.24 22.00
CA ASP F 138 20.67 52.67 20.67
C ASP F 138 21.79 53.37 19.90
N PHE F 139 22.95 52.72 19.82
CA PHE F 139 24.08 53.25 19.07
C PHE F 139 24.65 52.17 18.14
N TYR F 140 25.28 52.63 17.06
CA TYR F 140 25.93 51.78 16.08
C TYR F 140 27.04 52.60 15.44
N PRO F 141 28.24 52.02 15.24
CA PRO F 141 28.61 50.65 15.60
C PRO F 141 28.79 50.45 17.12
N GLY F 142 29.16 49.24 17.52
CA GLY F 142 29.22 48.90 18.93
C GLY F 142 30.26 49.65 19.72
N ALA F 143 31.27 50.19 19.07
CA ALA F 143 32.41 50.77 19.77
C ALA F 143 32.01 52.07 20.48
N VAL F 144 32.18 52.10 21.81
CA VAL F 144 32.05 53.31 22.61
C VAL F 144 33.13 53.30 23.68
N THR F 145 33.35 54.46 24.29
CA THR F 145 34.23 54.59 25.45
C THR F 145 33.51 55.41 26.52
N VAL F 146 33.72 55.04 27.77
CA VAL F 146 33.06 55.69 28.91
C VAL F 146 34.12 56.20 29.86
N ALA F 147 33.97 57.45 30.30
CA ALA F 147 34.88 58.06 31.26
C ALA F 147 34.06 58.69 32.37
N TRP F 148 34.43 58.41 33.62
CA TRP F 148 33.76 58.97 34.79
C TRP F 148 34.57 60.12 35.35
N LYS F 149 33.89 60.99 36.11
CA LYS F 149 34.52 62.16 36.68
C LYS F 149 33.95 62.45 38.07
N ALA F 150 34.85 62.71 39.02
CA ALA F 150 34.49 63.25 40.33
C ALA F 150 34.70 64.75 40.25
N ASP F 151 33.60 65.51 40.31
CA ASP F 151 33.60 66.93 39.99
C ASP F 151 34.19 67.12 38.59
N SER F 152 35.48 67.43 38.52
CA SER F 152 36.20 67.47 37.25
C SER F 152 37.35 66.47 37.18
N SER F 153 37.73 65.86 38.28
CA SER F 153 38.80 64.87 38.25
C SER F 153 38.30 63.59 37.60
N PRO F 154 39.06 63.01 36.67
CA PRO F 154 38.62 61.77 36.00
C PRO F 154 38.96 60.55 36.83
N VAL F 155 37.93 59.90 37.38
CA VAL F 155 38.15 58.75 38.24
C VAL F 155 38.52 57.53 37.40
N LYS F 156 39.16 56.56 38.05
CA LYS F 156 39.53 55.33 37.37
C LYS F 156 39.44 54.13 38.30
N ALA F 157 38.85 54.27 39.48
CA ALA F 157 38.74 53.20 40.46
C ALA F 157 37.29 52.86 40.71
N GLY F 158 36.98 51.57 40.78
CA GLY F 158 35.61 51.14 40.99
C GLY F 158 34.71 51.35 39.80
N VAL F 159 35.20 51.09 38.59
CA VAL F 159 34.44 51.27 37.36
C VAL F 159 34.39 49.93 36.63
N GLU F 160 33.18 49.50 36.29
CA GLU F 160 32.96 48.30 35.49
C GLU F 160 32.06 48.66 34.32
N THR F 161 32.53 48.43 33.11
CA THR F 161 31.80 48.76 31.89
C THR F 161 31.56 47.49 31.09
N THR F 162 30.32 47.30 30.66
CA THR F 162 29.97 46.11 29.88
C THR F 162 30.54 46.22 28.46
N THR F 163 30.51 45.10 27.77
CA THR F 163 30.77 45.10 26.34
C THR F 163 29.45 45.33 25.60
N PRO F 164 29.40 46.27 24.66
CA PRO F 164 28.13 46.54 23.96
C PRO F 164 27.62 45.32 23.22
N SER F 165 26.33 45.05 23.39
CA SER F 165 25.68 43.90 22.78
C SER F 165 24.49 44.35 21.94
N LYS F 166 24.18 43.56 20.91
CA LYS F 166 23.08 43.89 20.00
C LYS F 166 21.75 43.73 20.71
N GLN F 167 20.99 44.82 20.82
CA GLN F 167 19.62 44.75 21.29
C GLN F 167 18.70 44.44 20.11
N SER F 168 17.41 44.30 20.39
CA SER F 168 16.49 43.75 19.39
C SER F 168 16.35 44.65 18.17
N ASN F 169 16.54 45.96 18.32
CA ASN F 169 16.45 46.87 17.18
C ASN F 169 17.73 46.95 16.36
N ASN F 170 18.56 45.90 16.42
CA ASN F 170 19.79 45.78 15.64
C ASN F 170 20.79 46.90 15.96
N LYS F 171 20.69 47.49 17.15
CA LYS F 171 21.67 48.45 17.64
C LYS F 171 22.27 47.91 18.94
N TYR F 172 23.21 48.66 19.49
CA TYR F 172 23.99 48.19 20.64
C TYR F 172 23.57 48.92 21.91
N ALA F 173 23.60 48.19 23.02
CA ALA F 173 23.37 48.74 24.35
C ALA F 173 24.55 48.42 25.23
N ALA F 174 24.81 49.30 26.20
CA ALA F 174 25.92 49.11 27.14
C ALA F 174 25.58 49.78 28.45
N SER F 175 26.34 49.44 29.48
CA SER F 175 26.13 50.02 30.80
C SER F 175 27.46 50.09 31.53
N SER F 176 27.60 51.11 32.37
CA SER F 176 28.81 51.32 33.16
C SER F 176 28.41 51.63 34.60
N TYR F 177 29.16 51.09 35.54
CA TYR F 177 28.87 51.23 36.96
C TYR F 177 30.09 51.82 37.67
N LEU F 178 29.85 52.83 38.51
CA LEU F 178 30.89 53.44 39.33
C LEU F 178 30.59 53.12 40.79
N SER F 179 31.45 52.31 41.39
CA SER F 179 31.30 51.93 42.79
C SER F 179 32.02 52.94 43.68
N LEU F 180 31.29 53.51 44.63
CA LEU F 180 31.84 54.45 45.59
C LEU F 180 31.42 54.05 46.99
N THR F 181 32.11 54.60 47.97
CA THR F 181 31.58 54.55 49.32
C THR F 181 30.61 55.70 49.53
N PRO F 182 29.67 55.57 50.47
CA PRO F 182 28.76 56.71 50.74
C PRO F 182 29.51 57.99 51.06
N GLU F 183 30.62 57.90 51.79
CA GLU F 183 31.42 59.07 52.11
C GLU F 183 31.95 59.74 50.85
N GLN F 184 32.45 58.94 49.89
CA GLN F 184 32.93 59.50 48.63
C GLN F 184 31.81 60.23 47.90
N TRP F 185 30.63 59.63 47.87
CA TRP F 185 29.50 60.24 47.16
C TRP F 185 29.16 61.60 47.74
N LYS F 186 28.94 61.68 49.05
CA LYS F 186 28.59 62.94 49.69
C LYS F 186 29.77 63.91 49.76
N SER F 187 31.00 63.42 49.58
CA SER F 187 32.17 64.30 49.70
C SER F 187 32.25 65.30 48.55
N HIS F 188 31.95 64.87 47.34
CA HIS F 188 32.20 65.67 46.16
C HIS F 188 30.95 66.47 45.76
N LYS F 189 31.16 67.44 44.87
CA LYS F 189 30.09 68.31 44.42
C LYS F 189 29.17 67.61 43.43
N SER F 190 29.70 66.75 42.57
CA SER F 190 28.91 66.04 41.57
C SER F 190 29.75 64.94 40.96
N TYR F 191 29.10 64.09 40.16
CA TYR F 191 29.75 63.01 39.43
C TYR F 191 29.17 62.94 38.03
N SER F 192 30.04 62.71 37.05
CA SER F 192 29.65 62.77 35.64
C SER F 192 30.02 61.48 34.92
N CYS F 193 29.12 61.03 34.05
CA CYS F 193 29.39 59.96 33.11
C CYS F 193 29.56 60.57 31.72
N GLN F 194 30.64 60.18 31.03
CA GLN F 194 31.01 60.77 29.75
C GLN F 194 31.18 59.66 28.73
N VAL F 195 30.27 59.59 27.76
CA VAL F 195 30.25 58.55 26.73
C VAL F 195 30.69 59.17 25.42
N THR F 196 31.70 58.56 24.78
CA THR F 196 32.19 58.99 23.48
C THR F 196 31.83 57.95 22.43
N HIS F 197 31.16 58.37 21.37
CA HIS F 197 30.72 57.49 20.30
C HIS F 197 30.89 58.19 18.97
N GLU F 198 31.79 57.66 18.14
CA GLU F 198 32.00 58.13 16.77
C GLU F 198 32.28 59.63 16.74
N GLY F 199 33.30 60.03 17.50
CA GLY F 199 33.72 61.41 17.51
C GLY F 199 32.84 62.36 18.29
N SER F 200 31.70 61.90 18.80
CA SER F 200 30.78 62.73 19.58
C SER F 200 30.74 62.25 21.02
N THR F 201 30.41 63.17 21.93
CA THR F 201 30.45 62.92 23.36
C THR F 201 29.17 63.40 24.03
N VAL F 202 28.59 62.54 24.87
CA VAL F 202 27.47 62.89 25.72
C VAL F 202 27.93 62.78 27.16
N GLU F 203 27.58 63.78 27.98
CA GLU F 203 27.98 63.81 29.37
C GLU F 203 26.78 64.16 30.24
N LYS F 204 26.54 63.35 31.27
CA LYS F 204 25.47 63.57 32.23
C LYS F 204 26.05 63.58 33.63
N THR F 205 25.45 64.38 34.50
CA THR F 205 26.00 64.64 35.83
C THR F 205 24.90 64.60 36.88
N VAL F 206 25.14 63.87 37.96
CA VAL F 206 24.27 63.88 39.13
C VAL F 206 25.03 64.49 40.30
N ALA F 207 24.26 64.94 41.30
CA ALA F 207 24.84 65.61 42.45
C ALA F 207 24.18 65.11 43.74
N PRO F 208 24.97 64.97 44.82
CA PRO F 208 24.40 64.55 46.11
C PRO F 208 23.47 65.63 46.65
N THR F 209 22.20 65.29 46.79
CA THR F 209 21.19 66.24 47.24
C THR F 209 20.06 65.54 48.00
#